data_8R8V
#
_entry.id   8R8V
#
_cell.length_a   1.00
_cell.length_b   1.00
_cell.length_c   1.00
_cell.angle_alpha   90.00
_cell.angle_beta   90.00
_cell.angle_gamma   90.00
#
_symmetry.space_group_name_H-M   'P 1'
#
loop_
_entity.id
_entity.type
_entity.pdbx_description
1 polymer 'Protein-arginine deiminase type-4'
2 polymer 'Cyclic Peptide PADI4_11'
3 non-polymer 'CALCIUM ION'
#
loop_
_entity_poly.entity_id
_entity_poly.type
_entity_poly.pdbx_seq_one_letter_code
_entity_poly.pdbx_strand_id
1 'polypeptide(L)'
;GPLGSPQMAQGTLIRVTPEQPTHAVCVLGTLTQLDICSSAPDDCTSFSINASPGVVVDIAHSPPAKKKSTGSSTWPLDPG
VEVTLTMKAASGSTGDQKVQISYYGPKTPPVKALLYLTAVEISLCADITRTGKVKPTRAVKDQRTWTWGPCGQGAILLVN
CDRDNLESSAMDCEDDEVLDSEDLQDMSLMTLSTKTPKDFFTNHTLVLHVARSEMDKVRVFQATRGKLSSKCSVVLGPKW
PSHYLMVPGGKHNMDFYVEALAFPDTDFPGLITLTISLLDTSNLELPEAVVFQDSVVFRVAPWIMTPNTQPPQEVYACSI
FENEDFLKSVTTLAMKAKCKLTICPEEENMDDQWMQDEMEIGYIQAPHKTLPVVFDSPRNRGLKEFPIKRVMGPDFGYVT
RGPQTGGISGLDSFGNLEVSPPVTVRGKEYPLGRILFGDSCYPSNDSRQMHQALQDFLSAQQVQAPVKLYSDWLSVGHVD
EFLSFVPAPDRKGFRLLLASPRSCYKLFQEQQNEGHGEALLFEGIKKKKQQKIKNILSNKTLREHNSFVERCIDWNRELL
KRELGLAESDIIDIPQLFKLKEFSKAEAFFPNMVNMLVLGKHLGIPKPFGPVINGRCCLEEKVCSLLEPLGLQCTFINDF
FTYHIRHGEVHCGTNVRRKPFSFKWWNMVP
;
A,B
2 'polypeptide(L)' YESCRYRQVLQL(NH2) C,D
#
# COMPACT_ATOMS: atom_id res chain seq x y z
N GLY A 11 -19.99 -14.39 16.34
CA GLY A 11 -20.77 -15.08 17.36
C GLY A 11 -22.22 -14.65 17.40
N THR A 12 -22.96 -15.22 18.36
CA THR A 12 -24.37 -14.90 18.56
C THR A 12 -24.65 -14.89 20.05
N LEU A 13 -25.21 -13.80 20.54
CA LEU A 13 -25.52 -13.66 21.96
C LEU A 13 -27.02 -13.59 22.14
N ILE A 14 -27.59 -14.62 22.76
CA ILE A 14 -29.01 -14.67 23.07
C ILE A 14 -29.17 -14.86 24.56
N ARG A 15 -29.82 -13.88 25.19
CA ARG A 15 -30.09 -13.96 26.64
C ARG A 15 -31.53 -14.44 26.82
N VAL A 16 -31.80 -15.14 27.90
CA VAL A 16 -33.13 -15.70 28.15
C VAL A 16 -33.83 -14.88 29.23
N THR A 17 -35.15 -14.72 29.10
CA THR A 17 -35.98 -14.06 30.08
C THR A 17 -37.07 -15.01 30.52
N PRO A 18 -37.22 -15.27 31.83
CA PRO A 18 -38.29 -16.17 32.28
C PRO A 18 -39.69 -15.65 32.01
N GLU A 19 -39.86 -14.35 31.74
CA GLU A 19 -41.19 -13.80 31.56
C GLU A 19 -41.90 -14.42 30.36
N GLN A 20 -41.21 -14.56 29.24
CA GLN A 20 -41.81 -15.13 28.04
C GLN A 20 -40.75 -15.94 27.31
N PRO A 21 -41.14 -16.95 26.55
CA PRO A 21 -40.16 -17.72 25.77
C PRO A 21 -39.57 -16.88 24.64
N THR A 22 -38.37 -17.28 24.22
CA THR A 22 -37.61 -16.54 23.23
C THR A 22 -37.38 -17.40 22.00
N HIS A 23 -37.59 -16.82 20.82
CA HIS A 23 -37.31 -17.46 19.54
C HIS A 23 -36.04 -16.84 18.95
N ALA A 24 -35.10 -17.70 18.56
CA ALA A 24 -33.84 -17.24 18.02
C ALA A 24 -33.36 -18.19 16.94
N VAL A 25 -32.50 -17.69 16.06
CA VAL A 25 -31.94 -18.47 14.97
C VAL A 25 -30.46 -18.67 15.23
N CYS A 26 -30.02 -19.94 15.21
CA CYS A 26 -28.63 -20.30 15.42
C CYS A 26 -28.07 -20.87 14.12
N VAL A 27 -27.22 -20.11 13.46
CA VAL A 27 -26.65 -20.51 12.17
C VAL A 27 -25.57 -21.56 12.43
N LEU A 28 -25.61 -22.65 11.68
CA LEU A 28 -24.63 -23.71 11.84
C LEU A 28 -23.25 -23.20 11.42
N GLY A 29 -22.25 -23.48 12.25
CA GLY A 29 -20.90 -23.00 12.03
C GLY A 29 -20.54 -21.77 12.84
N THR A 30 -21.42 -21.29 13.70
CA THR A 30 -21.19 -20.11 14.51
C THR A 30 -21.40 -20.45 15.98
N LEU A 31 -20.44 -20.08 16.82
CA LEU A 31 -20.56 -20.31 18.25
C LEU A 31 -21.59 -19.35 18.83
N THR A 32 -22.48 -19.86 19.66
CA THR A 32 -23.55 -19.08 20.27
C THR A 32 -23.47 -19.18 21.78
N GLN A 33 -23.22 -18.05 22.44
CA GLN A 33 -23.12 -18.00 23.89
C GLN A 33 -24.41 -17.49 24.49
N LEU A 34 -24.79 -18.07 25.63
CA LEU A 34 -26.00 -17.68 26.35
C LEU A 34 -25.60 -16.79 27.53
N ASP A 35 -26.08 -15.55 27.51
CA ASP A 35 -25.92 -14.66 28.66
C ASP A 35 -27.03 -14.98 29.66
N ILE A 36 -26.65 -15.43 30.85
CA ILE A 36 -27.61 -16.00 31.78
C ILE A 36 -27.68 -15.17 33.06
N CYS A 37 -27.13 -13.95 33.01
CA CYS A 37 -27.22 -13.04 34.14
C CYS A 37 -27.94 -11.74 33.86
N SER A 38 -28.24 -11.43 32.58
CA SER A 38 -28.91 -10.19 32.26
C SER A 38 -30.32 -10.16 32.84
N SER A 39 -31.05 -11.28 32.77
CA SER A 39 -32.43 -11.34 33.23
C SER A 39 -32.61 -12.30 34.40
N ALA A 40 -31.50 -12.67 35.05
CA ALA A 40 -31.57 -13.67 36.15
C ALA A 40 -32.34 -13.07 37.35
N PRO A 41 -33.13 -13.89 38.09
CA PRO A 41 -33.82 -13.40 39.28
C PRO A 41 -32.84 -12.77 40.28
N ASP A 42 -33.21 -11.64 40.87
CA ASP A 42 -32.30 -10.94 41.84
C ASP A 42 -31.99 -11.87 43.00
N ASP A 43 -33.02 -12.49 43.61
CA ASP A 43 -32.81 -13.34 44.77
C ASP A 43 -32.23 -14.70 44.42
N CYS A 44 -31.97 -14.97 43.15
CA CYS A 44 -31.49 -16.28 42.73
C CYS A 44 -30.03 -16.49 43.15
N THR A 45 -29.63 -17.76 43.24
CA THR A 45 -28.27 -18.13 43.61
C THR A 45 -27.65 -19.20 42.71
N SER A 46 -28.44 -20.01 42.02
CA SER A 46 -27.89 -21.11 41.22
C SER A 46 -28.82 -21.40 40.05
N PHE A 47 -28.32 -22.18 39.09
CA PHE A 47 -29.09 -22.51 37.90
C PHE A 47 -28.71 -23.90 37.41
N SER A 48 -29.61 -24.47 36.61
CA SER A 48 -29.39 -25.74 35.94
C SER A 48 -29.93 -25.66 34.51
N ILE A 49 -29.37 -26.47 33.62
CA ILE A 49 -29.71 -26.45 32.21
C ILE A 49 -30.08 -27.86 31.78
N ASN A 50 -31.19 -28.00 31.05
CA ASN A 50 -31.52 -29.25 30.38
C ASN A 50 -31.97 -28.95 28.95
N ALA A 51 -31.37 -29.64 27.99
CA ALA A 51 -31.57 -29.36 26.58
C ALA A 51 -31.95 -30.62 25.82
N SER A 52 -32.49 -30.42 24.62
CA SER A 52 -32.85 -31.52 23.75
C SER A 52 -31.58 -32.19 23.22
N PRO A 53 -31.67 -33.49 22.86
CA PRO A 53 -30.47 -34.18 22.35
C PRO A 53 -29.93 -33.60 21.06
N GLY A 54 -30.75 -32.86 20.31
CA GLY A 54 -30.29 -32.32 19.05
C GLY A 54 -29.22 -31.26 19.19
N VAL A 55 -29.12 -30.64 20.36
CA VAL A 55 -28.16 -29.56 20.59
C VAL A 55 -27.18 -30.00 21.68
N VAL A 56 -26.04 -29.33 21.71
CA VAL A 56 -24.97 -29.60 22.67
C VAL A 56 -24.74 -28.34 23.49
N VAL A 57 -24.79 -28.49 24.82
CA VAL A 57 -24.61 -27.38 25.75
C VAL A 57 -23.35 -27.63 26.56
N ASP A 58 -22.49 -26.62 26.64
CA ASP A 58 -21.22 -26.73 27.35
C ASP A 58 -21.11 -25.59 28.34
N ILE A 59 -20.88 -25.94 29.62
CA ILE A 59 -20.64 -24.96 30.67
C ILE A 59 -19.13 -24.80 30.77
N ALA A 60 -18.61 -23.63 30.38
CA ALA A 60 -17.16 -23.45 30.25
C ALA A 60 -16.66 -22.52 31.34
N SER A 73 -23.83 -30.33 38.14
CA SER A 73 -25.25 -30.08 37.90
C SER A 73 -25.59 -28.61 38.11
N THR A 74 -25.71 -28.22 39.37
CA THR A 74 -26.01 -26.83 39.72
C THR A 74 -24.73 -25.99 39.67
N TRP A 75 -24.85 -24.80 39.12
CA TRP A 75 -23.74 -23.87 38.99
C TRP A 75 -24.13 -22.50 39.49
N PRO A 76 -23.19 -21.74 40.03
CA PRO A 76 -23.49 -20.36 40.43
C PRO A 76 -23.72 -19.47 39.22
N LEU A 77 -24.52 -18.42 39.42
CA LEU A 77 -24.89 -17.49 38.36
C LEU A 77 -23.90 -16.33 38.24
N ASP A 78 -22.66 -16.52 38.65
CA ASP A 78 -21.67 -15.46 38.57
C ASP A 78 -21.44 -15.06 37.11
N PRO A 79 -21.14 -13.78 36.86
CA PRO A 79 -20.95 -13.34 35.46
C PRO A 79 -19.77 -14.00 34.77
N GLY A 80 -18.82 -14.55 35.53
CA GLY A 80 -17.65 -15.15 34.89
C GLY A 80 -17.99 -16.37 34.06
N VAL A 81 -18.83 -17.27 34.59
CA VAL A 81 -19.14 -18.51 33.89
C VAL A 81 -19.90 -18.21 32.61
N GLU A 82 -19.71 -19.07 31.60
CA GLU A 82 -20.36 -18.89 30.31
C GLU A 82 -20.87 -20.23 29.80
N VAL A 83 -21.86 -20.15 28.93
CA VAL A 83 -22.55 -21.31 28.37
C VAL A 83 -22.51 -21.22 26.86
N THR A 84 -22.07 -22.28 26.20
CA THR A 84 -21.99 -22.34 24.74
C THR A 84 -22.94 -23.39 24.20
N LEU A 85 -23.58 -23.06 23.07
CA LEU A 85 -24.56 -23.92 22.43
C LEU A 85 -24.10 -24.23 21.02
N THR A 86 -24.16 -25.51 20.64
CA THR A 86 -23.73 -25.94 19.32
C THR A 86 -24.75 -26.90 18.73
N MET A 87 -25.16 -26.63 17.49
CA MET A 87 -26.10 -27.47 16.78
C MET A 87 -25.37 -28.38 15.81
N LYS A 88 -25.93 -29.56 15.57
CA LYS A 88 -25.29 -30.57 14.73
C LYS A 88 -25.91 -30.72 13.35
N ALA A 89 -27.22 -30.58 13.23
CA ALA A 89 -27.89 -30.80 11.95
C ALA A 89 -28.84 -29.64 11.67
N ALA A 90 -29.11 -29.43 10.38
CA ALA A 90 -30.02 -28.38 9.96
C ALA A 90 -31.44 -28.69 10.41
N SER A 91 -32.23 -27.63 10.61
CA SER A 91 -33.60 -27.77 11.08
C SER A 91 -34.53 -28.12 9.93
N GLY A 92 -35.44 -29.06 10.19
CA GLY A 92 -36.45 -29.41 9.23
C GLY A 92 -37.73 -28.61 9.40
N SER A 93 -37.87 -27.97 10.56
CA SER A 93 -39.04 -27.16 10.85
C SER A 93 -38.67 -26.08 11.85
N THR A 94 -39.49 -25.04 11.90
CA THR A 94 -39.22 -23.91 12.78
C THR A 94 -39.41 -24.30 14.25
N GLY A 95 -38.47 -23.87 15.08
CA GLY A 95 -38.57 -24.07 16.51
C GLY A 95 -38.59 -25.52 16.92
N ASP A 96 -37.69 -26.33 16.37
CA ASP A 96 -37.71 -27.76 16.65
C ASP A 96 -36.77 -28.17 17.78
N GLN A 97 -36.01 -27.25 18.37
CA GLN A 97 -35.24 -27.58 19.57
C GLN A 97 -35.67 -26.71 20.73
N LYS A 98 -35.62 -27.27 21.94
CA LYS A 98 -35.99 -26.54 23.14
C LYS A 98 -34.91 -26.72 24.20
N VAL A 99 -34.58 -25.62 24.88
CA VAL A 99 -33.63 -25.63 25.99
C VAL A 99 -34.31 -24.95 27.16
N GLN A 100 -34.23 -25.59 28.34
CA GLN A 100 -34.87 -25.08 29.55
C GLN A 100 -33.81 -24.81 30.60
N ILE A 101 -33.98 -23.69 31.30
CA ILE A 101 -33.09 -23.26 32.38
C ILE A 101 -33.92 -23.15 33.64
N SER A 102 -33.50 -23.85 34.70
CA SER A 102 -34.17 -23.83 35.99
C SER A 102 -33.32 -23.00 36.94
N TYR A 103 -33.84 -21.84 37.33
CA TYR A 103 -33.19 -20.97 38.30
C TYR A 103 -33.62 -21.37 39.70
N TYR A 104 -32.63 -21.61 40.56
CA TYR A 104 -32.85 -22.07 41.93
C TYR A 104 -32.53 -20.92 42.89
N GLY A 105 -33.49 -20.56 43.73
CA GLY A 105 -33.29 -19.52 44.72
C GLY A 105 -33.60 -19.99 46.12
N PRO A 106 -32.99 -19.37 47.12
CA PRO A 106 -33.30 -19.73 48.51
C PRO A 106 -34.77 -19.51 48.87
N LYS A 107 -35.40 -18.52 48.28
CA LYS A 107 -36.83 -18.25 48.48
C LYS A 107 -37.58 -18.46 47.17
N THR A 108 -38.86 -18.81 47.29
CA THR A 108 -39.79 -19.05 46.18
C THR A 108 -39.39 -20.28 45.37
N PRO A 109 -40.32 -20.91 44.66
CA PRO A 109 -39.99 -22.10 43.87
C PRO A 109 -39.09 -21.74 42.70
N PRO A 110 -38.36 -22.71 42.15
CA PRO A 110 -37.48 -22.43 41.01
C PRO A 110 -38.25 -21.91 39.81
N VAL A 111 -37.58 -21.07 39.03
CA VAL A 111 -38.22 -20.39 37.89
C VAL A 111 -37.67 -20.99 36.60
N LYS A 112 -38.57 -21.30 35.67
CA LYS A 112 -38.21 -21.98 34.43
C LYS A 112 -38.21 -20.98 33.27
N ALA A 113 -37.13 -20.98 32.49
CA ALA A 113 -37.01 -20.17 31.29
C ALA A 113 -36.81 -21.07 30.10
N LEU A 114 -37.36 -20.67 28.95
CA LEU A 114 -37.39 -21.49 27.76
C LEU A 114 -36.72 -20.78 26.59
N LEU A 115 -36.10 -21.56 25.71
CA LEU A 115 -35.51 -21.05 24.49
C LEU A 115 -35.73 -22.03 23.36
N TYR A 116 -36.28 -21.54 22.24
CA TYR A 116 -36.57 -22.37 21.09
C TYR A 116 -35.56 -22.09 19.99
N LEU A 117 -35.02 -23.15 19.40
CA LEU A 117 -33.93 -23.07 18.44
C LEU A 117 -34.33 -23.68 17.10
N THR A 118 -34.06 -22.92 16.05
CA THR A 118 -34.10 -23.38 14.66
C THR A 118 -32.74 -23.09 14.04
N ALA A 119 -32.14 -24.10 13.42
CA ALA A 119 -30.81 -23.95 12.84
C ALA A 119 -30.87 -24.05 11.33
N VAL A 120 -30.17 -23.14 10.66
CA VAL A 120 -30.08 -23.15 9.21
C VAL A 120 -28.63 -23.40 8.81
N GLU A 121 -28.38 -23.53 7.52
CA GLU A 121 -27.02 -23.65 7.00
C GLU A 121 -26.88 -22.72 5.81
N ILE A 122 -26.07 -21.68 5.97
CA ILE A 122 -25.78 -20.71 4.92
C ILE A 122 -24.29 -20.70 4.69
N SER A 123 -23.85 -21.11 3.51
CA SER A 123 -22.42 -21.24 3.24
C SER A 123 -22.09 -20.65 1.88
N LEU A 124 -21.32 -19.57 1.88
CA LEU A 124 -20.80 -18.98 0.66
C LEU A 124 -19.36 -19.44 0.50
N CYS A 125 -19.09 -20.17 -0.58
CA CYS A 125 -17.80 -20.81 -0.77
C CYS A 125 -17.24 -20.45 -2.14
N ALA A 126 -15.92 -20.38 -2.22
CA ALA A 126 -15.21 -20.14 -3.47
C ALA A 126 -13.98 -21.03 -3.49
N ASP A 127 -13.07 -20.76 -4.42
CA ASP A 127 -11.83 -21.54 -4.53
C ASP A 127 -10.77 -20.96 -3.59
N ILE A 128 -11.08 -21.04 -2.29
CA ILE A 128 -10.19 -20.48 -1.28
C ILE A 128 -8.88 -21.23 -1.14
N THR A 129 -8.88 -22.54 -1.38
CA THR A 129 -7.67 -23.34 -1.22
C THR A 129 -6.74 -23.25 -2.41
N ARG A 130 -7.13 -22.49 -3.45
CA ARG A 130 -6.29 -22.33 -4.68
C ARG A 130 -6.01 -23.71 -5.29
N THR A 131 -7.01 -24.59 -5.32
CA THR A 131 -6.90 -25.92 -5.90
C THR A 131 -7.64 -26.08 -7.22
N GLY A 132 -8.91 -25.67 -7.26
CA GLY A 132 -9.69 -25.77 -8.48
C GLY A 132 -11.05 -26.38 -8.24
N LYS A 133 -11.42 -26.57 -6.96
CA LYS A 133 -12.68 -27.19 -6.59
C LYS A 133 -13.40 -26.29 -5.59
N VAL A 134 -14.72 -26.19 -5.73
CA VAL A 134 -15.53 -25.38 -4.84
C VAL A 134 -16.39 -26.27 -3.96
N GLN A 143 -9.23 -16.77 8.56
CA GLN A 143 -10.35 -16.95 7.67
C GLN A 143 -10.89 -15.59 7.21
N ARG A 144 -11.56 -15.58 6.06
CA ARG A 144 -12.10 -14.36 5.46
C ARG A 144 -11.03 -13.30 5.26
N THR A 145 -9.81 -13.72 4.93
CA THR A 145 -8.70 -12.80 4.68
C THR A 145 -7.75 -13.45 3.70
N TRP A 146 -7.10 -12.62 2.89
CA TRP A 146 -6.19 -13.09 1.85
C TRP A 146 -4.76 -12.98 2.36
N THR A 147 -4.10 -14.11 2.51
CA THR A 147 -2.71 -14.18 2.98
C THR A 147 -1.87 -14.90 1.95
N TRP A 148 -0.75 -14.28 1.55
CA TRP A 148 0.15 -14.90 0.59
C TRP A 148 0.81 -16.14 1.19
N GLY A 149 1.53 -16.86 0.34
CA GLY A 149 2.31 -17.99 0.79
C GLY A 149 1.66 -19.33 0.50
N PRO A 150 2.45 -20.40 0.51
CA PRO A 150 1.89 -21.73 0.23
C PRO A 150 0.88 -22.21 1.26
N CYS A 151 0.88 -21.65 2.46
CA CYS A 151 -0.05 -22.04 3.50
C CYS A 151 -1.25 -21.10 3.61
N GLY A 152 -1.37 -20.15 2.69
CA GLY A 152 -2.41 -19.16 2.74
C GLY A 152 -3.75 -19.65 2.20
N GLN A 153 -4.70 -18.73 2.14
CA GLN A 153 -6.04 -19.03 1.66
C GLN A 153 -6.64 -17.78 1.04
N GLY A 154 -7.44 -17.97 0.00
CA GLY A 154 -8.07 -16.87 -0.71
C GLY A 154 -8.09 -17.06 -2.21
N ALA A 155 -9.22 -16.75 -2.85
CA ALA A 155 -9.42 -17.05 -4.26
C ALA A 155 -8.93 -15.89 -5.14
N ILE A 156 -8.90 -16.16 -6.44
CA ILE A 156 -8.32 -15.26 -7.42
C ILE A 156 -9.33 -15.00 -8.53
N LEU A 157 -9.51 -13.73 -8.88
CA LEU A 157 -10.25 -13.30 -10.05
C LEU A 157 -9.32 -13.07 -11.24
N LEU A 158 -9.92 -13.08 -12.43
CA LEU A 158 -9.22 -12.82 -13.66
C LEU A 158 -9.88 -11.63 -14.35
N VAL A 159 -9.09 -10.66 -14.76
CA VAL A 159 -9.61 -9.50 -15.47
C VAL A 159 -10.07 -9.96 -16.85
N ASN A 160 -11.37 -9.85 -17.11
CA ASN A 160 -11.93 -10.29 -18.39
C ASN A 160 -11.57 -9.24 -19.44
N CYS A 161 -10.33 -9.34 -19.93
CA CYS A 161 -9.80 -8.39 -20.90
C CYS A 161 -9.73 -8.95 -22.31
N ASP A 162 -10.34 -10.10 -22.55
CA ASP A 162 -10.34 -10.71 -23.88
C ASP A 162 -11.66 -10.44 -24.59
N ARG A 163 -11.81 -11.00 -25.79
CA ARG A 163 -13.05 -10.95 -26.55
C ARG A 163 -13.34 -12.36 -27.07
N ASP A 164 -14.22 -13.08 -26.36
CA ASP A 164 -14.64 -14.40 -26.79
C ASP A 164 -15.75 -14.35 -27.84
N ASN A 165 -16.29 -13.16 -28.13
CA ASN A 165 -17.28 -13.00 -29.18
C ASN A 165 -16.58 -12.62 -30.47
N LEU A 166 -16.88 -13.37 -31.53
CA LEU A 166 -16.28 -13.13 -32.84
C LEU A 166 -17.01 -12.06 -33.64
N GLU A 167 -18.16 -11.59 -33.16
CA GLU A 167 -18.91 -10.53 -33.83
C GLU A 167 -19.00 -9.27 -32.98
N SER A 168 -18.11 -9.12 -32.01
CA SER A 168 -18.08 -7.96 -31.13
C SER A 168 -16.78 -7.20 -31.33
N SER A 169 -16.81 -5.92 -30.95
CA SER A 169 -15.65 -5.04 -31.08
C SER A 169 -15.44 -4.29 -29.75
N ALA A 170 -15.49 -5.03 -28.66
CA ALA A 170 -15.31 -4.45 -27.33
C ALA A 170 -14.82 -5.52 -26.38
N MET A 171 -14.01 -5.11 -25.40
CA MET A 171 -13.64 -6.01 -24.33
C MET A 171 -14.88 -6.46 -23.57
N ASP A 172 -14.98 -7.76 -23.32
CA ASP A 172 -16.26 -8.34 -22.93
C ASP A 172 -16.68 -7.96 -21.52
N CYS A 173 -15.82 -7.25 -20.80
CA CYS A 173 -16.16 -6.74 -19.48
C CYS A 173 -16.73 -5.34 -19.51
N GLU A 174 -16.83 -4.73 -20.70
CA GLU A 174 -17.38 -3.39 -20.82
C GLU A 174 -18.89 -3.34 -20.70
N ASP A 175 -19.60 -4.30 -21.27
CA ASP A 175 -21.05 -4.34 -21.23
C ASP A 175 -21.52 -5.06 -19.98
N ASP A 176 -22.82 -5.36 -19.91
CA ASP A 176 -23.42 -6.02 -18.76
C ASP A 176 -24.20 -7.26 -19.20
N GLU A 177 -23.57 -8.08 -20.04
CA GLU A 177 -24.18 -9.33 -20.50
C GLU A 177 -23.09 -10.34 -20.79
N VAL A 178 -23.48 -11.61 -20.76
CA VAL A 178 -22.61 -12.72 -21.15
C VAL A 178 -23.08 -13.21 -22.51
N LEU A 179 -22.26 -13.01 -23.54
CA LEU A 179 -22.68 -13.23 -24.91
C LEU A 179 -22.35 -14.62 -25.46
N ASP A 180 -21.55 -15.41 -24.75
CA ASP A 180 -21.20 -16.72 -25.26
C ASP A 180 -20.71 -17.57 -24.09
N SER A 181 -21.08 -18.86 -24.12
CA SER A 181 -20.76 -19.75 -23.01
C SER A 181 -19.25 -19.90 -22.81
N GLU A 182 -18.47 -19.79 -23.88
CA GLU A 182 -17.02 -19.84 -23.72
C GLU A 182 -16.51 -18.74 -22.81
N ASP A 183 -17.14 -17.56 -22.83
CA ASP A 183 -16.76 -16.50 -21.91
C ASP A 183 -16.83 -16.95 -20.47
N LEU A 184 -17.74 -17.88 -20.18
CA LEU A 184 -17.91 -18.38 -18.82
C LEU A 184 -16.62 -19.00 -18.28
N GLN A 185 -15.71 -19.41 -19.17
CA GLN A 185 -14.46 -20.02 -18.71
C GLN A 185 -13.47 -19.00 -18.16
N ASP A 186 -13.67 -17.71 -18.39
CA ASP A 186 -12.75 -16.70 -17.90
C ASP A 186 -13.19 -16.08 -16.58
N MET A 187 -14.15 -16.70 -15.90
CA MET A 187 -14.74 -16.15 -14.69
C MET A 187 -14.26 -16.92 -13.47
N SER A 188 -14.84 -16.59 -12.32
CA SER A 188 -14.60 -17.33 -11.09
C SER A 188 -15.93 -17.79 -10.51
N LEU A 189 -15.97 -19.03 -10.05
CA LEU A 189 -17.20 -19.61 -9.53
C LEU A 189 -17.35 -19.31 -8.04
N MET A 190 -18.62 -19.21 -7.62
CA MET A 190 -18.96 -18.97 -6.20
C MET A 190 -20.25 -19.74 -5.91
N THR A 191 -20.27 -20.57 -4.86
CA THR A 191 -21.42 -21.41 -4.55
C THR A 191 -22.07 -20.91 -3.26
N LEU A 192 -23.37 -20.67 -3.32
CA LEU A 192 -24.16 -20.35 -2.14
C LEU A 192 -25.02 -21.56 -1.82
N SER A 193 -24.66 -22.27 -0.74
CA SER A 193 -25.40 -23.45 -0.31
C SER A 193 -26.32 -23.06 0.83
N THR A 194 -27.62 -23.31 0.65
CA THR A 194 -28.63 -22.98 1.64
C THR A 194 -29.36 -24.24 2.04
N LYS A 195 -29.51 -24.46 3.34
CA LYS A 195 -30.26 -25.60 3.88
C LYS A 195 -31.09 -25.08 5.04
N THR A 196 -32.37 -24.83 4.77
CA THR A 196 -33.29 -24.22 5.71
C THR A 196 -34.61 -24.96 5.67
N PRO A 197 -35.46 -24.81 6.68
CA PRO A 197 -36.81 -25.37 6.61
C PRO A 197 -37.61 -24.80 5.45
N LYS A 198 -38.77 -25.40 5.22
CA LYS A 198 -39.59 -25.04 4.06
C LYS A 198 -40.12 -23.62 4.14
N ASP A 199 -40.63 -23.22 5.30
CA ASP A 199 -41.24 -21.91 5.49
C ASP A 199 -40.27 -20.88 6.07
N PHE A 200 -38.97 -21.15 6.00
CA PHE A 200 -37.99 -20.27 6.62
C PHE A 200 -38.00 -18.88 5.99
N PHE A 201 -37.91 -18.82 4.66
CA PHE A 201 -37.67 -17.55 3.98
C PHE A 201 -38.92 -16.69 3.83
N THR A 202 -40.04 -17.11 4.44
CA THR A 202 -41.18 -16.21 4.53
C THR A 202 -40.95 -15.09 5.54
N ASN A 203 -40.03 -15.30 6.49
CA ASN A 203 -39.72 -14.30 7.51
C ASN A 203 -38.24 -13.95 7.56
N HIS A 204 -37.51 -14.15 6.47
CA HIS A 204 -36.10 -13.82 6.41
C HIS A 204 -35.72 -13.51 4.97
N THR A 205 -34.61 -12.80 4.79
CA THR A 205 -34.18 -12.36 3.48
C THR A 205 -32.66 -12.51 3.39
N LEU A 206 -32.16 -12.79 2.19
CA LEU A 206 -30.74 -12.87 1.93
C LEU A 206 -30.33 -11.73 1.02
N VAL A 207 -29.13 -11.19 1.24
CA VAL A 207 -28.63 -10.06 0.46
C VAL A 207 -27.18 -10.36 0.06
N LEU A 208 -26.81 -9.98 -1.16
CA LEU A 208 -25.43 -10.05 -1.61
C LEU A 208 -24.97 -8.64 -1.89
N HIS A 209 -23.74 -8.31 -1.50
CA HIS A 209 -23.28 -6.95 -1.71
C HIS A 209 -21.76 -6.88 -1.75
N VAL A 210 -21.27 -5.73 -2.19
CA VAL A 210 -19.86 -5.39 -2.24
C VAL A 210 -19.73 -3.93 -1.81
N ALA A 211 -18.63 -3.61 -1.15
CA ALA A 211 -18.43 -2.26 -0.63
C ALA A 211 -18.43 -1.25 -1.77
N ARG A 212 -18.90 -0.04 -1.47
CA ARG A 212 -19.08 0.98 -2.50
C ARG A 212 -17.77 1.38 -3.17
N SER A 213 -16.63 1.20 -2.49
CA SER A 213 -15.36 1.56 -3.10
C SER A 213 -14.86 0.49 -4.07
N GLU A 214 -15.44 -0.71 -4.03
CA GLU A 214 -15.07 -1.79 -4.93
C GLU A 214 -16.21 -2.21 -5.84
N MET A 215 -17.38 -1.57 -5.71
CA MET A 215 -18.53 -1.90 -6.55
C MET A 215 -18.28 -1.59 -8.01
N ASP A 216 -17.30 -0.74 -8.32
CA ASP A 216 -17.01 -0.36 -9.69
C ASP A 216 -15.80 -1.11 -10.27
N LYS A 217 -15.35 -2.17 -9.60
CA LYS A 217 -14.25 -2.99 -10.08
C LYS A 217 -14.60 -4.48 -10.08
N VAL A 218 -15.88 -4.83 -10.12
CA VAL A 218 -16.30 -6.24 -10.08
C VAL A 218 -17.69 -6.35 -10.68
N ARG A 219 -18.00 -7.52 -11.22
CA ARG A 219 -19.34 -7.82 -11.71
C ARG A 219 -19.66 -9.27 -11.41
N VAL A 220 -20.89 -9.51 -10.97
CA VAL A 220 -21.34 -10.83 -10.51
C VAL A 220 -22.66 -11.15 -11.18
N PHE A 221 -22.69 -12.28 -11.90
CA PHE A 221 -23.87 -12.82 -12.56
C PHE A 221 -24.40 -14.02 -11.77
N GLN A 222 -25.70 -14.26 -11.90
CA GLN A 222 -26.37 -15.42 -11.31
C GLN A 222 -26.67 -16.44 -12.41
N ALA A 223 -26.26 -17.68 -12.21
CA ALA A 223 -26.47 -18.73 -13.19
C ALA A 223 -27.73 -19.52 -12.86
N THR A 224 -28.56 -19.74 -13.86
CA THR A 224 -29.78 -20.51 -13.68
C THR A 224 -29.62 -21.93 -14.19
N LYS A 231 -29.15 -17.10 -20.12
CA LYS A 231 -29.17 -18.05 -19.01
C LYS A 231 -28.77 -17.37 -17.70
N CYS A 232 -27.97 -16.31 -17.80
CA CYS A 232 -27.47 -15.61 -16.63
C CYS A 232 -27.70 -14.11 -16.80
N SER A 233 -28.13 -13.47 -15.71
CA SER A 233 -28.36 -12.03 -15.68
C SER A 233 -27.49 -11.40 -14.61
N VAL A 234 -27.28 -10.10 -14.73
CA VAL A 234 -26.38 -9.41 -13.80
C VAL A 234 -27.01 -9.35 -12.41
N VAL A 235 -26.16 -9.36 -11.40
CA VAL A 235 -26.56 -9.24 -10.00
C VAL A 235 -25.84 -8.08 -9.32
N LEU A 236 -24.53 -8.01 -9.47
CA LEU A 236 -23.74 -6.94 -8.88
C LEU A 236 -22.85 -6.31 -9.93
N GLY A 237 -22.68 -4.99 -9.84
CA GLY A 237 -21.85 -4.28 -10.78
C GLY A 237 -21.69 -2.82 -10.43
N PRO A 238 -21.15 -2.03 -11.38
CA PRO A 238 -20.90 -0.60 -11.10
C PRO A 238 -22.15 0.24 -10.98
N LYS A 239 -23.35 -0.34 -11.03
CA LYS A 239 -24.57 0.40 -10.82
C LYS A 239 -25.51 -0.22 -9.80
N TRP A 240 -25.27 -1.46 -9.37
CA TRP A 240 -26.07 -2.12 -8.33
C TRP A 240 -25.16 -2.53 -7.20
N PRO A 241 -24.99 -1.69 -6.17
CA PRO A 241 -24.15 -2.09 -5.03
C PRO A 241 -24.59 -3.38 -4.36
N SER A 242 -25.90 -3.61 -4.24
CA SER A 242 -26.40 -4.78 -3.53
C SER A 242 -27.60 -5.35 -4.27
N HIS A 243 -27.85 -6.64 -4.05
CA HIS A 243 -29.00 -7.30 -4.65
C HIS A 243 -29.61 -8.28 -3.66
N TYR A 244 -30.94 -8.25 -3.57
CA TYR A 244 -31.68 -9.22 -2.78
C TYR A 244 -31.84 -10.52 -3.57
N LEU A 245 -31.65 -11.64 -2.89
CA LEU A 245 -31.70 -12.94 -3.53
C LEU A 245 -33.02 -13.65 -3.23
N MET A 246 -33.54 -14.34 -4.24
CA MET A 246 -34.75 -15.15 -4.11
C MET A 246 -34.33 -16.61 -4.05
N VAL A 247 -34.52 -17.23 -2.88
CA VAL A 247 -34.11 -18.61 -2.63
C VAL A 247 -35.29 -19.36 -2.08
N PRO A 248 -35.55 -20.59 -2.51
CA PRO A 248 -36.61 -21.41 -1.91
C PRO A 248 -36.12 -22.15 -0.68
N GLY A 249 -37.09 -22.70 0.05
CA GLY A 249 -36.78 -23.45 1.25
C GLY A 249 -36.28 -24.84 0.94
N GLY A 250 -35.81 -25.51 1.99
CA GLY A 250 -35.27 -26.85 1.86
C GLY A 250 -33.78 -26.86 1.59
N LYS A 251 -33.35 -27.70 0.66
CA LYS A 251 -31.98 -27.72 0.15
C LYS A 251 -31.92 -26.92 -1.14
N HIS A 252 -30.87 -26.11 -1.29
CA HIS A 252 -30.70 -25.41 -2.55
C HIS A 252 -29.25 -24.98 -2.71
N ASN A 253 -28.82 -24.85 -3.96
CA ASN A 253 -27.50 -24.35 -4.30
C ASN A 253 -27.63 -23.32 -5.40
N MET A 254 -26.88 -22.23 -5.26
CA MET A 254 -26.87 -21.16 -6.25
C MET A 254 -25.45 -20.96 -6.76
N ASP A 255 -25.34 -20.69 -8.07
CA ASP A 255 -24.06 -20.50 -8.73
C ASP A 255 -23.92 -19.04 -9.14
N PHE A 256 -22.82 -18.42 -8.73
CA PHE A 256 -22.51 -17.05 -9.09
C PHE A 256 -21.19 -17.02 -9.85
N TYR A 257 -21.14 -16.18 -10.88
CA TYR A 257 -19.93 -16.03 -11.68
C TYR A 257 -19.40 -14.61 -11.51
N VAL A 258 -18.11 -14.49 -11.19
CA VAL A 258 -17.50 -13.23 -10.83
C VAL A 258 -16.42 -12.89 -11.85
N GLU A 259 -16.40 -11.64 -12.30
CA GLU A 259 -15.35 -11.15 -13.18
C GLU A 259 -14.90 -9.77 -12.74
N ALA A 260 -13.59 -9.56 -12.74
CA ALA A 260 -13.00 -8.28 -12.36
C ALA A 260 -12.95 -7.35 -13.57
N LEU A 261 -12.76 -6.07 -13.29
CA LEU A 261 -12.76 -5.04 -14.33
C LEU A 261 -11.45 -4.28 -14.47
N ALA A 262 -10.69 -4.12 -13.40
CA ALA A 262 -9.48 -3.31 -13.41
C ALA A 262 -8.30 -4.08 -12.85
N PHE A 263 -7.15 -3.91 -13.48
CA PHE A 263 -5.92 -4.46 -12.95
C PHE A 263 -5.52 -3.71 -11.68
N PRO A 264 -4.75 -4.33 -10.79
CA PRO A 264 -4.32 -3.63 -9.58
C PRO A 264 -3.47 -2.42 -9.92
N ASP A 265 -3.62 -1.36 -9.14
CA ASP A 265 -2.90 -0.11 -9.37
C ASP A 265 -2.65 0.55 -8.01
N THR A 266 -2.15 1.79 -8.04
CA THR A 266 -1.87 2.49 -6.80
C THR A 266 -3.16 2.78 -6.02
N ASP A 267 -4.23 3.13 -6.72
CA ASP A 267 -5.50 3.44 -6.07
C ASP A 267 -6.29 2.19 -5.71
N PHE A 268 -5.92 1.02 -6.23
CA PHE A 268 -6.65 -0.21 -6.01
C PHE A 268 -5.66 -1.31 -5.64
N PRO A 269 -5.50 -1.60 -4.35
CA PRO A 269 -4.51 -2.63 -3.96
C PRO A 269 -4.76 -3.99 -4.59
N GLY A 270 -6.03 -4.41 -4.72
CA GLY A 270 -6.33 -5.64 -5.41
C GLY A 270 -7.28 -6.57 -4.68
N LEU A 271 -7.72 -6.18 -3.49
CA LEU A 271 -8.60 -7.03 -2.68
C LEU A 271 -10.05 -6.63 -2.93
N ILE A 272 -10.90 -7.61 -3.22
CA ILE A 272 -12.32 -7.39 -3.46
C ILE A 272 -13.10 -8.29 -2.52
N THR A 273 -14.03 -7.70 -1.76
CA THR A 273 -14.80 -8.43 -0.77
C THR A 273 -16.23 -8.59 -1.24
N LEU A 274 -16.74 -9.82 -1.23
CA LEU A 274 -18.15 -10.08 -1.51
C LEU A 274 -18.80 -10.64 -0.26
N THR A 275 -19.93 -10.05 0.14
CA THR A 275 -20.52 -10.33 1.44
C THR A 275 -21.96 -10.81 1.26
N ILE A 276 -22.27 -11.87 2.02
CA ILE A 276 -23.66 -12.40 2.04
C ILE A 276 -24.21 -12.07 3.44
N SER A 277 -25.39 -11.46 3.51
CA SER A 277 -25.97 -11.02 4.77
C SER A 277 -27.40 -11.52 4.90
N LEU A 278 -27.74 -12.03 6.07
CA LEU A 278 -29.09 -12.51 6.36
C LEU A 278 -29.81 -11.48 7.21
N LEU A 279 -30.99 -11.06 6.76
CA LEU A 279 -31.76 -10.02 7.41
C LEU A 279 -33.09 -10.56 7.88
N ASP A 280 -33.47 -10.18 9.10
CA ASP A 280 -34.76 -10.54 9.67
C ASP A 280 -35.80 -9.49 9.28
N THR A 281 -36.91 -9.93 8.71
CA THR A 281 -37.99 -9.05 8.28
C THR A 281 -39.32 -9.55 8.80
N SER A 282 -39.37 -9.93 10.08
CA SER A 282 -40.59 -10.47 10.66
C SER A 282 -41.70 -9.41 10.70
N ASN A 283 -41.39 -8.24 11.25
CA ASN A 283 -42.36 -7.17 11.42
C ASN A 283 -42.24 -6.22 10.24
N LEU A 284 -43.38 -5.90 9.63
CA LEU A 284 -43.39 -5.03 8.46
C LEU A 284 -43.19 -3.56 8.81
N GLU A 285 -43.76 -3.10 9.93
CA GLU A 285 -43.61 -1.70 10.32
C GLU A 285 -42.16 -1.36 10.59
N LEU A 286 -41.44 -2.24 11.28
CA LEU A 286 -40.04 -2.03 11.60
C LEU A 286 -39.16 -2.29 10.38
N PRO A 287 -37.98 -1.71 10.33
CA PRO A 287 -37.05 -1.98 9.23
C PRO A 287 -36.35 -3.32 9.46
N GLU A 288 -35.56 -3.73 8.47
CA GLU A 288 -34.86 -5.00 8.55
C GLU A 288 -33.75 -4.94 9.60
N ALA A 289 -33.43 -6.10 10.15
CA ALA A 289 -32.36 -6.23 11.13
C ALA A 289 -31.38 -7.29 10.67
N VAL A 290 -30.09 -6.96 10.69
CA VAL A 290 -29.05 -7.89 10.25
C VAL A 290 -28.75 -8.88 11.37
N VAL A 291 -28.69 -10.16 11.03
CA VAL A 291 -28.51 -11.20 12.03
C VAL A 291 -27.33 -12.12 11.74
N PHE A 292 -26.79 -12.14 10.53
CA PHE A 292 -25.65 -13.00 10.20
C PHE A 292 -24.97 -12.44 8.97
N GLN A 293 -23.64 -12.52 8.92
CA GLN A 293 -22.90 -11.90 7.83
C GLN A 293 -21.64 -12.69 7.56
N ASP A 294 -21.57 -13.34 6.40
CA ASP A 294 -20.39 -14.05 5.96
C ASP A 294 -19.80 -13.32 4.76
N SER A 295 -18.53 -13.60 4.47
CA SER A 295 -17.87 -12.88 3.39
C SER A 295 -16.77 -13.74 2.80
N VAL A 296 -16.35 -13.34 1.60
CA VAL A 296 -15.22 -13.97 0.92
C VAL A 296 -14.37 -12.86 0.31
N VAL A 297 -13.06 -13.12 0.23
CA VAL A 297 -12.07 -12.14 -0.23
C VAL A 297 -11.37 -12.70 -1.45
N PHE A 298 -11.34 -11.90 -2.51
CA PHE A 298 -10.72 -12.27 -3.77
C PHE A 298 -9.54 -11.34 -4.05
N ARG A 299 -8.56 -11.86 -4.76
CA ARG A 299 -7.46 -11.03 -5.26
C ARG A 299 -7.48 -10.99 -6.77
N VAL A 300 -7.32 -9.80 -7.33
CA VAL A 300 -7.25 -9.63 -8.78
C VAL A 300 -5.89 -10.10 -9.26
N ALA A 301 -5.88 -10.97 -10.27
CA ALA A 301 -4.63 -11.55 -10.73
C ALA A 301 -3.72 -10.47 -11.31
N PRO A 302 -2.46 -10.39 -10.88
CA PRO A 302 -1.57 -9.35 -11.40
C PRO A 302 -1.02 -9.70 -12.77
N TRP A 303 -0.47 -8.68 -13.42
CA TRP A 303 0.16 -8.86 -14.72
C TRP A 303 1.58 -9.35 -14.53
N ILE A 304 1.88 -10.54 -15.06
CA ILE A 304 3.16 -11.20 -14.84
C ILE A 304 3.87 -11.35 -16.18
N MET A 305 5.12 -10.92 -16.22
CA MET A 305 5.91 -10.97 -17.44
C MET A 305 6.61 -12.32 -17.57
N THR A 306 7.29 -12.51 -18.70
CA THR A 306 8.06 -13.73 -18.95
C THR A 306 9.48 -13.35 -19.36
N PRO A 307 10.49 -13.90 -18.70
CA PRO A 307 11.88 -13.58 -19.06
C PRO A 307 12.33 -14.31 -20.31
N ASN A 308 13.62 -14.20 -20.65
CA ASN A 308 14.13 -14.79 -21.87
C ASN A 308 14.49 -16.27 -21.75
N THR A 309 14.42 -16.84 -20.56
CA THR A 309 14.79 -18.24 -20.37
C THR A 309 13.64 -19.20 -20.58
N GLN A 310 12.42 -18.70 -20.82
CA GLN A 310 11.28 -19.56 -21.06
C GLN A 310 11.23 -19.99 -22.52
N PRO A 311 10.74 -21.20 -22.80
CA PRO A 311 10.62 -21.64 -24.19
C PRO A 311 9.64 -20.79 -24.97
N PRO A 312 9.95 -20.46 -26.22
CA PRO A 312 9.04 -19.63 -27.02
C PRO A 312 7.83 -20.42 -27.50
N GLN A 313 6.80 -19.67 -27.90
CA GLN A 313 5.60 -20.29 -28.45
C GLN A 313 5.15 -19.60 -29.72
N GLU A 314 5.48 -18.32 -29.89
CA GLU A 314 5.01 -17.55 -31.02
C GLU A 314 5.90 -16.33 -31.19
N VAL A 315 6.24 -16.01 -32.45
CA VAL A 315 7.15 -14.93 -32.77
C VAL A 315 6.45 -13.95 -33.69
N TYR A 316 6.55 -12.66 -33.37
CA TYR A 316 6.01 -11.59 -34.21
C TYR A 316 7.15 -10.89 -34.93
N ALA A 317 6.85 -10.32 -36.09
CA ALA A 317 7.85 -9.62 -36.89
C ALA A 317 7.15 -8.56 -37.74
N CYS A 318 7.90 -7.97 -38.66
CA CYS A 318 7.39 -6.92 -39.53
C CYS A 318 8.03 -7.05 -40.91
N SER A 319 7.37 -6.46 -41.90
CA SER A 319 7.87 -6.40 -43.27
C SER A 319 7.60 -5.01 -43.83
N ILE A 320 8.65 -4.31 -44.25
CA ILE A 320 8.45 -2.91 -44.76
C ILE A 320 9.01 -2.79 -46.18
N PHE A 321 10.31 -3.05 -46.37
CA PHE A 321 10.94 -2.94 -47.68
C PHE A 321 12.37 -3.42 -47.53
N GLU A 322 12.94 -3.97 -48.61
CA GLU A 322 14.14 -4.80 -48.56
C GLU A 322 14.16 -5.64 -47.28
N ASN A 323 13.13 -6.46 -47.08
CA ASN A 323 13.02 -7.29 -45.87
C ASN A 323 12.90 -8.78 -46.20
N GLU A 324 13.11 -9.18 -47.45
CA GLU A 324 13.00 -10.59 -47.80
C GLU A 324 14.06 -11.42 -47.08
N ASP A 325 15.30 -10.93 -47.03
CA ASP A 325 16.36 -11.70 -46.38
C ASP A 325 16.16 -11.74 -44.87
N PHE A 326 15.83 -10.61 -44.26
CA PHE A 326 15.59 -10.57 -42.82
C PHE A 326 14.42 -11.46 -42.43
N LEU A 327 13.31 -11.35 -43.16
CA LEU A 327 12.15 -12.17 -42.85
C LEU A 327 12.45 -13.66 -43.09
N LYS A 328 13.19 -13.97 -44.15
CA LYS A 328 13.55 -15.36 -44.42
C LYS A 328 14.40 -15.94 -43.29
N SER A 329 15.36 -15.16 -42.79
CA SER A 329 16.20 -15.61 -41.68
C SER A 329 15.36 -15.81 -40.42
N VAL A 330 14.44 -14.89 -40.14
CA VAL A 330 13.58 -15.06 -38.98
C VAL A 330 12.71 -16.30 -39.14
N THR A 331 12.20 -16.54 -40.35
CA THR A 331 11.35 -17.71 -40.58
C THR A 331 12.12 -19.01 -40.39
N THR A 332 13.34 -19.09 -40.92
CA THR A 332 14.09 -20.34 -40.75
C THR A 332 14.51 -20.53 -39.30
N LEU A 333 14.83 -19.44 -38.59
CA LEU A 333 15.13 -19.57 -37.17
C LEU A 333 13.92 -20.06 -36.39
N ALA A 334 12.73 -19.53 -36.71
CA ALA A 334 11.52 -19.98 -36.04
C ALA A 334 11.21 -21.43 -36.36
N MET A 335 11.41 -21.85 -37.62
CA MET A 335 11.19 -23.24 -37.98
C MET A 335 12.14 -24.16 -37.23
N LYS A 336 13.41 -23.76 -37.11
CA LYS A 336 14.36 -24.54 -36.33
C LYS A 336 13.95 -24.60 -34.86
N ALA A 337 13.41 -23.50 -34.32
CA ALA A 337 13.03 -23.43 -32.92
C ALA A 337 11.66 -24.00 -32.63
N LYS A 338 10.91 -24.43 -33.66
CA LYS A 338 9.61 -25.09 -33.50
C LYS A 338 8.62 -24.16 -32.80
N CYS A 339 8.28 -23.08 -33.49
CA CYS A 339 7.30 -22.12 -33.00
C CYS A 339 6.47 -21.60 -34.17
N LYS A 340 5.53 -20.71 -33.87
CA LYS A 340 4.65 -20.12 -34.85
C LYS A 340 5.30 -18.87 -35.45
N LEU A 341 4.53 -18.11 -36.22
CA LEU A 341 5.02 -16.87 -36.81
C LEU A 341 3.83 -16.00 -37.21
N THR A 342 3.94 -14.70 -36.93
CA THR A 342 2.94 -13.73 -37.34
C THR A 342 3.64 -12.53 -37.96
N ILE A 343 3.18 -12.12 -39.14
CA ILE A 343 3.83 -11.06 -39.90
C ILE A 343 2.79 -9.99 -40.24
N CYS A 344 3.16 -8.73 -40.05
CA CYS A 344 2.30 -7.61 -40.39
C CYS A 344 2.65 -7.08 -41.76
N PRO A 345 1.72 -7.09 -42.71
CA PRO A 345 2.00 -6.50 -44.03
C PRO A 345 2.06 -4.98 -43.96
N GLU A 346 2.65 -4.40 -45.01
CA GLU A 346 2.93 -2.97 -45.01
C GLU A 346 1.67 -2.10 -45.01
N GLU A 347 0.52 -2.65 -45.41
CA GLU A 347 -0.71 -1.86 -45.42
C GLU A 347 -1.10 -1.43 -44.01
N GLU A 348 -1.04 -2.35 -43.04
CA GLU A 348 -1.32 -2.03 -41.66
C GLU A 348 -0.07 -1.62 -40.89
N ASN A 349 1.11 -1.76 -41.51
CA ASN A 349 2.38 -1.46 -40.82
C ASN A 349 2.60 0.04 -40.71
N MET A 350 2.22 0.80 -41.74
CA MET A 350 2.41 2.26 -41.79
C MET A 350 3.87 2.64 -41.58
N ASP A 351 4.77 1.88 -42.20
CA ASP A 351 6.21 2.18 -42.19
C ASP A 351 6.78 2.22 -40.77
N ASP A 352 6.28 1.34 -39.91
CA ASP A 352 6.78 1.19 -38.55
C ASP A 352 7.23 -0.25 -38.37
N GLN A 353 8.51 -0.45 -38.04
CA GLN A 353 9.08 -1.79 -37.97
C GLN A 353 9.54 -2.18 -36.57
N TRP A 354 9.32 -1.33 -35.57
CA TRP A 354 9.79 -1.59 -34.22
C TRP A 354 8.63 -2.16 -33.41
N MET A 355 8.40 -3.46 -33.56
CA MET A 355 7.35 -4.13 -32.80
C MET A 355 7.69 -4.22 -31.33
N GLN A 356 8.98 -4.34 -30.99
CA GLN A 356 9.38 -4.51 -29.60
C GLN A 356 9.02 -3.29 -28.77
N ASP A 357 9.21 -2.09 -29.30
CA ASP A 357 9.02 -0.86 -28.54
C ASP A 357 7.56 -0.54 -28.28
N GLU A 358 6.62 -1.20 -28.94
CA GLU A 358 5.21 -0.83 -28.85
C GLU A 358 4.41 -1.74 -27.93
N MET A 359 4.70 -3.04 -27.99
CA MET A 359 3.88 -4.00 -27.23
C MET A 359 4.75 -4.98 -26.43
N GLU A 360 4.27 -5.41 -25.27
CA GLU A 360 4.96 -6.40 -24.46
C GLU A 360 3.96 -7.46 -24.00
N ILE A 361 4.33 -8.73 -24.17
CA ILE A 361 3.36 -9.83 -23.88
C ILE A 361 3.67 -10.49 -22.54
N GLY A 362 2.68 -10.52 -21.65
CA GLY A 362 2.79 -11.20 -20.37
C GLY A 362 1.62 -12.15 -20.21
N TYR A 363 1.41 -12.68 -19.01
CA TYR A 363 0.29 -13.59 -18.79
C TYR A 363 -0.38 -13.27 -17.45
N ILE A 364 -1.65 -13.64 -17.36
CA ILE A 364 -2.38 -13.61 -16.09
C ILE A 364 -3.00 -14.98 -15.89
N GLN A 365 -2.84 -15.54 -14.69
CA GLN A 365 -3.25 -16.91 -14.43
C GLN A 365 -4.01 -17.01 -13.12
N ALA A 366 -4.87 -18.02 -13.07
CA ALA A 366 -5.69 -18.34 -11.91
C ALA A 366 -5.88 -19.85 -11.90
N PRO A 367 -6.24 -20.45 -10.75
CA PRO A 367 -6.23 -21.92 -10.64
C PRO A 367 -6.97 -22.66 -11.75
N HIS A 368 -7.89 -22.00 -12.44
CA HIS A 368 -8.68 -22.65 -13.47
C HIS A 368 -8.34 -22.22 -14.89
N LYS A 369 -7.57 -21.15 -15.09
CA LYS A 369 -7.27 -20.71 -16.45
C LYS A 369 -6.08 -19.75 -16.45
N THR A 370 -5.21 -19.90 -17.44
CA THR A 370 -4.06 -18.98 -17.62
C THR A 370 -4.11 -18.44 -19.05
N LEU A 371 -4.18 -17.12 -19.22
CA LEU A 371 -4.30 -16.52 -20.54
C LEU A 371 -3.32 -15.36 -20.68
N PRO A 372 -2.73 -15.20 -21.86
CA PRO A 372 -1.80 -14.08 -22.07
C PRO A 372 -2.53 -12.75 -22.19
N VAL A 373 -1.74 -11.69 -22.02
CA VAL A 373 -2.23 -10.31 -22.07
C VAL A 373 -1.16 -9.44 -22.72
N VAL A 374 -1.59 -8.59 -23.65
CA VAL A 374 -0.70 -7.68 -24.35
C VAL A 374 -0.77 -6.31 -23.69
N PHE A 375 0.40 -5.72 -23.45
CA PHE A 375 0.54 -4.40 -22.85
C PHE A 375 0.96 -3.43 -23.95
N ASP A 376 0.14 -2.41 -24.18
CA ASP A 376 0.34 -1.46 -25.26
C ASP A 376 1.02 -0.20 -24.69
N SER A 377 2.14 0.18 -25.27
CA SER A 377 2.85 1.36 -24.82
C SER A 377 2.07 2.62 -25.17
N PRO A 378 2.27 3.70 -24.41
CA PRO A 378 1.68 4.99 -24.80
C PRO A 378 2.22 5.52 -26.12
N ARG A 379 3.37 5.02 -26.59
CA ARG A 379 3.86 5.39 -27.91
C ARG A 379 2.87 4.95 -28.97
N ASN A 380 2.56 5.85 -29.90
CA ASN A 380 1.50 5.66 -30.89
C ASN A 380 2.01 5.96 -32.29
N ARG A 381 3.11 5.32 -32.66
CA ARG A 381 3.62 5.43 -34.02
C ARG A 381 2.77 4.57 -34.95
N GLY A 382 3.28 4.31 -36.16
CA GLY A 382 2.48 3.66 -37.19
C GLY A 382 1.92 2.29 -36.82
N LEU A 383 2.43 1.68 -35.74
CA LEU A 383 1.97 0.37 -35.30
C LEU A 383 0.95 0.44 -34.19
N LYS A 384 0.10 1.47 -34.18
CA LYS A 384 -0.91 1.56 -33.12
C LYS A 384 -2.12 0.67 -33.38
N GLU A 385 -2.21 0.06 -34.57
CA GLU A 385 -3.35 -0.78 -34.91
C GLU A 385 -3.07 -2.27 -34.75
N PHE A 386 -1.82 -2.70 -34.83
CA PHE A 386 -1.52 -4.12 -34.69
C PHE A 386 -1.92 -4.68 -33.32
N PRO A 387 -1.49 -4.12 -32.19
CA PRO A 387 -1.86 -4.71 -30.90
C PRO A 387 -3.34 -4.63 -30.58
N ILE A 388 -4.08 -3.76 -31.25
CA ILE A 388 -5.49 -3.56 -30.97
C ILE A 388 -6.39 -4.33 -31.91
N LYS A 389 -5.89 -4.73 -33.07
CA LYS A 389 -6.72 -5.48 -34.01
C LYS A 389 -6.24 -6.90 -34.27
N ARG A 390 -4.93 -7.11 -34.47
CA ARG A 390 -4.42 -8.40 -34.90
C ARG A 390 -3.84 -9.23 -33.76
N VAL A 391 -3.93 -8.76 -32.52
CA VAL A 391 -3.34 -9.50 -31.40
C VAL A 391 -4.42 -9.95 -30.44
N MET A 392 -5.15 -8.98 -29.89
CA MET A 392 -6.23 -9.30 -28.91
C MET A 392 -7.36 -10.04 -29.61
N GLY A 393 -7.85 -11.12 -29.01
CA GLY A 393 -8.92 -11.90 -29.59
C GLY A 393 -9.46 -12.93 -28.63
N PRO A 394 -9.72 -14.15 -29.12
CA PRO A 394 -10.13 -15.24 -28.23
C PRO A 394 -8.95 -15.66 -27.35
N ASP A 395 -9.13 -15.51 -26.03
CA ASP A 395 -8.11 -15.87 -25.04
C ASP A 395 -6.83 -15.09 -25.28
N PHE A 396 -6.95 -13.76 -25.35
CA PHE A 396 -5.79 -12.88 -25.46
C PHE A 396 -6.22 -11.51 -24.95
N GLY A 397 -5.89 -11.21 -23.70
CA GLY A 397 -6.30 -9.96 -23.10
C GLY A 397 -5.46 -8.79 -23.56
N TYR A 398 -5.95 -7.59 -23.25
CA TYR A 398 -5.25 -6.36 -23.67
C TYR A 398 -5.41 -5.35 -22.54
N VAL A 399 -4.30 -4.80 -22.07
CA VAL A 399 -4.33 -3.76 -21.05
C VAL A 399 -3.23 -2.75 -21.33
N THR A 400 -3.51 -1.47 -21.09
CA THR A 400 -2.57 -0.39 -21.34
C THR A 400 -2.78 0.72 -20.31
N ARG A 401 -1.73 1.52 -20.10
CA ARG A 401 -1.77 2.60 -19.12
C ARG A 401 -1.01 3.80 -19.66
N GLY A 402 -1.39 4.98 -19.17
CA GLY A 402 -0.68 6.20 -19.49
C GLY A 402 -1.48 7.15 -20.37
N PRO A 403 -0.87 8.30 -20.70
CA PRO A 403 -1.54 9.24 -21.60
C PRO A 403 -1.27 8.91 -23.07
N GLN A 404 -2.33 8.80 -23.87
CA GLN A 404 -2.18 8.37 -25.26
C GLN A 404 -1.99 9.52 -26.22
N THR A 405 -2.54 10.69 -25.91
CA THR A 405 -2.49 11.83 -26.83
C THR A 405 -1.23 12.67 -26.64
N GLY A 406 -0.08 12.02 -26.68
CA GLY A 406 1.19 12.71 -26.55
C GLY A 406 1.55 13.03 -25.11
N GLY A 407 2.81 13.43 -24.93
CA GLY A 407 3.30 13.78 -23.62
C GLY A 407 4.23 12.73 -23.04
N ILE A 408 4.93 12.00 -23.91
CA ILE A 408 5.83 10.94 -23.50
C ILE A 408 7.21 11.20 -24.07
N SER A 409 8.15 10.30 -23.78
CA SER A 409 9.52 10.40 -24.28
C SER A 409 9.98 9.02 -24.74
N GLY A 410 11.18 8.97 -25.32
CA GLY A 410 11.68 7.71 -25.85
C GLY A 410 11.80 6.63 -24.79
N LEU A 411 12.01 7.02 -23.53
CA LEU A 411 12.13 6.05 -22.46
C LEU A 411 10.84 5.26 -22.26
N ASP A 412 9.72 5.75 -22.79
CA ASP A 412 8.47 5.01 -22.71
C ASP A 412 8.39 3.86 -23.72
N SER A 413 9.30 3.84 -24.70
CA SER A 413 9.35 2.68 -25.63
C SER A 413 9.66 1.44 -24.78
N PHE A 414 9.14 0.27 -25.18
CA PHE A 414 9.32 -0.94 -24.34
C PHE A 414 10.78 -1.39 -24.38
N GLY A 415 11.69 -0.52 -24.85
CA GLY A 415 13.12 -0.86 -24.80
C GLY A 415 13.57 -0.95 -23.35
N ASN A 416 13.05 -0.07 -22.49
CA ASN A 416 13.35 -0.13 -21.04
C ASN A 416 12.31 -1.01 -20.35
N LEU A 417 12.29 -2.31 -20.67
CA LEU A 417 11.30 -3.23 -20.05
C LEU A 417 11.78 -4.67 -20.22
N GLU A 418 12.55 -5.17 -19.25
CA GLU A 418 13.06 -6.54 -19.33
C GLU A 418 12.81 -7.23 -18.01
N VAL A 419 13.00 -8.55 -17.99
CA VAL A 419 12.81 -9.33 -16.77
C VAL A 419 13.98 -10.30 -16.62
N SER A 420 14.48 -10.41 -15.39
CA SER A 420 15.57 -11.39 -15.10
C SER A 420 14.93 -12.72 -14.72
N PRO A 421 15.63 -13.87 -14.87
CA PRO A 421 15.10 -15.17 -14.44
C PRO A 421 14.98 -15.24 -12.92
N PRO A 422 14.29 -16.25 -12.34
CA PRO A 422 14.17 -16.39 -10.88
C PRO A 422 15.51 -16.17 -10.18
N VAL A 423 15.53 -15.37 -9.11
CA VAL A 423 16.82 -15.03 -8.44
C VAL A 423 16.69 -15.13 -6.91
N THR A 424 17.80 -15.34 -6.22
CA THR A 424 17.83 -15.39 -4.76
C THR A 424 18.84 -14.36 -4.28
N VAL A 425 18.37 -13.32 -3.60
CA VAL A 425 19.23 -12.24 -3.12
C VAL A 425 19.20 -12.24 -1.59
N ARG A 426 20.36 -12.52 -1.00
CA ARG A 426 20.57 -12.40 0.45
C ARG A 426 19.47 -13.14 1.23
N GLY A 427 19.13 -14.34 0.76
CA GLY A 427 18.17 -15.18 1.45
C GLY A 427 16.72 -15.00 1.05
N LYS A 428 16.42 -14.03 0.19
CA LYS A 428 15.06 -13.78 -0.26
C LYS A 428 14.91 -14.26 -1.70
N GLU A 429 13.81 -14.97 -1.98
CA GLU A 429 13.60 -15.63 -3.26
C GLU A 429 12.64 -14.83 -4.13
N TYR A 430 12.97 -14.75 -5.43
CA TYR A 430 12.05 -14.23 -6.44
C TYR A 430 11.95 -15.28 -7.55
N PRO A 431 10.98 -16.18 -7.48
CA PRO A 431 10.82 -17.20 -8.54
C PRO A 431 10.25 -16.65 -9.83
N LEU A 432 9.78 -15.40 -9.87
CA LEU A 432 9.26 -14.80 -11.10
C LEU A 432 10.13 -13.64 -11.59
N GLY A 433 11.32 -13.47 -11.04
CA GLY A 433 12.24 -12.47 -11.53
C GLY A 433 11.91 -11.08 -11.03
N ARG A 434 12.65 -10.10 -11.55
CA ARG A 434 12.48 -8.70 -11.19
C ARG A 434 12.40 -7.87 -12.45
N ILE A 435 11.44 -6.94 -12.50
CA ILE A 435 11.32 -6.03 -13.62
C ILE A 435 12.52 -5.09 -13.65
N LEU A 436 13.04 -4.83 -14.85
CA LEU A 436 14.15 -3.93 -15.04
C LEU A 436 13.77 -2.88 -16.08
N PHE A 437 13.81 -1.61 -15.67
CA PHE A 437 13.63 -0.51 -16.59
C PHE A 437 14.61 0.60 -16.23
N GLY A 438 15.05 1.34 -17.25
CA GLY A 438 16.09 2.34 -17.09
C GLY A 438 15.54 3.74 -17.10
N ASP A 439 16.24 4.64 -16.43
CA ASP A 439 15.90 6.06 -16.39
C ASP A 439 17.13 6.84 -15.91
N SER A 440 16.98 8.15 -15.76
CA SER A 440 18.12 9.02 -15.48
C SER A 440 18.63 8.79 -14.06
N CYS A 441 19.91 9.16 -13.86
CA CYS A 441 20.53 8.96 -12.55
C CYS A 441 19.90 9.85 -11.49
N TYR A 442 19.78 11.14 -11.77
CA TYR A 442 19.15 12.08 -10.86
C TYR A 442 18.25 13.02 -11.65
N PRO A 443 17.14 13.47 -11.07
CA PRO A 443 16.25 14.39 -11.78
C PRO A 443 16.93 15.72 -12.06
N SER A 444 16.71 16.25 -13.25
CA SER A 444 17.30 17.51 -13.65
C SER A 444 16.38 18.18 -14.67
N ASN A 445 16.91 19.13 -15.41
CA ASN A 445 16.13 19.88 -16.39
C ASN A 445 16.13 19.26 -17.80
N ASP A 446 17.20 18.55 -18.18
CA ASP A 446 17.22 17.81 -19.44
C ASP A 446 17.17 16.30 -19.25
N SER A 447 16.91 15.83 -18.04
CA SER A 447 16.78 14.39 -17.83
C SER A 447 15.40 13.90 -18.26
N ARG A 448 15.33 12.62 -18.60
CA ARG A 448 14.09 11.96 -18.96
C ARG A 448 13.78 10.86 -17.95
N GLN A 449 12.54 10.39 -17.98
CA GLN A 449 12.13 9.31 -17.09
C GLN A 449 10.96 8.57 -17.70
N MET A 450 10.81 7.31 -17.31
CA MET A 450 9.61 6.55 -17.65
C MET A 450 8.39 7.24 -17.03
N HIS A 451 7.26 7.14 -17.71
CA HIS A 451 6.07 7.82 -17.24
C HIS A 451 5.65 7.30 -15.87
N GLN A 452 5.19 8.22 -15.03
CA GLN A 452 4.85 7.86 -13.65
C GLN A 452 3.72 6.85 -13.60
N ALA A 453 2.75 6.95 -14.53
CA ALA A 453 1.65 5.98 -14.52
C ALA A 453 2.16 4.57 -14.74
N LEU A 454 3.06 4.40 -15.72
CA LEU A 454 3.63 3.08 -15.97
C LEU A 454 4.47 2.61 -14.77
N GLN A 455 5.25 3.51 -14.17
CA GLN A 455 6.07 3.12 -13.04
C GLN A 455 5.21 2.68 -11.86
N ASP A 456 4.14 3.42 -11.57
CA ASP A 456 3.26 3.03 -10.47
C ASP A 456 2.51 1.75 -10.77
N PHE A 457 2.11 1.52 -12.02
CA PHE A 457 1.46 0.25 -12.36
C PHE A 457 2.42 -0.91 -12.13
N LEU A 458 3.65 -0.79 -12.61
CA LEU A 458 4.62 -1.86 -12.43
C LEU A 458 4.92 -2.10 -10.95
N SER A 459 5.02 -1.03 -10.16
CA SER A 459 5.21 -1.20 -8.73
C SER A 459 4.01 -1.86 -8.07
N ALA A 460 2.80 -1.51 -8.50
CA ALA A 460 1.60 -2.11 -7.92
C ALA A 460 1.51 -3.60 -8.22
N GLN A 461 2.00 -4.03 -9.38
CA GLN A 461 2.21 -5.46 -9.60
C GLN A 461 3.37 -5.89 -8.72
N GLN A 462 3.06 -6.47 -7.55
CA GLN A 462 4.09 -6.72 -6.56
C GLN A 462 5.01 -7.87 -6.97
N VAL A 463 4.44 -8.94 -7.53
CA VAL A 463 5.11 -10.21 -7.75
C VAL A 463 6.47 -10.04 -8.42
N GLN A 464 6.65 -8.95 -9.15
CA GLN A 464 7.96 -8.60 -9.69
C GLN A 464 8.23 -7.15 -9.30
N ALA A 465 8.78 -6.96 -8.11
CA ALA A 465 9.17 -5.64 -7.65
C ALA A 465 10.21 -5.05 -8.60
N PRO A 466 9.97 -3.88 -9.18
CA PRO A 466 10.86 -3.37 -10.23
C PRO A 466 12.18 -2.88 -9.68
N VAL A 467 13.17 -2.83 -10.57
CA VAL A 467 14.51 -2.34 -10.27
C VAL A 467 14.88 -1.32 -11.34
N LYS A 468 15.35 -0.15 -10.92
CA LYS A 468 15.70 0.94 -11.82
C LYS A 468 17.17 0.86 -12.20
N LEU A 469 17.47 1.25 -13.43
CA LEU A 469 18.84 1.25 -13.94
C LEU A 469 19.15 2.59 -14.60
N TYR A 470 20.44 2.82 -14.85
CA TYR A 470 20.94 4.06 -15.42
C TYR A 470 21.17 3.86 -16.91
N SER A 471 20.16 4.16 -17.72
CA SER A 471 20.26 4.02 -19.17
C SER A 471 19.81 5.29 -19.89
N ASP A 472 19.93 6.45 -19.26
CA ASP A 472 19.59 7.70 -19.92
C ASP A 472 20.68 8.12 -20.90
N TRP A 473 21.91 7.67 -20.70
CA TRP A 473 23.03 8.10 -21.53
C TRP A 473 22.87 7.69 -22.99
N LEU A 474 22.15 6.61 -23.27
CA LEU A 474 21.95 6.19 -24.64
C LEU A 474 21.06 7.19 -25.37
N SER A 475 21.35 7.37 -26.67
CA SER A 475 20.59 8.32 -27.47
C SER A 475 19.11 7.95 -27.51
N VAL A 476 18.81 6.68 -27.78
CA VAL A 476 17.45 6.20 -27.68
C VAL A 476 17.07 5.90 -26.24
N GLY A 477 18.01 5.37 -25.45
CA GLY A 477 17.77 5.10 -24.05
C GLY A 477 17.01 3.82 -23.81
N HIS A 478 17.58 2.68 -24.23
CA HIS A 478 16.93 1.39 -24.08
C HIS A 478 17.86 0.42 -23.37
N VAL A 479 17.39 -0.14 -22.25
CA VAL A 479 18.17 -1.13 -21.52
C VAL A 479 18.38 -2.40 -22.32
N ASP A 480 17.59 -2.61 -23.38
CA ASP A 480 17.84 -3.75 -24.26
C ASP A 480 19.11 -3.57 -25.09
N GLU A 481 19.73 -2.39 -25.02
CA GLU A 481 20.91 -2.14 -25.88
C GLU A 481 22.22 -2.49 -25.17
N PHE A 482 22.17 -2.91 -23.90
CA PHE A 482 23.45 -3.17 -23.19
C PHE A 482 23.33 -4.38 -22.25
N LEU A 483 22.12 -4.91 -22.02
CA LEU A 483 22.04 -6.16 -21.21
C LEU A 483 21.21 -7.21 -21.93
N SER A 484 21.46 -8.49 -21.63
CA SER A 484 20.73 -9.62 -22.28
C SER A 484 20.85 -10.88 -21.42
N PHE A 485 19.81 -11.72 -21.39
CA PHE A 485 19.86 -12.94 -20.60
C PHE A 485 19.86 -14.15 -21.52
N VAL A 486 20.63 -15.18 -21.13
CA VAL A 486 20.74 -16.41 -21.96
C VAL A 486 20.56 -17.61 -21.02
N PRO A 487 19.81 -18.66 -21.43
CA PRO A 487 19.66 -19.86 -20.59
C PRO A 487 20.95 -20.67 -20.55
N ALA A 488 21.28 -21.16 -19.36
CA ALA A 488 22.51 -21.90 -19.13
C ALA A 488 22.23 -23.20 -18.41
N PRO A 489 22.84 -24.31 -18.86
CA PRO A 489 22.62 -25.58 -18.16
C PRO A 489 23.05 -25.59 -16.70
N ASP A 490 24.13 -24.90 -16.37
CA ASP A 490 24.79 -25.06 -15.08
C ASP A 490 24.64 -23.80 -14.23
N ARG A 491 25.14 -23.88 -12.99
CA ARG A 491 25.15 -22.78 -12.02
C ARG A 491 23.70 -22.36 -11.77
N LYS A 492 23.40 -21.06 -11.72
CA LYS A 492 22.05 -20.61 -11.41
C LYS A 492 21.04 -20.92 -12.51
N GLY A 493 21.53 -21.27 -13.69
CA GLY A 493 20.62 -21.53 -14.82
C GLY A 493 20.64 -20.42 -15.86
N PHE A 494 21.12 -19.23 -15.49
CA PHE A 494 21.13 -18.08 -16.45
C PHE A 494 22.53 -17.50 -16.53
N ARG A 495 22.73 -16.53 -17.41
CA ARG A 495 24.04 -15.85 -17.56
C ARG A 495 23.75 -14.47 -18.16
N LEU A 496 23.89 -13.41 -17.37
CA LEU A 496 23.65 -12.05 -17.92
C LEU A 496 24.80 -11.64 -18.85
N LEU A 497 24.50 -11.12 -20.04
CA LEU A 497 25.51 -10.65 -21.01
C LEU A 497 25.49 -9.10 -21.04
N LEU A 498 26.65 -8.46 -20.87
CA LEU A 498 26.71 -6.99 -20.81
C LEU A 498 27.66 -6.46 -21.90
N ALA A 499 27.34 -5.29 -22.47
CA ALA A 499 28.22 -4.68 -23.50
C ALA A 499 29.40 -4.00 -22.81
N SER A 500 30.63 -4.37 -23.21
CA SER A 500 31.85 -3.75 -22.63
C SER A 500 32.84 -3.41 -23.75
N PRO A 501 33.34 -2.16 -23.86
CA PRO A 501 34.23 -1.79 -24.95
C PRO A 501 35.63 -2.37 -24.80
N ARG A 502 36.08 -2.55 -23.56
CA ARG A 502 37.44 -3.11 -23.30
C ARG A 502 37.62 -4.42 -24.07
N SER A 503 36.63 -5.32 -23.98
CA SER A 503 36.70 -6.61 -24.69
C SER A 503 37.06 -6.37 -26.17
N CYS A 504 36.35 -5.45 -26.83
CA CYS A 504 36.62 -5.14 -28.25
C CYS A 504 38.04 -4.58 -28.39
N TYR A 505 38.47 -3.73 -27.44
CA TYR A 505 39.79 -3.12 -27.54
C TYR A 505 40.90 -4.15 -27.38
N LYS A 506 40.71 -5.14 -26.49
CA LYS A 506 41.72 -6.19 -26.34
C LYS A 506 41.76 -7.08 -27.58
N LEU A 507 40.60 -7.37 -28.16
CA LEU A 507 40.57 -8.13 -29.41
C LEU A 507 41.31 -7.39 -30.51
N PHE A 508 41.10 -6.07 -30.60
CA PHE A 508 41.77 -5.28 -31.64
C PHE A 508 43.26 -5.18 -31.37
N GLN A 509 43.67 -5.09 -30.11
CA GLN A 509 45.08 -5.10 -29.78
C GLN A 509 45.74 -6.40 -30.20
N GLU A 510 45.08 -7.53 -29.96
CA GLU A 510 45.60 -8.80 -30.43
C GLU A 510 45.67 -8.86 -31.95
N GLN A 511 44.62 -8.39 -32.63
CA GLN A 511 44.62 -8.42 -34.09
C GLN A 511 45.73 -7.54 -34.66
N GLN A 512 46.06 -6.43 -33.99
CA GLN A 512 47.13 -5.57 -34.46
C GLN A 512 48.50 -6.19 -34.19
N ASN A 513 48.71 -6.72 -32.98
CA ASN A 513 50.05 -7.17 -32.63
C ASN A 513 50.36 -8.58 -33.12
N GLU A 514 49.39 -9.31 -33.67
CA GLU A 514 49.73 -10.47 -34.49
C GLU A 514 50.02 -10.11 -35.94
N GLY A 515 49.95 -8.83 -36.30
CA GLY A 515 50.40 -8.37 -37.60
C GLY A 515 49.32 -8.15 -38.64
N HIS A 516 48.05 -8.30 -38.28
CA HIS A 516 46.94 -8.11 -39.22
C HIS A 516 46.22 -6.79 -39.00
N GLY A 517 46.97 -5.72 -38.71
CA GLY A 517 46.37 -4.41 -38.57
C GLY A 517 45.78 -3.86 -39.85
N GLU A 518 46.09 -4.49 -40.99
CA GLU A 518 45.53 -4.06 -42.27
C GLU A 518 44.06 -4.43 -42.44
N ALA A 519 43.50 -5.22 -41.51
CA ALA A 519 42.11 -5.64 -41.64
C ALA A 519 41.17 -4.45 -41.66
N LEU A 520 40.19 -4.50 -42.55
CA LEU A 520 39.25 -3.40 -42.75
C LEU A 520 37.89 -3.77 -42.17
N LEU A 521 37.43 -2.98 -41.22
CA LEU A 521 36.08 -3.10 -40.68
C LEU A 521 35.10 -2.48 -41.67
N PHE A 522 33.92 -3.10 -41.76
CA PHE A 522 32.86 -2.73 -42.71
C PHE A 522 33.28 -3.04 -44.15
N GLU A 523 33.90 -4.21 -44.34
CA GLU A 523 34.30 -4.62 -45.69
C GLU A 523 33.08 -5.05 -46.51
N GLY A 524 32.16 -5.80 -45.90
CA GLY A 524 31.00 -6.27 -46.63
C GLY A 524 30.10 -5.13 -47.10
N ILE A 525 29.94 -4.11 -46.27
CA ILE A 525 29.13 -2.95 -46.64
C ILE A 525 29.94 -2.05 -47.55
N LYS A 526 29.36 -1.69 -48.69
CA LYS A 526 30.03 -0.87 -49.69
C LYS A 526 29.78 0.62 -49.50
N LYS A 527 28.55 1.02 -49.16
CA LYS A 527 28.25 2.43 -49.00
C LYS A 527 29.03 3.05 -47.84
N LYS A 528 29.06 2.37 -46.70
CA LYS A 528 29.79 2.90 -45.56
C LYS A 528 31.29 2.73 -45.73
N LYS A 529 32.05 3.69 -45.21
CA LYS A 529 33.50 3.66 -45.37
C LYS A 529 34.11 2.55 -44.51
N GLN A 530 35.08 1.85 -45.08
CA GLN A 530 35.82 0.83 -44.36
C GLN A 530 36.90 1.50 -43.51
N GLN A 531 37.10 0.98 -42.30
CA GLN A 531 38.06 1.59 -41.37
C GLN A 531 39.15 0.59 -41.01
N LYS A 532 40.41 1.02 -41.06
CA LYS A 532 41.51 0.15 -40.76
C LYS A 532 41.76 0.09 -39.25
N ILE A 533 42.46 -0.95 -38.81
CA ILE A 533 42.60 -1.23 -37.39
C ILE A 533 43.46 -0.16 -36.71
N LYS A 534 44.53 0.28 -37.37
CA LYS A 534 45.43 1.26 -36.75
C LYS A 534 44.72 2.57 -36.45
N ASN A 535 43.89 3.05 -37.39
CA ASN A 535 43.20 4.32 -37.17
C ASN A 535 42.25 4.25 -35.99
N ILE A 536 41.44 3.19 -35.92
CA ILE A 536 40.47 3.08 -34.83
C ILE A 536 41.18 2.85 -33.51
N LEU A 537 42.29 2.12 -33.51
CA LEU A 537 43.05 1.93 -32.29
C LEU A 537 43.74 3.20 -31.81
N SER A 538 44.20 4.04 -32.73
CA SER A 538 44.90 5.27 -32.36
C SER A 538 43.97 6.46 -32.20
N ASN A 539 42.67 6.31 -32.50
CA ASN A 539 41.73 7.39 -32.26
C ASN A 539 41.64 7.71 -30.77
N LYS A 540 41.58 9.00 -30.45
CA LYS A 540 41.58 9.46 -29.07
C LYS A 540 40.21 9.88 -28.58
N THR A 541 39.45 10.60 -29.40
CA THR A 541 38.08 10.96 -29.02
C THR A 541 37.23 9.72 -28.82
N LEU A 542 37.39 8.73 -29.71
CA LEU A 542 36.65 7.48 -29.55
C LEU A 542 37.05 6.77 -28.26
N ARG A 543 38.34 6.78 -27.92
CA ARG A 543 38.77 6.16 -26.67
C ARG A 543 38.17 6.86 -25.46
N GLU A 544 38.12 8.19 -25.50
CA GLU A 544 37.52 8.94 -24.39
C GLU A 544 36.03 8.63 -24.25
N HIS A 545 35.32 8.62 -25.38
CA HIS A 545 33.90 8.33 -25.37
C HIS A 545 33.64 6.91 -24.86
N ASN A 546 34.45 5.95 -25.29
CA ASN A 546 34.28 4.58 -24.82
C ASN A 546 34.66 4.44 -23.36
N SER A 547 35.59 5.26 -22.86
CA SER A 547 35.85 5.25 -21.43
C SER A 547 34.64 5.72 -20.64
N PHE A 548 33.98 6.78 -21.10
CA PHE A 548 32.75 7.23 -20.44
C PHE A 548 31.68 6.15 -20.48
N VAL A 549 31.51 5.52 -21.65
CA VAL A 549 30.51 4.47 -21.79
C VAL A 549 30.84 3.28 -20.89
N GLU A 550 32.13 2.97 -20.76
CA GLU A 550 32.55 1.90 -19.87
C GLU A 550 32.25 2.24 -18.41
N ARG A 551 32.43 3.51 -18.03
CA ARG A 551 32.08 3.91 -16.67
C ARG A 551 30.59 3.73 -16.39
N CYS A 552 29.75 4.13 -17.34
CA CYS A 552 28.31 3.93 -17.18
C CYS A 552 27.97 2.44 -17.09
N ILE A 553 28.59 1.62 -17.95
CA ILE A 553 28.34 0.19 -17.92
C ILE A 553 28.79 -0.42 -16.61
N ASP A 554 29.91 0.06 -16.06
CA ASP A 554 30.40 -0.45 -14.78
C ASP A 554 29.43 -0.12 -13.66
N TRP A 555 28.90 1.10 -13.64
CA TRP A 555 27.91 1.46 -12.63
C TRP A 555 26.68 0.57 -12.73
N ASN A 556 26.20 0.34 -13.96
CA ASN A 556 25.03 -0.53 -14.12
C ASN A 556 25.33 -1.96 -13.73
N ARG A 557 26.55 -2.45 -14.02
CA ARG A 557 26.93 -3.80 -13.63
C ARG A 557 26.94 -3.94 -12.11
N GLU A 558 27.48 -2.94 -11.41
CA GLU A 558 27.46 -3.01 -9.95
C GLU A 558 26.04 -2.97 -9.41
N LEU A 559 25.17 -2.16 -10.03
CA LEU A 559 23.78 -2.12 -9.60
C LEU A 559 23.11 -3.46 -9.78
N LEU A 560 23.31 -4.10 -10.94
CA LEU A 560 22.71 -5.40 -11.19
C LEU A 560 23.29 -6.48 -10.27
N LYS A 561 24.60 -6.43 -10.02
CA LYS A 561 25.21 -7.40 -9.12
C LYS A 561 24.69 -7.25 -7.71
N ARG A 562 24.41 -6.03 -7.27
CA ARG A 562 23.83 -5.83 -5.95
C ARG A 562 22.38 -6.29 -5.90
N GLU A 563 21.61 -6.04 -6.96
CA GLU A 563 20.17 -6.27 -6.92
C GLU A 563 19.74 -7.67 -7.36
N LEU A 564 20.62 -8.46 -7.98
CA LEU A 564 20.26 -9.79 -8.42
C LEU A 564 21.15 -10.88 -7.84
N GLY A 565 21.95 -10.57 -6.82
CA GLY A 565 22.75 -11.58 -6.16
C GLY A 565 23.71 -12.31 -7.08
N LEU A 566 24.33 -11.59 -8.01
CA LEU A 566 25.25 -12.20 -8.96
C LEU A 566 26.68 -12.13 -8.47
N ALA A 567 27.48 -13.11 -8.89
CA ALA A 567 28.92 -13.07 -8.72
C ALA A 567 29.54 -12.66 -10.05
N GLU A 568 30.87 -12.69 -10.13
CA GLU A 568 31.53 -12.40 -11.39
C GLU A 568 31.48 -13.56 -12.38
N SER A 569 31.04 -14.74 -11.93
CA SER A 569 30.97 -15.90 -12.80
C SER A 569 29.67 -15.97 -13.61
N ASP A 570 28.67 -15.16 -13.27
CA ASP A 570 27.38 -15.18 -13.96
C ASP A 570 27.24 -14.06 -14.98
N ILE A 571 28.30 -13.29 -15.24
CA ILE A 571 28.25 -12.15 -16.15
C ILE A 571 29.28 -12.36 -17.24
N ILE A 572 28.80 -12.25 -18.49
CA ILE A 572 29.68 -12.44 -19.68
C ILE A 572 29.75 -11.11 -20.43
N ASP A 573 30.94 -10.70 -20.85
CA ASP A 573 31.14 -9.46 -21.59
C ASP A 573 31.20 -9.75 -23.09
N ILE A 574 30.35 -9.06 -23.85
CA ILE A 574 30.37 -9.20 -25.33
C ILE A 574 30.92 -7.88 -25.90
N PRO A 575 32.02 -7.91 -26.69
CA PRO A 575 32.65 -6.68 -27.18
C PRO A 575 31.67 -5.81 -27.97
N GLN A 576 31.83 -4.50 -27.82
CA GLN A 576 31.02 -3.51 -28.52
C GLN A 576 31.74 -2.18 -28.45
N LEU A 577 31.37 -1.27 -29.35
CA LEU A 577 31.97 0.05 -29.40
C LEU A 577 30.88 1.11 -29.48
N PHE A 578 31.02 2.17 -28.69
CA PHE A 578 30.04 3.25 -28.62
C PHE A 578 30.71 4.55 -29.03
N LYS A 579 29.92 5.44 -29.64
CA LYS A 579 30.39 6.76 -30.02
C LYS A 579 29.35 7.81 -29.65
N LEU A 580 29.82 8.99 -29.28
CA LEU A 580 28.96 10.05 -28.77
C LEU A 580 28.59 11.03 -29.89
N LYS A 581 27.38 11.55 -29.79
CA LYS A 581 26.96 12.52 -30.82
C LYS A 581 26.34 13.74 -30.13
N GLU A 582 25.41 14.38 -30.87
CA GLU A 582 24.70 15.57 -30.36
C GLU A 582 24.29 15.34 -28.90
N PHE A 583 24.48 16.36 -28.07
CA PHE A 583 24.15 16.28 -26.66
C PHE A 583 24.80 15.10 -25.94
N SER A 584 25.89 14.57 -26.50
CA SER A 584 26.73 13.57 -25.83
C SER A 584 25.93 12.34 -25.41
N LYS A 585 25.36 11.67 -26.40
CA LYS A 585 24.65 10.41 -26.17
C LYS A 585 25.30 9.30 -26.99
N ALA A 586 25.24 8.09 -26.45
CA ALA A 586 25.96 6.96 -27.02
C ALA A 586 25.15 6.26 -28.10
N GLU A 587 25.82 5.91 -29.19
CA GLU A 587 25.24 5.10 -30.25
C GLU A 587 26.22 3.98 -30.58
N ALA A 588 25.69 2.87 -31.07
CA ALA A 588 26.51 1.73 -31.41
C ALA A 588 27.39 2.06 -32.61
N PHE A 589 28.71 1.91 -32.44
CA PHE A 589 29.63 2.19 -33.54
C PHE A 589 29.43 1.20 -34.69
N PHE A 590 29.28 -0.08 -34.33
CA PHE A 590 28.96 -1.13 -35.34
C PHE A 590 27.72 -1.86 -34.79
N PRO A 591 26.97 -2.65 -35.58
CA PRO A 591 25.71 -3.26 -35.10
C PRO A 591 25.80 -3.81 -33.67
N ASN A 592 24.80 -3.48 -32.83
CA ASN A 592 24.81 -3.94 -31.41
C ASN A 592 24.54 -5.44 -31.36
N MET A 593 25.50 -6.23 -30.86
CA MET A 593 25.35 -7.67 -30.79
C MET A 593 24.81 -8.14 -29.45
N VAL A 594 24.49 -7.21 -28.56
CA VAL A 594 23.85 -7.60 -27.25
C VAL A 594 22.35 -7.73 -27.49
N ASN A 595 21.79 -6.87 -28.35
CA ASN A 595 20.37 -6.91 -28.68
C ASN A 595 20.14 -8.02 -29.70
N MET A 596 20.11 -9.25 -29.16
CA MET A 596 19.93 -10.43 -30.04
C MET A 596 18.61 -11.12 -29.67
N LEU A 597 18.13 -11.98 -30.56
CA LEU A 597 16.89 -12.73 -30.38
C LEU A 597 17.23 -14.12 -29.86
N VAL A 598 16.69 -14.46 -28.69
CA VAL A 598 16.94 -15.75 -28.06
C VAL A 598 15.66 -16.58 -28.14
N LEU A 599 15.78 -17.78 -28.71
CA LEU A 599 14.67 -18.71 -28.88
C LEU A 599 15.13 -20.06 -28.35
N GLY A 600 14.86 -20.31 -27.06
CA GLY A 600 15.31 -21.55 -26.45
C GLY A 600 16.83 -21.65 -26.43
N LYS A 601 17.38 -22.53 -27.25
CA LYS A 601 18.81 -22.70 -27.38
C LYS A 601 19.34 -22.18 -28.71
N HIS A 602 18.60 -21.31 -29.39
CA HIS A 602 18.99 -20.78 -30.68
C HIS A 602 19.09 -19.26 -30.59
N LEU A 603 20.05 -18.69 -31.32
CA LEU A 603 20.36 -17.27 -31.22
C LEU A 603 20.37 -16.64 -32.59
N GLY A 604 19.67 -15.51 -32.72
CA GLY A 604 19.82 -14.63 -33.86
C GLY A 604 20.54 -13.37 -33.44
N ILE A 605 21.81 -13.25 -33.80
CA ILE A 605 22.67 -12.16 -33.37
C ILE A 605 22.89 -11.22 -34.55
N PRO A 606 22.74 -9.91 -34.39
CA PRO A 606 23.01 -9.00 -35.51
C PRO A 606 24.46 -9.13 -35.96
N LYS A 607 24.64 -9.12 -37.28
CA LYS A 607 25.97 -9.31 -37.85
C LYS A 607 26.79 -8.03 -37.69
N PRO A 608 27.93 -8.08 -37.00
CA PRO A 608 28.70 -6.85 -36.80
C PRO A 608 29.47 -6.40 -38.02
N PHE A 609 29.69 -7.28 -38.99
CA PHE A 609 30.56 -7.00 -40.13
C PHE A 609 31.95 -6.57 -39.66
N GLY A 610 32.46 -7.25 -38.63
CA GLY A 610 33.76 -6.96 -38.10
C GLY A 610 34.87 -7.44 -39.01
N PRO A 611 36.09 -7.03 -38.70
CA PRO A 611 37.24 -7.39 -39.54
C PRO A 611 37.42 -8.90 -39.59
N VAL A 612 37.83 -9.39 -40.76
CA VAL A 612 37.96 -10.82 -41.02
C VAL A 612 39.44 -11.19 -41.07
N ILE A 613 39.76 -12.35 -40.52
CA ILE A 613 41.09 -12.95 -40.58
C ILE A 613 40.91 -14.40 -41.01
N ASN A 614 41.72 -14.84 -41.96
CA ASN A 614 41.71 -16.23 -42.45
C ASN A 614 40.30 -16.67 -42.84
N GLY A 615 39.56 -15.75 -43.46
CA GLY A 615 38.20 -16.04 -43.89
C GLY A 615 37.20 -16.25 -42.77
N ARG A 616 37.35 -15.54 -41.65
CA ARG A 616 36.32 -15.53 -40.62
C ARG A 616 36.48 -14.26 -39.79
N CYS A 617 35.36 -13.61 -39.48
CA CYS A 617 35.43 -12.36 -38.73
C CYS A 617 35.83 -12.62 -37.29
N CYS A 618 36.75 -11.78 -36.78
CA CYS A 618 37.26 -11.98 -35.43
C CYS A 618 36.16 -11.80 -34.39
N LEU A 619 35.28 -10.82 -34.59
CA LEU A 619 34.20 -10.59 -33.63
C LEU A 619 33.26 -11.79 -33.55
N GLU A 620 32.83 -12.31 -34.70
CA GLU A 620 31.95 -13.48 -34.71
C GLU A 620 32.65 -14.69 -34.09
N GLU A 621 33.92 -14.89 -34.42
CA GLU A 621 34.66 -16.03 -33.86
C GLU A 621 34.75 -15.92 -32.35
N LYS A 622 35.06 -14.73 -31.84
CA LYS A 622 35.18 -14.55 -30.39
C LYS A 622 33.85 -14.80 -29.70
N VAL A 623 32.76 -14.24 -30.24
CA VAL A 623 31.47 -14.39 -29.58
C VAL A 623 30.99 -15.83 -29.66
N CYS A 624 31.27 -16.51 -30.78
CA CYS A 624 30.90 -17.91 -30.93
C CYS A 624 31.67 -18.78 -29.96
N SER A 625 32.97 -18.51 -29.79
CA SER A 625 33.76 -19.26 -28.82
C SER A 625 33.40 -18.92 -27.39
N LEU A 626 32.76 -17.77 -27.15
CA LEU A 626 32.33 -17.40 -25.81
C LEU A 626 30.95 -17.94 -25.45
N LEU A 627 30.09 -18.14 -26.45
CA LEU A 627 28.69 -18.57 -26.17
C LEU A 627 28.50 -20.07 -26.45
N GLU A 628 29.22 -20.63 -27.42
CA GLU A 628 29.02 -22.04 -27.78
C GLU A 628 29.27 -22.99 -26.62
N PRO A 629 30.37 -22.89 -25.85
CA PRO A 629 30.61 -23.90 -24.79
C PRO A 629 29.56 -23.88 -23.69
N LEU A 630 28.64 -22.92 -23.76
CA LEU A 630 27.46 -22.94 -22.92
C LEU A 630 26.35 -23.82 -23.49
N GLY A 631 26.50 -24.28 -24.73
CA GLY A 631 25.53 -25.16 -25.35
C GLY A 631 24.52 -24.45 -26.22
N LEU A 632 25.00 -23.62 -27.15
CA LEU A 632 24.13 -22.84 -28.01
C LEU A 632 24.63 -22.92 -29.45
N GLN A 633 23.77 -22.50 -30.37
CA GLN A 633 24.12 -22.31 -31.77
C GLN A 633 23.91 -20.86 -32.14
N CYS A 634 24.88 -20.27 -32.84
CA CYS A 634 24.85 -18.86 -33.18
C CYS A 634 24.68 -18.69 -34.68
N THR A 635 23.66 -17.93 -35.07
CA THR A 635 23.41 -17.56 -36.46
C THR A 635 23.35 -16.04 -36.55
N PHE A 636 24.15 -15.47 -37.44
CA PHE A 636 24.23 -14.03 -37.61
C PHE A 636 23.35 -13.61 -38.78
N ILE A 637 22.48 -12.63 -38.51
CA ILE A 637 21.55 -12.09 -39.54
C ILE A 637 22.02 -10.67 -39.85
N ASN A 638 21.90 -10.26 -41.12
CA ASN A 638 22.33 -8.92 -41.54
C ASN A 638 21.12 -8.01 -41.62
N ASP A 639 21.18 -6.89 -40.89
CA ASP A 639 20.13 -5.87 -40.94
C ASP A 639 20.73 -4.47 -40.94
N PHE A 640 21.92 -4.32 -41.54
CA PHE A 640 22.63 -3.04 -41.49
C PHE A 640 21.87 -1.96 -42.27
N PHE A 641 21.50 -2.25 -43.52
CA PHE A 641 20.85 -1.24 -44.35
C PHE A 641 19.38 -1.05 -44.04
N THR A 642 18.75 -1.98 -43.32
CA THR A 642 17.33 -1.91 -43.06
C THR A 642 16.98 -1.53 -41.63
N TYR A 643 17.83 -1.86 -40.65
CA TYR A 643 17.56 -1.54 -39.25
C TYR A 643 18.61 -0.62 -38.65
N HIS A 644 19.89 -0.94 -38.81
CA HIS A 644 20.94 -0.17 -38.15
C HIS A 644 20.92 1.29 -38.59
N ILE A 645 20.60 1.55 -39.86
CA ILE A 645 20.54 2.92 -40.34
C ILE A 645 19.52 3.72 -39.54
N ARG A 646 18.43 3.09 -39.13
CA ARG A 646 17.41 3.76 -38.32
C ARG A 646 17.58 3.45 -36.83
N HIS A 647 18.81 3.12 -36.41
CA HIS A 647 19.16 2.93 -35.00
C HIS A 647 18.32 1.82 -34.36
N GLY A 648 18.52 0.61 -34.88
CA GLY A 648 17.79 -0.53 -34.37
C GLY A 648 18.55 -1.82 -34.60
N GLU A 649 18.07 -2.87 -33.93
CA GLU A 649 18.63 -4.21 -34.08
C GLU A 649 17.51 -5.23 -34.23
N VAL A 650 17.88 -6.53 -34.29
CA VAL A 650 16.87 -7.59 -34.54
C VAL A 650 15.84 -7.64 -33.41
N HIS A 651 16.30 -7.69 -32.17
CA HIS A 651 15.36 -7.86 -31.05
C HIS A 651 14.46 -6.64 -30.90
N CYS A 652 14.91 -5.47 -31.35
CA CYS A 652 14.08 -4.28 -31.30
C CYS A 652 13.00 -4.29 -32.38
N GLY A 653 13.07 -5.20 -33.34
CA GLY A 653 12.10 -5.23 -34.42
C GLY A 653 11.21 -6.46 -34.42
N THR A 654 11.41 -7.36 -33.47
CA THR A 654 10.61 -8.57 -33.36
C THR A 654 10.20 -8.78 -31.91
N ASN A 655 9.08 -9.49 -31.73
CA ASN A 655 8.58 -9.82 -30.41
C ASN A 655 8.30 -11.31 -30.33
N VAL A 656 8.38 -11.84 -29.11
CA VAL A 656 8.23 -13.28 -28.86
C VAL A 656 7.25 -13.47 -27.71
N ARG A 657 6.38 -14.48 -27.88
CA ARG A 657 5.47 -14.89 -26.78
C ARG A 657 6.12 -16.12 -26.14
N ARG A 658 6.01 -16.28 -24.82
CA ARG A 658 6.70 -17.33 -24.10
C ARG A 658 5.76 -18.02 -23.13
N LYS A 659 6.06 -19.29 -22.85
CA LYS A 659 5.20 -20.08 -21.99
C LYS A 659 5.19 -19.53 -20.57
N PRO A 660 4.03 -19.45 -19.92
CA PRO A 660 3.99 -18.94 -18.55
C PRO A 660 4.77 -19.83 -17.59
N PHE A 661 5.14 -19.23 -16.46
CA PHE A 661 5.88 -19.94 -15.43
C PHE A 661 5.08 -21.11 -14.87
N SER A 662 5.79 -22.18 -14.52
CA SER A 662 5.15 -23.28 -13.80
C SER A 662 4.92 -22.93 -12.34
N PHE A 663 5.72 -22.03 -11.78
CA PHE A 663 5.55 -21.63 -10.39
C PHE A 663 4.35 -20.70 -10.25
N LYS A 664 3.47 -21.02 -9.32
CA LYS A 664 2.26 -20.24 -9.11
C LYS A 664 2.58 -18.97 -8.35
N TRP A 665 2.14 -17.82 -8.87
CA TRP A 665 2.50 -16.53 -8.28
C TRP A 665 2.00 -16.43 -6.84
N TRP A 666 0.79 -16.92 -6.58
CA TRP A 666 0.24 -16.84 -5.23
C TRP A 666 1.08 -17.60 -4.21
N ASN A 667 1.95 -18.50 -4.67
CA ASN A 667 2.79 -19.25 -3.74
C ASN A 667 3.97 -18.42 -3.23
N MET A 668 4.28 -17.30 -3.87
CA MET A 668 5.35 -16.43 -3.40
C MET A 668 4.83 -15.48 -2.33
N VAL A 669 5.68 -15.20 -1.34
CA VAL A 669 5.38 -14.21 -0.31
C VAL A 669 6.22 -12.96 -0.60
N PRO A 670 5.60 -11.82 -0.94
CA PRO A 670 6.31 -10.56 -1.20
C PRO A 670 6.84 -9.92 0.08
N TYR B 1 -13.03 0.99 -16.49
CA TYR B 1 -11.61 1.28 -16.31
C TYR B 1 -10.79 0.85 -17.51
N GLU B 2 -10.35 -0.41 -17.49
CA GLU B 2 -9.56 -0.92 -18.61
C GLU B 2 -10.37 -0.96 -19.90
N SER B 3 -11.69 -1.09 -19.80
CA SER B 3 -12.54 -0.97 -20.97
C SER B 3 -12.47 0.44 -21.55
N CYS B 4 -12.46 1.46 -20.69
CA CYS B 4 -12.35 2.83 -21.16
C CYS B 4 -11.03 3.07 -21.87
N ARG B 5 -9.95 2.48 -21.37
CA ARG B 5 -8.67 2.56 -22.05
C ARG B 5 -8.76 1.92 -23.44
N TYR B 6 -9.47 0.80 -23.53
CA TYR B 6 -9.66 0.13 -24.82
C TYR B 6 -10.37 1.04 -25.81
N ARG B 7 -11.46 1.67 -25.38
CA ARG B 7 -12.24 2.51 -26.29
C ARG B 7 -11.43 3.72 -26.74
N GLN B 8 -10.68 4.33 -25.81
CA GLN B 8 -9.90 5.51 -26.15
C GLN B 8 -8.82 5.18 -27.18
N VAL B 9 -8.16 4.03 -27.04
CA VAL B 9 -7.13 3.64 -27.99
C VAL B 9 -7.73 3.37 -29.36
N LEU B 10 -8.86 2.65 -29.40
CA LEU B 10 -9.48 2.32 -30.68
C LEU B 10 -9.91 3.57 -31.42
N GLN B 11 -10.36 4.59 -30.69
CA GLN B 11 -10.73 5.85 -31.32
C GLN B 11 -9.53 6.50 -32.01
N LEU B 12 -8.37 6.45 -31.38
CA LEU B 12 -7.16 7.00 -31.97
C LEU B 12 -6.55 6.05 -32.99
N TYR C 1 -0.17 21.05 -0.96
CA TYR C 1 -1.15 20.05 -0.57
C TYR C 1 -1.98 20.54 0.60
N GLU C 2 -1.50 20.27 1.82
CA GLU C 2 -2.22 20.71 3.01
C GLU C 2 -2.31 22.23 3.09
N SER C 3 -1.34 22.92 2.51
CA SER C 3 -1.44 24.38 2.40
C SER C 3 -2.62 24.78 1.52
N CYS C 4 -2.82 24.07 0.42
CA CYS C 4 -3.95 24.37 -0.47
C CYS C 4 -5.28 24.14 0.24
N ARG C 5 -5.36 23.10 1.08
CA ARG C 5 -6.56 22.89 1.88
C ARG C 5 -6.78 24.07 2.82
N TYR C 6 -5.70 24.59 3.40
CA TYR C 6 -5.79 25.74 4.29
C TYR C 6 -6.37 26.95 3.57
N ARG C 7 -5.85 27.25 2.37
CA ARG C 7 -6.30 28.42 1.64
C ARG C 7 -7.77 28.29 1.23
N GLN C 8 -8.16 27.08 0.80
CA GLN C 8 -9.54 26.86 0.36
C GLN C 8 -10.52 27.06 1.51
N VAL C 9 -10.16 26.57 2.70
CA VAL C 9 -11.05 26.72 3.85
C VAL C 9 -11.16 28.19 4.25
N LEU C 10 -10.04 28.90 4.28
CA LEU C 10 -10.06 30.31 4.69
C LEU C 10 -10.90 31.14 3.74
N GLN C 11 -10.87 30.80 2.45
CA GLN C 11 -11.70 31.50 1.48
C GLN C 11 -13.19 31.35 1.80
N LEU C 12 -13.60 30.14 2.19
CA LEU C 12 -14.98 29.88 2.55
C LEU C 12 -15.28 30.36 3.96
N GLY D 11 29.27 -1.06 -4.00
CA GLY D 11 30.67 -1.40 -4.20
C GLY D 11 31.37 -0.57 -5.25
N THR D 12 32.64 -0.88 -5.50
CA THR D 12 33.43 -0.19 -6.51
C THR D 12 34.34 -1.20 -7.18
N LEU D 13 34.26 -1.27 -8.50
CA LEU D 13 35.05 -2.22 -9.28
C LEU D 13 36.07 -1.46 -10.11
N ILE D 14 37.34 -1.62 -9.79
CA ILE D 14 38.43 -1.01 -10.54
C ILE D 14 39.37 -2.11 -11.01
N ARG D 15 39.49 -2.22 -12.33
CA ARG D 15 40.40 -3.22 -12.92
C ARG D 15 41.69 -2.49 -13.30
N VAL D 16 42.82 -3.20 -13.26
CA VAL D 16 44.12 -2.59 -13.54
C VAL D 16 44.60 -3.03 -14.91
N THR D 17 45.28 -2.13 -15.62
CA THR D 17 45.88 -2.41 -16.91
C THR D 17 47.38 -2.11 -16.84
N PRO D 18 48.24 -3.08 -17.17
CA PRO D 18 49.69 -2.79 -17.13
C PRO D 18 50.13 -1.74 -18.13
N GLU D 19 49.33 -1.42 -19.14
CA GLU D 19 49.76 -0.47 -20.16
C GLU D 19 50.02 0.91 -19.57
N GLN D 20 49.12 1.39 -18.72
CA GLN D 20 49.27 2.71 -18.12
C GLN D 20 48.73 2.66 -16.69
N PRO D 21 49.23 3.51 -15.80
CA PRO D 21 48.69 3.54 -14.44
C PRO D 21 47.27 4.09 -14.41
N THR D 22 46.53 3.70 -13.38
CA THR D 22 45.12 4.04 -13.24
C THR D 22 44.90 4.88 -11.99
N HIS D 23 44.12 5.95 -12.14
CA HIS D 23 43.71 6.80 -11.03
C HIS D 23 42.26 6.51 -10.69
N ALA D 24 41.97 6.25 -9.42
CA ALA D 24 40.63 5.93 -8.98
C ALA D 24 40.39 6.51 -7.59
N VAL D 25 39.11 6.69 -7.27
CA VAL D 25 38.69 7.23 -5.99
C VAL D 25 37.99 6.12 -5.20
N CYS D 26 38.46 5.88 -3.98
CA CYS D 26 37.90 4.88 -3.10
C CYS D 26 37.28 5.58 -1.90
N VAL D 27 35.94 5.60 -1.86
CA VAL D 27 35.21 6.28 -0.81
C VAL D 27 35.26 5.42 0.46
N LEU D 28 35.59 6.06 1.59
CA LEU D 28 35.68 5.33 2.85
C LEU D 28 34.29 4.84 3.25
N GLY D 29 34.22 3.58 3.65
CA GLY D 29 32.95 2.94 4.00
C GLY D 29 32.37 2.08 2.90
N THR D 30 33.08 1.92 1.78
CA THR D 30 32.59 1.13 0.65
C THR D 30 33.64 0.09 0.30
N LEU D 31 33.22 -1.16 0.15
CA LEU D 31 34.11 -2.24 -0.24
C LEU D 31 34.46 -2.08 -1.71
N THR D 32 35.76 -2.20 -2.03
CA THR D 32 36.24 -2.05 -3.39
C THR D 32 36.98 -3.31 -3.81
N GLN D 33 36.46 -3.98 -4.84
CA GLN D 33 37.07 -5.21 -5.35
C GLN D 33 37.88 -4.90 -6.60
N LEU D 34 39.01 -5.59 -6.72
CA LEU D 34 39.90 -5.45 -7.88
C LEU D 34 39.67 -6.62 -8.82
N ASP D 35 39.22 -6.33 -10.03
CA ASP D 35 39.15 -7.33 -11.09
C ASP D 35 40.52 -7.46 -11.73
N ILE D 36 41.12 -8.64 -11.62
CA ILE D 36 42.52 -8.81 -11.96
C ILE D 36 42.68 -9.80 -13.12
N CYS D 37 41.59 -10.08 -13.82
CA CYS D 37 41.63 -10.93 -14.99
C CYS D 37 41.17 -10.27 -16.27
N SER D 38 40.56 -9.08 -16.19
CA SER D 38 40.09 -8.41 -17.40
C SER D 38 41.25 -8.03 -18.31
N SER D 39 42.35 -7.54 -17.74
CA SER D 39 43.49 -7.08 -18.52
C SER D 39 44.75 -7.89 -18.26
N ALA D 40 44.59 -9.08 -17.67
CA ALA D 40 45.75 -9.93 -17.31
C ALA D 40 46.46 -10.41 -18.57
N PRO D 41 47.81 -10.55 -18.57
CA PRO D 41 48.54 -11.07 -19.74
C PRO D 41 48.01 -12.46 -20.11
N ASP D 42 47.84 -12.71 -21.42
CA ASP D 42 47.31 -14.02 -21.89
C ASP D 42 48.24 -15.15 -21.42
N ASP D 43 49.54 -15.00 -21.64
CA ASP D 43 50.48 -16.06 -21.28
C ASP D 43 50.77 -16.14 -19.78
N CYS D 44 50.15 -15.27 -18.98
CA CYS D 44 50.43 -15.24 -17.55
C CYS D 44 49.81 -16.44 -16.84
N THR D 45 50.38 -16.75 -15.67
CA THR D 45 49.90 -17.86 -14.85
C THR D 45 49.72 -17.53 -13.37
N SER D 46 50.38 -16.50 -12.85
CA SER D 46 50.30 -16.18 -11.42
C SER D 46 50.52 -14.69 -11.22
N PHE D 47 50.20 -14.23 -10.01
CA PHE D 47 50.32 -12.81 -9.68
C PHE D 47 50.68 -12.65 -8.21
N SER D 48 51.21 -11.47 -7.89
CA SER D 48 51.51 -11.07 -6.52
C SER D 48 51.12 -9.60 -6.34
N ILE D 49 50.82 -9.23 -5.10
CA ILE D 49 50.35 -7.89 -4.77
C ILE D 49 51.23 -7.32 -3.66
N ASN D 50 51.67 -6.08 -3.83
CA ASN D 50 52.31 -5.33 -2.74
C ASN D 50 51.74 -3.93 -2.68
N ALA D 51 51.30 -3.52 -1.48
CA ALA D 51 50.58 -2.27 -1.30
C ALA D 51 51.21 -1.44 -0.20
N SER D 52 50.87 -0.15 -0.19
CA SER D 52 51.34 0.75 0.83
C SER D 52 50.69 0.42 2.18
N PRO D 53 51.35 0.75 3.30
CA PRO D 53 50.75 0.45 4.61
C PRO D 53 49.44 1.15 4.87
N GLY D 54 49.15 2.24 4.15
CA GLY D 54 47.93 2.98 4.40
C GLY D 54 46.67 2.22 4.02
N VAL D 55 46.80 1.22 3.14
CA VAL D 55 45.65 0.46 2.66
C VAL D 55 45.81 -1.00 3.09
N VAL D 56 44.69 -1.70 3.09
CA VAL D 56 44.64 -3.12 3.47
C VAL D 56 44.13 -3.91 2.28
N VAL D 57 44.88 -4.94 1.89
CA VAL D 57 44.55 -5.79 0.76
C VAL D 57 44.29 -7.20 1.28
N ASP D 58 43.16 -7.78 0.86
CA ASP D 58 42.76 -9.11 1.29
C ASP D 58 42.49 -9.98 0.07
N ILE D 59 43.16 -11.12 0.00
CA ILE D 59 42.92 -12.11 -1.04
C ILE D 59 41.90 -13.11 -0.49
N ALA D 60 40.68 -13.10 -1.02
CA ALA D 60 39.59 -13.86 -0.43
C ALA D 60 39.24 -15.05 -1.34
N SER D 73 51.78 -16.17 -0.99
CA SER D 73 52.41 -15.12 -1.78
C SER D 73 51.85 -15.09 -3.19
N THR D 74 52.30 -16.02 -4.02
CA THR D 74 51.82 -16.12 -5.39
C THR D 74 50.49 -16.84 -5.44
N TRP D 75 49.57 -16.32 -6.26
CA TRP D 75 48.24 -16.90 -6.41
C TRP D 75 47.90 -17.06 -7.88
N PRO D 76 47.11 -18.06 -8.23
CA PRO D 76 46.66 -18.20 -9.62
C PRO D 76 45.69 -17.09 -10.01
N LEU D 77 45.68 -16.78 -11.30
CA LEU D 77 44.84 -15.71 -11.82
C LEU D 77 43.46 -16.20 -12.25
N ASP D 78 42.97 -17.28 -11.65
CA ASP D 78 41.66 -17.81 -12.00
C ASP D 78 40.57 -16.79 -11.67
N PRO D 79 39.50 -16.76 -12.47
CA PRO D 79 38.43 -15.76 -12.22
C PRO D 79 37.75 -15.91 -10.87
N GLY D 80 37.83 -17.09 -10.25
CA GLY D 80 37.14 -17.28 -8.98
C GLY D 80 37.70 -16.41 -7.86
N VAL D 81 39.03 -16.33 -7.74
CA VAL D 81 39.64 -15.59 -6.65
C VAL D 81 39.33 -14.11 -6.79
N GLU D 82 39.23 -13.42 -5.65
CA GLU D 82 38.92 -12.00 -5.63
C GLU D 82 39.81 -11.29 -4.63
N VAL D 83 39.98 -9.99 -4.85
CA VAL D 83 40.85 -9.13 -4.04
C VAL D 83 40.04 -7.93 -3.56
N THR D 84 40.08 -7.68 -2.26
CA THR D 84 39.36 -6.58 -1.65
C THR D 84 40.33 -5.56 -1.08
N LEU D 85 40.00 -4.28 -1.23
CA LEU D 85 40.85 -3.18 -0.78
C LEU D 85 40.06 -2.31 0.20
N THR D 86 40.69 -1.97 1.33
CA THR D 86 40.03 -1.18 2.37
C THR D 86 40.98 -0.09 2.84
N MET D 87 40.48 1.13 2.88
CA MET D 87 41.25 2.28 3.36
C MET D 87 40.86 2.61 4.79
N LYS D 88 41.82 3.14 5.55
CA LYS D 88 41.61 3.41 6.96
C LYS D 88 41.43 4.89 7.29
N ALA D 89 42.12 5.77 6.59
CA ALA D 89 42.07 7.20 6.90
C ALA D 89 41.85 8.00 5.63
N ALA D 90 41.28 9.19 5.80
CA ALA D 90 41.02 10.07 4.67
C ALA D 90 42.33 10.57 4.06
N SER D 91 42.29 10.88 2.77
CA SER D 91 43.48 11.33 2.06
C SER D 91 43.73 12.81 2.31
N GLY D 92 45.00 13.15 2.53
CA GLY D 92 45.40 14.53 2.67
C GLY D 92 45.81 15.15 1.35
N SER D 93 46.08 14.32 0.35
CA SER D 93 46.48 14.79 -0.97
C SER D 93 46.07 13.77 -2.01
N THR D 94 46.00 14.22 -3.25
CA THR D 94 45.56 13.36 -4.34
C THR D 94 46.62 12.30 -4.66
N GLY D 95 46.16 11.06 -4.85
CA GLY D 95 47.03 9.97 -5.25
C GLY D 95 48.12 9.65 -4.25
N ASP D 96 47.77 9.57 -2.97
CA ASP D 96 48.77 9.35 -1.94
C ASP D 96 48.97 7.89 -1.57
N GLN D 97 48.21 6.96 -2.15
CA GLN D 97 48.49 5.54 -1.95
C GLN D 97 48.80 4.86 -3.28
N LYS D 98 49.68 3.87 -3.24
CA LYS D 98 50.06 3.13 -4.43
C LYS D 98 49.99 1.64 -4.16
N VAL D 99 49.44 0.90 -5.12
CA VAL D 99 49.37 -0.55 -5.06
C VAL D 99 49.97 -1.09 -6.35
N GLN D 100 50.86 -2.07 -6.23
CA GLN D 100 51.55 -2.66 -7.37
C GLN D 100 51.20 -4.14 -7.48
N ILE D 101 50.97 -4.60 -8.71
CA ILE D 101 50.68 -5.99 -9.00
C ILE D 101 51.75 -6.51 -9.95
N SER D 102 52.41 -7.60 -9.56
CA SER D 102 53.43 -8.22 -10.37
C SER D 102 52.86 -9.50 -10.98
N TYR D 103 52.68 -9.50 -12.29
CA TYR D 103 52.20 -10.66 -13.02
C TYR D 103 53.39 -11.53 -13.42
N TYR D 104 53.32 -12.81 -13.06
CA TYR D 104 54.40 -13.77 -13.30
C TYR D 104 53.96 -14.73 -14.40
N GLY D 105 54.76 -14.83 -15.45
CA GLY D 105 54.48 -15.73 -16.55
C GLY D 105 55.64 -16.66 -16.83
N PRO D 106 55.35 -17.84 -17.39
CA PRO D 106 56.43 -18.76 -17.76
C PRO D 106 57.41 -18.17 -18.76
N LYS D 107 56.94 -17.31 -19.66
CA LYS D 107 57.79 -16.61 -20.62
C LYS D 107 57.76 -15.11 -20.34
N THR D 108 58.84 -14.43 -20.72
CA THR D 108 59.05 -12.99 -20.57
C THR D 108 59.15 -12.59 -19.11
N PRO D 109 59.78 -11.46 -18.80
CA PRO D 109 59.90 -11.02 -17.40
C PRO D 109 58.54 -10.64 -16.82
N PRO D 110 58.41 -10.63 -15.50
CA PRO D 110 57.13 -10.26 -14.89
C PRO D 110 56.73 -8.83 -15.25
N VAL D 111 55.42 -8.60 -15.32
CA VAL D 111 54.87 -7.32 -15.76
C VAL D 111 54.27 -6.61 -14.54
N LYS D 112 54.58 -5.32 -14.39
CA LYS D 112 54.15 -4.56 -13.23
C LYS D 112 53.00 -3.63 -13.61
N ALA D 113 51.94 -3.66 -12.81
CA ALA D 113 50.80 -2.77 -12.96
C ALA D 113 50.64 -1.93 -11.71
N LEU D 114 50.19 -0.69 -11.89
CA LEU D 114 50.14 0.28 -10.81
C LEU D 114 48.72 0.81 -10.64
N LEU D 115 48.38 1.15 -9.39
CA LEU D 115 47.09 1.76 -9.09
C LEU D 115 47.28 2.80 -8.00
N TYR D 116 46.81 4.02 -8.24
CA TYR D 116 46.94 5.13 -7.30
C TYR D 116 45.59 5.39 -6.65
N LEU D 117 45.61 5.54 -5.33
CA LEU D 117 44.39 5.65 -4.52
C LEU D 117 44.38 6.95 -3.75
N THR D 118 43.25 7.65 -3.84
CA THR D 118 42.88 8.78 -2.99
C THR D 118 41.54 8.45 -2.34
N ALA D 119 41.46 8.59 -1.03
CA ALA D 119 40.25 8.25 -0.29
C ALA D 119 39.62 9.50 0.31
N VAL D 120 38.30 9.60 0.16
CA VAL D 120 37.55 10.71 0.73
C VAL D 120 36.60 10.15 1.76
N GLU D 121 35.88 11.04 2.47
CA GLU D 121 34.84 10.63 3.40
C GLU D 121 33.62 11.50 3.16
N ILE D 122 32.55 10.89 2.66
CA ILE D 122 31.29 11.56 2.39
C ILE D 122 30.21 10.84 3.19
N SER D 123 29.62 11.53 4.16
CA SER D 123 28.66 10.88 5.05
C SER D 123 27.44 11.76 5.22
N LEU D 124 26.29 11.31 4.71
CA LEU D 124 25.02 11.97 4.94
C LEU D 124 24.30 11.22 6.06
N CYS D 125 24.05 11.92 7.16
CA CYS D 125 23.50 11.31 8.37
C CYS D 125 22.28 12.07 8.84
N ALA D 126 21.36 11.33 9.46
CA ALA D 126 20.16 11.91 10.04
C ALA D 126 19.90 11.18 11.36
N ASP D 127 18.70 11.37 11.92
CA ASP D 127 18.34 10.72 13.17
C ASP D 127 17.77 9.34 12.88
N ILE D 128 18.63 8.48 12.33
CA ILE D 128 18.21 7.14 11.93
C ILE D 128 17.90 6.25 13.12
N THR D 129 18.57 6.42 14.25
CA THR D 129 18.35 5.57 15.41
C THR D 129 17.12 5.97 16.22
N ARG D 130 16.42 7.03 15.80
CA ARG D 130 15.21 7.50 16.52
C ARG D 130 15.55 7.83 17.98
N THR D 131 16.71 8.46 18.21
CA THR D 131 17.15 8.85 19.54
C THR D 131 17.09 10.35 19.78
N GLY D 132 17.64 11.15 18.86
CA GLY D 132 17.62 12.59 19.01
C GLY D 132 18.97 13.22 18.75
N LYS D 133 19.92 12.42 18.28
CA LYS D 133 21.28 12.88 18.03
C LYS D 133 21.68 12.52 16.60
N VAL D 134 22.39 13.42 15.94
CA VAL D 134 22.85 13.19 14.58
C VAL D 134 24.37 13.00 14.55
N GLN D 143 20.10 -1.31 5.88
CA GLN D 143 20.49 0.10 5.80
C GLN D 143 19.80 0.78 4.62
N ARG D 144 19.66 2.10 4.72
CA ARG D 144 18.99 2.91 3.69
C ARG D 144 17.57 2.42 3.43
N THR D 145 16.89 1.95 4.48
CA THR D 145 15.51 1.48 4.36
C THR D 145 14.82 1.70 5.70
N TRP D 146 13.51 1.95 5.64
CA TRP D 146 12.71 2.23 6.83
C TRP D 146 11.98 0.96 7.24
N THR D 147 12.31 0.44 8.41
CA THR D 147 11.69 -0.76 8.95
C THR D 147 11.09 -0.44 10.31
N TRP D 148 9.82 -0.80 10.50
CA TRP D 148 9.15 -0.57 11.76
C TRP D 148 9.76 -1.44 12.86
N GLY D 149 9.32 -1.20 14.10
CA GLY D 149 9.73 -2.03 15.21
C GLY D 149 10.80 -1.40 16.07
N PRO D 150 10.95 -1.89 17.30
CA PRO D 150 11.97 -1.33 18.20
C PRO D 150 13.40 -1.56 17.73
N CYS D 151 13.64 -2.51 16.84
CA CYS D 151 14.97 -2.77 16.33
C CYS D 151 15.22 -2.15 14.96
N GLY D 152 14.28 -1.33 14.48
CA GLY D 152 14.37 -0.74 13.16
C GLY D 152 15.26 0.48 13.12
N GLN D 153 15.30 1.10 11.94
CA GLN D 153 16.10 2.29 11.71
C GLN D 153 15.43 3.14 10.65
N GLY D 154 15.55 4.47 10.80
CA GLY D 154 14.96 5.40 9.87
C GLY D 154 14.36 6.62 10.55
N ALA D 155 14.60 7.80 9.99
CA ALA D 155 14.22 9.05 10.65
C ALA D 155 12.80 9.47 10.28
N ILE D 156 12.32 10.48 10.98
CA ILE D 156 10.92 10.93 10.88
C ILE D 156 10.88 12.42 10.59
N LEU D 157 10.07 12.81 9.61
CA LEU D 157 9.71 14.19 9.34
C LEU D 157 8.42 14.58 10.03
N LEU D 158 8.25 15.88 10.19
CA LEU D 158 7.03 16.45 10.76
C LEU D 158 6.42 17.41 9.74
N VAL D 159 5.12 17.24 9.49
CA VAL D 159 4.42 18.13 8.57
C VAL D 159 4.33 19.50 9.22
N ASN D 160 4.96 20.50 8.60
CA ASN D 160 4.98 21.85 9.14
C ASN D 160 3.61 22.48 8.86
N CYS D 161 2.64 22.13 9.71
CA CYS D 161 1.27 22.58 9.55
C CYS D 161 0.89 23.67 10.55
N ASP D 162 1.85 24.23 11.27
CA ASP D 162 1.57 25.29 12.23
C ASP D 162 1.92 26.65 11.64
N ARG D 163 1.77 27.69 12.45
CA ARG D 163 2.17 29.05 12.08
C ARG D 163 2.95 29.65 13.26
N ASP D 164 4.28 29.60 13.15
CA ASP D 164 5.14 30.21 14.16
C ASP D 164 5.31 31.71 13.96
N ASN D 165 4.81 32.25 12.87
CA ASN D 165 4.84 33.69 12.64
C ASN D 165 3.55 34.32 13.14
N LEU D 166 3.68 35.34 13.97
CA LEU D 166 2.53 36.03 14.55
C LEU D 166 1.96 37.10 13.63
N GLU D 167 2.64 37.40 12.52
CA GLU D 167 2.17 38.39 11.57
C GLU D 167 1.87 37.77 10.20
N SER D 168 1.67 36.46 10.16
CA SER D 168 1.39 35.73 8.93
C SER D 168 0.00 35.12 9.02
N SER D 169 -0.57 34.83 7.85
CA SER D 169 -1.89 34.24 7.74
C SER D 169 -1.85 33.05 6.77
N ALA D 170 -0.84 32.20 6.95
CA ALA D 170 -0.67 31.04 6.09
C ALA D 170 0.12 29.98 6.83
N MET D 171 -0.17 28.72 6.53
CA MET D 171 0.64 27.63 7.05
C MET D 171 2.06 27.78 6.53
N ASP D 172 3.03 27.63 7.44
CA ASP D 172 4.39 28.09 7.15
C ASP D 172 5.10 27.21 6.14
N CYS D 173 4.47 26.12 5.72
CA CYS D 173 5.03 25.27 4.68
C CYS D 173 4.53 25.65 3.29
N GLU D 174 3.66 26.65 3.18
CA GLU D 174 3.14 27.08 1.89
C GLU D 174 4.14 27.88 1.08
N ASP D 175 4.89 28.77 1.72
CA ASP D 175 5.86 29.62 1.04
C ASP D 175 7.20 28.89 0.94
N ASP D 176 8.23 29.62 0.53
CA ASP D 176 9.58 29.06 0.36
C ASP D 176 10.60 29.89 1.13
N GLU D 177 10.29 30.18 2.39
CA GLU D 177 11.21 30.91 3.25
C GLU D 177 10.99 30.48 4.69
N VAL D 178 12.02 30.70 5.51
CA VAL D 178 11.93 30.48 6.95
C VAL D 178 11.88 31.86 7.62
N LEU D 179 10.74 32.18 8.22
CA LEU D 179 10.48 33.53 8.68
C LEU D 179 10.84 33.76 10.15
N ASP D 180 11.15 32.72 10.91
CA ASP D 180 11.46 32.91 12.32
C ASP D 180 12.23 31.70 12.80
N SER D 181 13.22 31.94 13.67
CA SER D 181 14.08 30.86 14.13
C SER D 181 13.31 29.80 14.90
N GLU D 182 12.23 30.17 15.58
CA GLU D 182 11.41 29.18 16.27
C GLU D 182 10.85 28.14 15.29
N ASP D 183 10.54 28.54 14.05
CA ASP D 183 10.09 27.58 13.05
C ASP D 183 11.11 26.47 12.87
N LEU D 184 12.39 26.78 13.07
CA LEU D 184 13.44 25.79 12.90
C LEU D 184 13.27 24.59 13.82
N GLN D 185 12.50 24.74 14.90
CA GLN D 185 12.29 23.63 15.81
C GLN D 185 11.31 22.60 15.28
N ASP D 186 10.55 22.90 14.24
CA ASP D 186 9.59 21.95 13.69
C ASP D 186 10.14 21.16 12.52
N MET D 187 11.44 21.20 12.31
CA MET D 187 12.07 20.59 11.14
C MET D 187 12.82 19.33 11.55
N SER D 188 13.53 18.75 10.59
CA SER D 188 14.42 17.62 10.85
C SER D 188 15.83 17.96 10.37
N LEU D 189 16.82 17.62 11.18
CA LEU D 189 18.20 17.94 10.87
C LEU D 189 18.83 16.85 10.01
N MET D 190 19.79 17.28 9.17
CA MET D 190 20.54 16.33 8.30
C MET D 190 21.97 16.88 8.20
N THR D 191 22.98 16.06 8.47
CA THR D 191 24.37 16.50 8.46
C THR D 191 25.10 15.86 7.29
N LEU D 192 25.77 16.70 6.49
CA LEU D 192 26.65 16.22 5.43
C LEU D 192 28.07 16.47 5.88
N SER D 193 28.79 15.41 6.22
CA SER D 193 30.17 15.50 6.66
C SER D 193 31.07 15.15 5.49
N THR D 194 31.96 16.07 5.13
CA THR D 194 32.90 15.88 4.02
C THR D 194 34.32 16.01 4.54
N LYS D 195 35.17 15.06 4.16
CA LYS D 195 36.58 15.07 4.53
C LYS D 195 37.35 14.65 3.29
N THR D 196 37.90 15.63 2.58
CA THR D 196 38.57 15.43 1.31
C THR D 196 39.83 16.27 1.28
N PRO D 197 40.77 15.97 0.38
CA PRO D 197 41.94 16.83 0.21
C PRO D 197 41.54 18.24 -0.21
N LYS D 198 42.54 19.13 -0.22
CA LYS D 198 42.28 20.55 -0.46
C LYS D 198 41.81 20.80 -1.88
N ASP D 199 42.46 20.18 -2.86
CA ASP D 199 42.16 20.39 -4.28
C ASP D 199 41.19 19.36 -4.84
N PHE D 200 40.49 18.61 -3.97
CA PHE D 200 39.64 17.53 -4.44
C PHE D 200 38.50 18.04 -5.31
N PHE D 201 37.77 19.06 -4.85
CA PHE D 201 36.53 19.45 -5.50
C PHE D 201 36.74 20.32 -6.73
N THR D 202 37.99 20.52 -7.16
CA THR D 202 38.23 21.12 -8.46
C THR D 202 37.88 20.18 -9.60
N ASN D 203 37.88 18.86 -9.35
CA ASN D 203 37.58 17.87 -10.36
C ASN D 203 36.45 16.93 -9.94
N HIS D 204 35.57 17.37 -9.04
CA HIS D 204 34.44 16.57 -8.60
C HIS D 204 33.33 17.49 -8.15
N THR D 205 32.11 16.98 -8.13
CA THR D 205 30.92 17.75 -7.79
C THR D 205 30.01 16.91 -6.91
N LEU D 206 29.29 17.58 -6.02
CA LEU D 206 28.30 16.93 -5.16
C LEU D 206 26.92 17.41 -5.55
N VAL D 207 25.94 16.51 -5.49
CA VAL D 207 24.55 16.83 -5.86
C VAL D 207 23.63 16.28 -4.79
N LEU D 208 22.58 17.04 -4.48
CA LEU D 208 21.52 16.58 -3.60
C LEU D 208 20.23 16.52 -4.40
N HIS D 209 19.44 15.46 -4.21
CA HIS D 209 18.23 15.35 -5.01
C HIS D 209 17.20 14.47 -4.31
N VAL D 210 15.98 14.53 -4.84
CA VAL D 210 14.85 13.72 -4.42
C VAL D 210 14.10 13.30 -5.68
N ALA D 211 13.52 12.10 -5.64
CA ALA D 211 12.84 11.58 -6.81
C ALA D 211 11.67 12.48 -7.21
N ARG D 212 11.39 12.53 -8.51
CA ARG D 212 10.40 13.46 -9.04
C ARG D 212 9.00 13.20 -8.49
N SER D 213 8.71 11.98 -8.05
CA SER D 213 7.39 11.71 -7.49
C SER D 213 7.25 12.18 -6.05
N GLU D 214 8.36 12.50 -5.39
CA GLU D 214 8.34 12.99 -4.02
C GLU D 214 8.88 14.41 -3.91
N MET D 215 9.30 15.00 -5.03
CA MET D 215 9.83 16.36 -5.01
C MET D 215 8.79 17.38 -4.61
N ASP D 216 7.50 17.04 -4.71
CA ASP D 216 6.42 17.96 -4.37
C ASP D 216 5.84 17.71 -2.99
N LYS D 217 6.50 16.88 -2.17
CA LYS D 217 6.06 16.62 -0.80
C LYS D 217 7.18 16.83 0.21
N VAL D 218 8.19 17.62 -0.10
CA VAL D 218 9.32 17.84 0.80
C VAL D 218 9.99 19.16 0.43
N ARG D 219 10.63 19.78 1.43
CA ARG D 219 11.43 20.97 1.19
C ARG D 219 12.65 20.93 2.10
N VAL D 220 13.80 21.31 1.54
CA VAL D 220 15.09 21.22 2.20
C VAL D 220 15.81 22.54 2.08
N PHE D 221 16.16 23.14 3.22
CA PHE D 221 16.93 24.37 3.32
C PHE D 221 18.37 24.07 3.74
N GLN D 222 19.27 24.95 3.35
CA GLN D 222 20.68 24.89 3.75
C GLN D 222 20.95 25.94 4.82
N ALA D 223 21.54 25.53 5.93
CA ALA D 223 21.83 26.44 7.04
C ALA D 223 23.27 26.93 6.94
N THR D 224 23.45 28.24 7.07
CA THR D 224 24.79 28.83 7.03
C THR D 224 25.29 29.14 8.44
N LYS D 231 19.24 33.59 6.94
CA LYS D 231 20.35 32.71 7.29
C LYS D 231 20.32 31.43 6.47
N CYS D 232 19.13 31.03 6.05
CA CYS D 232 18.94 29.79 5.29
C CYS D 232 18.11 30.06 4.04
N SER D 233 18.51 29.45 2.94
CA SER D 233 17.82 29.58 1.67
C SER D 233 17.40 28.19 1.19
N VAL D 234 16.42 28.16 0.29
CA VAL D 234 15.88 26.88 -0.16
C VAL D 234 16.91 26.15 -1.02
N VAL D 235 16.86 24.82 -0.96
CA VAL D 235 17.71 23.95 -1.75
C VAL D 235 16.89 22.98 -2.58
N LEU D 236 15.93 22.30 -1.94
CA LEU D 236 15.07 21.35 -2.64
C LEU D 236 13.61 21.66 -2.33
N GLY D 237 12.76 21.49 -3.34
CA GLY D 237 11.35 21.74 -3.18
C GLY D 237 10.54 21.37 -4.40
N PRO D 238 9.26 21.79 -4.42
CA PRO D 238 8.38 21.43 -5.53
C PRO D 238 8.73 22.08 -6.86
N LYS D 239 9.83 22.85 -6.94
CA LYS D 239 10.26 23.42 -8.20
C LYS D 239 11.73 23.16 -8.53
N TRP D 240 12.52 22.67 -7.58
CA TRP D 240 13.92 22.33 -7.81
C TRP D 240 14.14 20.86 -7.46
N PRO D 241 14.02 19.94 -8.41
CA PRO D 241 14.27 18.53 -8.11
C PRO D 241 15.65 18.25 -7.53
N SER D 242 16.68 18.95 -8.02
CA SER D 242 18.05 18.68 -7.58
C SER D 242 18.80 19.99 -7.44
N HIS D 243 19.84 19.97 -6.60
CA HIS D 243 20.68 21.14 -6.41
C HIS D 243 22.14 20.72 -6.28
N TYR D 244 23.01 21.44 -6.97
CA TYR D 244 24.44 21.26 -6.83
C TYR D 244 24.95 21.98 -5.59
N LEU D 245 25.83 21.33 -4.85
CA LEU D 245 26.34 21.86 -3.60
C LEU D 245 27.75 22.42 -3.78
N MET D 246 28.02 23.54 -3.11
CA MET D 246 29.33 24.17 -3.09
C MET D 246 29.98 23.86 -1.75
N VAL D 247 31.02 23.05 -1.76
CA VAL D 247 31.70 22.60 -0.55
C VAL D 247 33.19 22.86 -0.72
N PRO D 248 33.88 23.36 0.31
CA PRO D 248 35.33 23.53 0.22
C PRO D 248 36.07 22.24 0.60
N GLY D 249 37.36 22.25 0.30
CA GLY D 249 38.19 21.11 0.63
C GLY D 249 38.56 21.05 2.10
N GLY D 250 39.17 19.92 2.48
CA GLY D 250 39.56 19.70 3.85
C GLY D 250 38.49 19.03 4.67
N LYS D 251 38.27 19.52 5.89
CA LYS D 251 37.17 19.09 6.73
C LYS D 251 36.02 20.09 6.60
N HIS D 252 34.80 19.58 6.51
CA HIS D 252 33.66 20.48 6.49
C HIS D 252 32.40 19.73 6.91
N ASN D 253 31.45 20.47 7.46
CA ASN D 253 30.14 19.96 7.82
C ASN D 253 29.08 20.91 7.32
N MET D 254 28.00 20.35 6.77
CA MET D 254 26.89 21.13 6.27
C MET D 254 25.61 20.70 6.98
N ASP D 255 24.75 21.67 7.28
CA ASP D 255 23.51 21.43 7.99
C ASP D 255 22.34 21.67 7.03
N PHE D 256 21.46 20.69 6.92
CA PHE D 256 20.27 20.78 6.10
C PHE D 256 19.04 20.60 6.99
N TYR D 257 18.00 21.38 6.72
CA TYR D 257 16.76 21.31 7.47
C TYR D 257 15.65 20.85 6.52
N VAL D 258 14.92 19.82 6.94
CA VAL D 258 13.93 19.16 6.09
C VAL D 258 12.56 19.32 6.71
N GLU D 259 11.57 19.68 5.88
CA GLU D 259 10.19 19.76 6.31
C GLU D 259 9.28 19.12 5.26
N ALA D 260 8.31 18.34 5.72
CA ALA D 260 7.35 17.69 4.84
C ALA D 260 6.18 18.62 4.57
N LEU D 261 5.41 18.28 3.52
CA LEU D 261 4.30 19.12 3.09
C LEU D 261 2.95 18.44 3.16
N ALA D 262 2.88 17.12 3.02
CA ALA D 262 1.61 16.41 2.94
C ALA D 262 1.59 15.24 3.92
N PHE D 263 0.45 15.06 4.57
CA PHE D 263 0.25 13.89 5.41
C PHE D 263 0.14 12.64 4.54
N PRO D 264 0.46 11.47 5.08
CA PRO D 264 0.34 10.24 4.28
C PRO D 264 -1.10 10.00 3.85
N ASP D 265 -1.25 9.47 2.65
CA ASP D 265 -2.57 9.22 2.08
C ASP D 265 -2.48 8.00 1.18
N THR D 266 -3.56 7.71 0.45
CA THR D 266 -3.57 6.55 -0.43
C THR D 266 -2.55 6.70 -1.56
N ASP D 267 -2.40 7.91 -2.10
CA ASP D 267 -1.47 8.15 -3.19
C ASP D 267 -0.03 8.34 -2.71
N PHE D 268 0.18 8.53 -1.41
CA PHE D 268 1.50 8.80 -0.85
C PHE D 268 1.69 7.90 0.37
N PRO D 269 2.40 6.78 0.22
CA PRO D 269 2.57 5.87 1.37
C PRO D 269 3.24 6.52 2.57
N GLY D 270 4.23 7.38 2.34
CA GLY D 270 4.84 8.12 3.42
C GLY D 270 6.35 8.10 3.45
N LEU D 271 6.98 7.42 2.50
CA LEU D 271 8.43 7.31 2.46
C LEU D 271 9.00 8.37 1.52
N ILE D 272 9.99 9.11 2.02
CA ILE D 272 10.65 10.16 1.25
C ILE D 272 12.15 9.88 1.25
N THR D 273 12.75 9.83 0.06
CA THR D 273 14.16 9.50 -0.09
C THR D 273 14.94 10.75 -0.47
N LEU D 274 16.01 11.03 0.26
CA LEU D 274 16.93 12.10 -0.10
C LEU D 274 18.28 11.49 -0.43
N THR D 275 18.84 11.86 -1.58
CA THR D 275 20.01 11.18 -2.12
C THR D 275 21.13 12.17 -2.36
N ILE D 276 22.34 11.76 -1.94
CA ILE D 276 23.56 12.58 -2.19
C ILE D 276 24.37 11.79 -3.22
N SER D 277 24.80 12.45 -4.30
CA SER D 277 25.51 11.79 -5.39
C SER D 277 26.78 12.55 -5.71
N LEU D 278 27.87 11.81 -5.90
CA LEU D 278 29.15 12.39 -6.26
C LEU D 278 29.40 12.15 -7.74
N LEU D 279 29.69 13.22 -8.48
CA LEU D 279 29.87 13.17 -9.92
C LEU D 279 31.28 13.59 -10.30
N ASP D 280 31.87 12.84 -11.23
CA ASP D 280 33.19 13.16 -11.77
C ASP D 280 33.03 14.09 -12.97
N THR D 281 33.73 15.22 -12.93
CA THR D 281 33.69 16.21 -14.01
C THR D 281 35.09 16.60 -14.43
N SER D 282 35.96 15.60 -14.62
CA SER D 282 37.34 15.88 -14.98
C SER D 282 37.44 16.50 -16.38
N ASN D 283 36.79 15.88 -17.35
CA ASN D 283 36.86 16.34 -18.74
C ASN D 283 35.64 17.20 -19.02
N LEU D 284 35.88 18.38 -19.60
CA LEU D 284 34.80 19.32 -19.88
C LEU D 284 33.96 18.91 -21.08
N GLU D 285 34.59 18.36 -22.12
CA GLU D 285 33.84 17.96 -23.32
C GLU D 285 32.84 16.87 -22.99
N LEU D 286 33.23 15.89 -22.19
CA LEU D 286 32.37 14.80 -21.80
C LEU D 286 31.38 15.24 -20.73
N PRO D 287 30.25 14.56 -20.60
CA PRO D 287 29.30 14.89 -19.54
C PRO D 287 29.77 14.29 -18.21
N GLU D 288 29.03 14.60 -17.16
CA GLU D 288 29.39 14.12 -15.84
C GLU D 288 29.13 12.62 -15.72
N ALA D 289 29.89 11.98 -14.83
CA ALA D 289 29.77 10.55 -14.58
C ALA D 289 29.56 10.32 -13.09
N VAL D 290 28.54 9.54 -12.74
CA VAL D 290 28.22 9.27 -11.35
C VAL D 290 29.17 8.19 -10.83
N VAL D 291 29.73 8.43 -9.64
CA VAL D 291 30.72 7.51 -9.07
C VAL D 291 30.38 7.04 -7.67
N PHE D 292 29.47 7.68 -6.95
CA PHE D 292 29.11 7.25 -5.61
C PHE D 292 27.74 7.83 -5.28
N GLN D 293 26.92 7.07 -4.58
CA GLN D 293 25.55 7.50 -4.32
C GLN D 293 25.08 6.96 -2.97
N ASP D 294 24.88 7.85 -2.01
CA ASP D 294 24.34 7.48 -0.71
C ASP D 294 22.95 8.08 -0.58
N SER D 295 22.16 7.56 0.36
CA SER D 295 20.79 8.02 0.49
C SER D 295 20.31 7.84 1.92
N VAL D 296 19.23 8.54 2.24
CA VAL D 296 18.55 8.41 3.53
C VAL D 296 17.05 8.38 3.27
N VAL D 297 16.34 7.66 4.13
CA VAL D 297 14.91 7.43 3.99
C VAL D 297 14.20 7.99 5.21
N PHE D 298 13.19 8.82 4.98
CA PHE D 298 12.41 9.45 6.02
C PHE D 298 10.98 8.96 5.95
N ARG D 299 10.30 8.94 7.09
CA ARG D 299 8.88 8.67 7.14
C ARG D 299 8.14 9.90 7.64
N VAL D 300 7.05 10.26 6.97
CA VAL D 300 6.22 11.37 7.40
C VAL D 300 5.38 10.93 8.59
N ALA D 301 5.42 11.72 9.66
CA ALA D 301 4.75 11.35 10.90
C ALA D 301 3.24 11.27 10.68
N PRO D 302 2.59 10.17 11.06
CA PRO D 302 1.16 10.04 10.85
C PRO D 302 0.36 10.80 11.89
N TRP D 303 -0.92 11.01 11.57
CA TRP D 303 -1.84 11.67 12.48
C TRP D 303 -2.36 10.65 13.49
N ILE D 304 -2.09 10.89 14.77
CA ILE D 304 -2.40 9.95 15.84
C ILE D 304 -3.41 10.60 16.78
N MET D 305 -4.50 9.87 17.06
CA MET D 305 -5.56 10.38 17.92
C MET D 305 -5.24 10.06 19.38
N THR D 306 -6.12 10.54 20.27
CA THR D 306 -5.99 10.29 21.69
C THR D 306 -7.32 9.76 22.22
N PRO D 307 -7.32 8.62 22.90
CA PRO D 307 -8.58 8.08 23.44
C PRO D 307 -9.03 8.81 24.70
N ASN D 308 -10.07 8.30 25.35
CA ASN D 308 -10.64 8.97 26.52
C ASN D 308 -9.92 8.66 27.82
N THR D 309 -8.96 7.74 27.82
CA THR D 309 -8.27 7.37 29.05
C THR D 309 -7.05 8.23 29.33
N GLN D 310 -6.69 9.16 28.43
CA GLN D 310 -5.55 10.04 28.66
C GLN D 310 -5.97 11.24 29.50
N PRO D 311 -5.06 11.76 30.34
CA PRO D 311 -5.38 12.93 31.15
C PRO D 311 -5.64 14.15 30.27
N PRO D 312 -6.64 14.95 30.61
CA PRO D 312 -6.95 16.15 29.80
C PRO D 312 -5.93 17.25 30.02
N GLN D 313 -5.91 18.20 29.08
CA GLN D 313 -5.05 19.36 29.19
C GLN D 313 -5.79 20.65 28.89
N GLU D 314 -6.84 20.57 28.08
CA GLU D 314 -7.55 21.77 27.64
C GLU D 314 -8.93 21.37 27.16
N VAL D 315 -9.94 22.17 27.52
CA VAL D 315 -11.33 21.88 27.21
C VAL D 315 -11.91 23.04 26.43
N TYR D 316 -12.59 22.73 25.33
CA TYR D 316 -13.30 23.71 24.52
C TYR D 316 -14.79 23.60 24.77
N ALA D 317 -15.50 24.72 24.59
CA ALA D 317 -16.94 24.76 24.80
C ALA D 317 -17.54 25.85 23.92
N CYS D 318 -18.82 26.14 24.14
CA CYS D 318 -19.54 27.13 23.38
C CYS D 318 -20.54 27.86 24.28
N SER D 319 -20.95 29.05 23.85
CA SER D 319 -21.96 29.84 24.54
C SER D 319 -22.89 30.45 23.50
N ILE D 320 -24.18 30.15 23.59
CA ILE D 320 -25.13 30.68 22.56
C ILE D 320 -26.26 31.47 23.25
N PHE D 321 -27.02 30.85 24.16
CA PHE D 321 -28.11 31.52 24.84
C PHE D 321 -28.68 30.54 25.86
N GLU D 322 -29.22 31.06 26.96
CA GLU D 322 -29.47 30.29 28.18
C GLU D 322 -28.36 29.27 28.40
N ASN D 323 -27.11 29.72 28.49
CA ASN D 323 -25.97 28.82 28.67
C ASN D 323 -25.15 29.15 29.91
N GLU D 324 -25.65 30.04 30.78
CA GLU D 324 -24.89 30.38 31.98
C GLU D 324 -24.72 29.16 32.90
N ASP D 325 -25.78 28.38 33.09
CA ASP D 325 -25.69 27.22 33.97
C ASP D 325 -24.80 26.14 33.37
N PHE D 326 -24.99 25.84 32.08
CA PHE D 326 -24.17 24.83 31.42
C PHE D 326 -22.70 25.22 31.42
N LEU D 327 -22.41 26.47 31.07
CA LEU D 327 -21.03 26.93 31.06
C LEU D 327 -20.44 26.95 32.46
N LYS D 328 -21.23 27.34 33.46
CA LYS D 328 -20.75 27.33 34.84
C LYS D 328 -20.41 25.93 35.30
N SER D 329 -21.26 24.95 34.96
CA SER D 329 -20.98 23.57 35.33
C SER D 329 -19.72 23.06 34.64
N VAL D 330 -19.55 23.39 33.35
CA VAL D 330 -18.33 22.98 32.65
C VAL D 330 -17.11 23.63 33.29
N THR D 331 -17.22 24.91 33.67
CA THR D 331 -16.09 25.59 34.28
C THR D 331 -15.71 24.98 35.62
N THR D 332 -16.69 24.68 36.47
CA THR D 332 -16.35 24.09 37.76
C THR D 332 -15.81 22.67 37.59
N LEU D 333 -16.32 21.91 36.62
CA LEU D 333 -15.75 20.59 36.34
C LEU D 333 -14.30 20.71 35.88
N ALA D 334 -14.03 21.67 35.00
CA ALA D 334 -12.65 21.87 34.53
C ALA D 334 -11.74 22.30 35.67
N MET D 335 -12.22 23.18 36.54
CA MET D 335 -11.42 23.62 37.69
C MET D 335 -11.11 22.44 38.61
N LYS D 336 -12.10 21.59 38.85
CA LYS D 336 -11.86 20.39 39.64
C LYS D 336 -10.87 19.46 38.97
N ALA D 337 -10.92 19.35 37.64
CA ALA D 337 -10.05 18.46 36.89
C ALA D 337 -8.68 19.06 36.58
N LYS D 338 -8.45 20.32 36.94
CA LYS D 338 -7.15 20.98 36.78
C LYS D 338 -6.72 21.02 35.31
N CYS D 339 -7.50 21.77 34.53
CA CYS D 339 -7.22 21.96 33.11
C CYS D 339 -7.56 23.40 32.72
N LYS D 340 -7.35 23.73 31.46
CA LYS D 340 -7.61 25.05 30.91
C LYS D 340 -9.07 25.13 30.44
N LEU D 341 -9.40 26.20 29.74
CA LEU D 341 -10.74 26.39 29.20
C LEU D 341 -10.70 27.42 28.08
N THR D 342 -11.42 27.14 27.00
CA THR D 342 -11.56 28.06 25.88
C THR D 342 -13.02 28.14 25.49
N ILE D 343 -13.54 29.35 25.36
CA ILE D 343 -14.95 29.58 25.11
C ILE D 343 -15.10 30.47 23.88
N CYS D 344 -16.01 30.10 22.98
CA CYS D 344 -16.29 30.88 21.79
C CYS D 344 -17.49 31.77 22.03
N PRO D 345 -17.35 33.09 21.94
CA PRO D 345 -18.52 33.98 22.08
C PRO D 345 -19.44 33.88 20.87
N GLU D 346 -20.66 34.37 21.06
CA GLU D 346 -21.70 34.20 20.04
C GLU D 346 -21.42 34.96 18.76
N GLU D 347 -20.54 35.97 18.79
CA GLU D 347 -20.25 36.71 17.56
C GLU D 347 -19.57 35.82 16.52
N GLU D 348 -18.59 35.02 16.94
CA GLU D 348 -17.94 34.08 16.05
C GLU D 348 -18.62 32.71 16.04
N ASN D 349 -19.58 32.50 16.94
CA ASN D 349 -20.24 31.18 17.07
C ASN D 349 -21.25 30.96 15.93
N MET D 350 -21.94 32.02 15.52
CA MET D 350 -22.96 31.94 14.47
C MET D 350 -24.03 30.89 14.78
N ASP D 351 -24.45 30.84 16.04
CA ASP D 351 -25.53 29.98 16.49
C ASP D 351 -25.24 28.50 16.22
N ASP D 352 -23.97 28.11 16.37
CA ASP D 352 -23.56 26.72 16.25
C ASP D 352 -22.88 26.30 17.55
N GLN D 353 -23.44 25.28 18.20
CA GLN D 353 -22.96 24.88 19.52
C GLN D 353 -22.35 23.48 19.55
N TRP D 354 -22.23 22.82 18.39
CA TRP D 354 -21.72 21.45 18.34
C TRP D 354 -20.26 21.50 17.95
N MET D 355 -19.40 21.76 18.94
CA MET D 355 -17.96 21.79 18.70
C MET D 355 -17.42 20.40 18.39
N GLN D 356 -18.01 19.37 18.98
CA GLN D 356 -17.50 18.01 18.81
C GLN D 356 -17.60 17.55 17.36
N ASP D 357 -18.70 17.87 16.69
CA ASP D 357 -18.95 17.38 15.34
C ASP D 357 -18.09 18.05 14.28
N GLU D 358 -17.41 19.15 14.59
CA GLU D 358 -16.68 19.92 13.61
C GLU D 358 -15.18 19.66 13.60
N MET D 359 -14.61 19.55 14.81
CA MET D 359 -13.14 19.42 14.91
C MET D 359 -12.74 18.26 15.83
N GLU D 360 -11.61 17.61 15.52
CA GLU D 360 -11.06 16.56 16.34
C GLU D 360 -9.57 16.79 16.54
N ILE D 361 -9.12 16.71 17.80
CA ILE D 361 -7.71 17.05 18.11
C ILE D 361 -6.86 15.80 18.30
N GLY D 362 -5.78 15.68 17.52
CA GLY D 362 -4.83 14.59 17.65
C GLY D 362 -3.44 15.16 17.80
N TYR D 363 -2.40 14.34 17.69
CA TYR D 363 -1.04 14.84 17.80
C TYR D 363 -0.17 14.17 16.74
N ILE D 364 0.92 14.85 16.38
CA ILE D 364 1.97 14.27 15.56
C ILE D 364 3.30 14.49 16.28
N GLN D 365 4.10 13.43 16.36
CA GLN D 365 5.31 13.47 17.17
C GLN D 365 6.49 12.88 16.41
N ALA D 366 7.67 13.36 16.78
CA ALA D 366 8.95 12.93 16.24
C ALA D 366 9.97 13.04 17.35
N PRO D 367 11.11 12.33 17.23
CA PRO D 367 12.05 12.23 18.37
C PRO D 367 12.43 13.57 19.02
N HIS D 368 12.29 14.67 18.29
CA HIS D 368 12.69 15.97 18.81
C HIS D 368 11.53 16.90 19.14
N LYS D 369 10.31 16.60 18.73
CA LYS D 369 9.19 17.50 19.01
C LYS D 369 7.86 16.80 18.80
N THR D 370 6.92 17.06 19.72
CA THR D 370 5.55 16.51 19.60
C THR D 370 4.56 17.68 19.66
N LEU D 371 3.74 17.85 18.62
CA LEU D 371 2.82 18.98 18.56
C LEU D 371 1.42 18.52 18.16
N PRO D 372 0.38 19.11 18.74
CA PRO D 372 -0.98 18.72 18.37
C PRO D 372 -1.38 19.24 16.99
N VAL D 373 -2.44 18.64 16.46
CA VAL D 373 -2.98 18.96 15.15
C VAL D 373 -4.49 18.84 15.20
N VAL D 374 -5.18 19.84 14.65
CA VAL D 374 -6.63 19.87 14.61
C VAL D 374 -7.09 19.39 13.24
N PHE D 375 -8.08 18.50 13.24
CA PHE D 375 -8.67 17.92 12.04
C PHE D 375 -10.05 18.55 11.87
N ASP D 376 -10.25 19.23 10.74
CA ASP D 376 -11.47 19.97 10.46
C ASP D 376 -12.38 19.12 9.59
N SER D 377 -13.61 18.90 10.02
CA SER D 377 -14.56 18.11 9.26
C SER D 377 -14.98 18.86 8.00
N PRO D 378 -15.40 18.13 6.95
CA PRO D 378 -15.98 18.80 5.79
C PRO D 378 -17.28 19.53 6.10
N ARG D 379 -17.93 19.21 7.22
CA ARG D 379 -19.10 19.97 7.64
C ARG D 379 -18.72 21.42 7.90
N ASN D 380 -19.50 22.35 7.36
CA ASN D 380 -19.19 23.78 7.37
C ASN D 380 -20.37 24.59 7.88
N ARG D 381 -20.88 24.23 9.05
CA ARG D 381 -21.92 25.00 9.70
C ARG D 381 -21.30 26.26 10.31
N GLY D 382 -22.04 26.92 11.20
CA GLY D 382 -21.64 28.22 11.72
C GLY D 382 -20.29 28.25 12.40
N LEU D 383 -19.73 27.10 12.75
CA LEU D 383 -18.44 27.02 13.42
C LEU D 383 -17.28 26.74 12.46
N LYS D 384 -17.35 27.25 11.23
CA LYS D 384 -16.27 27.02 10.29
C LYS D 384 -15.09 27.95 10.52
N GLU D 385 -15.23 28.94 11.39
CA GLU D 385 -14.16 29.91 11.64
C GLU D 385 -13.36 29.62 12.90
N PHE D 386 -13.94 28.93 13.88
CA PHE D 386 -13.21 28.62 15.10
C PHE D 386 -11.97 27.77 14.87
N PRO D 387 -12.03 26.61 14.21
CA PRO D 387 -10.82 25.80 14.04
C PRO D 387 -9.77 26.44 13.15
N ILE D 388 -10.15 27.43 12.34
CA ILE D 388 -9.23 28.04 11.40
C ILE D 388 -8.64 29.34 11.92
N LYS D 389 -9.27 29.97 12.92
CA LYS D 389 -8.75 31.22 13.45
C LYS D 389 -8.33 31.12 14.91
N ARG D 390 -9.13 30.51 15.77
CA ARG D 390 -8.89 30.54 17.21
C ARG D 390 -8.21 29.29 17.74
N VAL D 391 -7.83 28.34 16.88
CA VAL D 391 -7.24 27.09 17.34
C VAL D 391 -5.80 26.97 16.84
N MET D 392 -5.66 26.97 15.51
CA MET D 392 -4.31 26.84 14.89
C MET D 392 -3.48 28.09 15.20
N GLY D 393 -2.23 27.90 15.61
CA GLY D 393 -1.36 29.00 15.92
C GLY D 393 0.06 28.55 16.14
N PRO D 394 0.72 29.10 17.16
CA PRO D 394 2.07 28.63 17.53
C PRO D 394 2.00 27.22 18.10
N ASP D 395 2.66 26.29 17.42
CA ASP D 395 2.69 24.88 17.83
C ASP D 395 1.29 24.29 17.92
N PHE D 396 0.54 24.42 16.82
CA PHE D 396 -0.78 23.82 16.72
C PHE D 396 -1.09 23.67 15.23
N GLY D 397 -0.87 22.48 14.70
CA GLY D 397 -1.08 22.23 13.29
C GLY D 397 -2.55 22.10 12.93
N TYR D 398 -2.80 22.14 11.62
CA TYR D 398 -4.18 22.06 11.12
C TYR D 398 -4.15 21.26 9.83
N VAL D 399 -4.96 20.21 9.75
CA VAL D 399 -5.08 19.41 8.53
C VAL D 399 -6.53 18.98 8.35
N THR D 400 -7.00 18.95 7.12
CA THR D 400 -8.37 18.59 6.79
C THR D 400 -8.40 17.89 5.44
N ARG D 401 -9.46 17.11 5.22
CA ARG D 401 -9.61 16.34 3.99
C ARG D 401 -11.08 16.31 3.59
N GLY D 402 -11.32 16.15 2.28
CA GLY D 402 -12.65 15.98 1.77
C GLY D 402 -13.13 17.16 0.95
N PRO D 403 -14.37 17.06 0.43
CA PRO D 403 -14.95 18.19 -0.31
C PRO D 403 -15.62 19.19 0.62
N GLN D 404 -15.26 20.47 0.48
CA GLN D 404 -15.76 21.48 1.40
C GLN D 404 -17.04 22.15 0.92
N THR D 405 -17.25 22.24 -0.39
CA THR D 405 -18.40 22.94 -0.95
C THR D 405 -19.62 22.02 -1.08
N GLY D 406 -19.99 21.36 0.00
CA GLY D 406 -21.15 20.50 0.02
C GLY D 406 -20.88 19.13 -0.58
N GLY D 407 -21.84 18.23 -0.37
CA GLY D 407 -21.72 16.88 -0.88
C GLY D 407 -21.41 15.86 0.20
N ILE D 408 -21.85 16.14 1.42
CA ILE D 408 -21.58 15.27 2.56
C ILE D 408 -22.89 14.89 3.23
N SER D 409 -22.81 14.09 4.29
CA SER D 409 -23.99 13.67 5.04
C SER D 409 -23.68 13.76 6.53
N GLY D 410 -24.69 13.51 7.35
CA GLY D 410 -24.51 13.63 8.79
C GLY D 410 -23.43 12.72 9.33
N LEU D 411 -23.20 11.57 8.66
CA LEU D 411 -22.16 10.66 9.12
C LEU D 411 -20.77 11.27 9.05
N ASP D 412 -20.60 12.37 8.32
CA ASP D 412 -19.32 13.06 8.28
C ASP D 412 -19.06 13.90 9.52
N SER D 413 -20.11 14.13 10.33
CA SER D 413 -19.89 14.85 11.61
C SER D 413 -18.94 13.99 12.46
N PHE D 414 -18.09 14.62 13.27
CA PHE D 414 -17.07 13.84 14.03
C PHE D 414 -17.75 12.99 15.10
N GLY D 415 -19.09 12.82 15.02
CA GLY D 415 -19.77 11.92 15.96
C GLY D 415 -19.30 10.50 15.72
N ASN D 416 -19.09 10.13 14.46
CA ASN D 416 -18.56 8.78 14.12
C ASN D 416 -17.03 8.86 14.07
N LEU D 417 -16.39 9.12 15.22
CA LEU D 417 -14.90 9.23 15.26
C LEU D 417 -14.43 9.07 16.71
N GLU D 418 -14.15 7.83 17.13
CA GLU D 418 -13.70 7.58 18.49
C GLU D 418 -12.48 6.68 18.45
N VAL D 419 -11.80 6.55 19.58
CA VAL D 419 -10.63 5.70 19.68
C VAL D 419 -10.71 4.87 20.96
N SER D 420 -10.37 3.58 20.84
CA SER D 420 -10.35 2.70 22.03
C SER D 420 -8.96 2.78 22.67
N PRO D 421 -8.78 2.48 23.98
CA PRO D 421 -7.46 2.46 24.60
C PRO D 421 -6.61 1.30 24.04
N PRO D 422 -5.29 1.25 24.31
CA PRO D 422 -4.42 0.17 23.84
C PRO D 422 -5.08 -1.20 24.06
N VAL D 423 -5.05 -2.07 23.04
CA VAL D 423 -5.76 -3.38 23.15
C VAL D 423 -4.89 -4.52 22.61
N THR D 424 -5.13 -5.75 23.07
CA THR D 424 -4.42 -6.93 22.59
C THR D 424 -5.46 -7.92 22.08
N VAL D 425 -5.46 -8.17 20.77
CA VAL D 425 -6.42 -9.07 20.14
C VAL D 425 -5.66 -10.28 19.59
N ARG D 426 -5.95 -11.45 20.15
CA ARG D 426 -5.46 -12.73 19.63
C ARG D 426 -3.94 -12.71 19.41
N GLY D 427 -3.23 -12.12 20.38
CA GLY D 427 -1.78 -12.10 20.34
C GLY D 427 -1.16 -10.90 19.63
N LYS D 428 -1.96 -10.03 19.03
CA LYS D 428 -1.45 -8.85 18.34
C LYS D 428 -1.77 -7.60 19.18
N GLU D 429 -0.76 -6.73 19.32
CA GLU D 429 -0.86 -5.58 20.21
C GLU D 429 -1.15 -4.31 19.42
N TYR D 430 -2.02 -3.47 19.97
CA TYR D 430 -2.24 -2.10 19.50
C TYR D 430 -2.08 -1.16 20.68
N PRO D 431 -0.87 -0.63 20.92
CA PRO D 431 -0.67 0.31 22.03
C PRO D 431 -1.26 1.69 21.78
N LEU D 432 -1.72 2.00 20.58
CA LEU D 432 -2.35 3.29 20.30
C LEU D 432 -3.83 3.16 19.95
N GLY D 433 -4.43 2.00 20.20
CA GLY D 433 -5.85 1.85 20.01
C GLY D 433 -6.24 1.64 18.56
N ARG D 434 -7.55 1.62 18.33
CA ARG D 434 -8.12 1.43 17.00
C ARG D 434 -9.17 2.49 16.75
N ILE D 435 -9.13 3.11 15.56
CA ILE D 435 -10.14 4.08 15.18
C ILE D 435 -11.48 3.38 15.02
N LEU D 436 -12.55 4.03 15.49
CA LEU D 436 -13.91 3.50 15.38
C LEU D 436 -14.78 4.56 14.72
N PHE D 437 -15.38 4.21 13.59
CA PHE D 437 -16.37 5.06 12.95
C PHE D 437 -17.48 4.18 12.40
N GLY D 438 -18.69 4.73 12.39
CA GLY D 438 -19.88 3.98 12.05
C GLY D 438 -20.38 4.32 10.65
N ASP D 439 -21.06 3.36 10.03
CA ASP D 439 -21.67 3.53 8.72
C ASP D 439 -22.69 2.41 8.52
N SER D 440 -23.32 2.39 7.34
CA SER D 440 -24.42 1.47 7.10
C SER D 440 -23.94 0.02 7.01
N CYS D 441 -24.87 -0.91 7.26
CA CYS D 441 -24.53 -2.33 7.24
C CYS D 441 -24.14 -2.79 5.84
N TYR D 442 -24.98 -2.48 4.85
CA TYR D 442 -24.71 -2.84 3.46
C TYR D 442 -25.08 -1.67 2.57
N PRO D 443 -24.35 -1.47 1.47
CA PRO D 443 -24.68 -0.37 0.57
C PRO D 443 -26.05 -0.55 -0.07
N SER D 444 -26.80 0.54 -0.16
CA SER D 444 -28.13 0.50 -0.74
C SER D 444 -28.43 1.87 -1.36
N ASN D 445 -29.71 2.15 -1.60
CA ASN D 445 -30.12 3.40 -2.21
C ASN D 445 -30.42 4.52 -1.21
N ASP D 446 -30.87 4.19 0.00
CA ASP D 446 -31.04 5.17 1.07
C ASP D 446 -30.01 5.06 2.18
N SER D 447 -28.97 4.25 2.00
CA SER D 447 -27.93 4.15 3.01
C SER D 447 -26.96 5.33 2.89
N ARG D 448 -26.31 5.64 4.00
CA ARG D 448 -25.29 6.67 4.07
C ARG D 448 -23.95 6.06 4.43
N GLN D 449 -22.89 6.83 4.22
CA GLN D 449 -21.55 6.35 4.57
C GLN D 449 -20.65 7.56 4.82
N MET D 450 -19.61 7.33 5.62
CA MET D 450 -18.55 8.32 5.76
C MET D 450 -17.89 8.55 4.41
N HIS D 451 -17.44 9.79 4.18
CA HIS D 451 -16.86 10.12 2.90
C HIS D 451 -15.61 9.28 2.62
N GLN D 452 -15.47 8.88 1.36
CA GLN D 452 -14.38 7.99 0.98
C GLN D 452 -13.03 8.63 1.22
N ALA D 453 -12.90 9.95 1.02
CA ALA D 453 -11.63 10.60 1.26
C ALA D 453 -11.21 10.48 2.72
N LEU D 454 -12.14 10.71 3.64
CA LEU D 454 -11.83 10.56 5.06
C LEU D 454 -11.51 9.12 5.40
N GLN D 455 -12.27 8.17 4.85
CA GLN D 455 -12.01 6.76 5.13
C GLN D 455 -10.63 6.34 4.64
N ASP D 456 -10.25 6.75 3.44
CA ASP D 456 -8.93 6.41 2.93
C ASP D 456 -7.82 7.09 3.72
N PHE D 457 -8.04 8.34 4.15
CA PHE D 457 -7.03 8.99 4.97
C PHE D 457 -6.82 8.23 6.28
N LEU D 458 -7.92 7.87 6.95
CA LEU D 458 -7.81 7.14 8.21
C LEU D 458 -7.13 5.79 8.00
N SER D 459 -7.46 5.09 6.91
CA SER D 459 -6.80 3.83 6.62
C SER D 459 -5.31 4.03 6.33
N ALA D 460 -4.96 5.11 5.63
CA ALA D 460 -3.55 5.37 5.32
C ALA D 460 -2.75 5.65 6.57
N GLN D 461 -3.36 6.28 7.57
CA GLN D 461 -2.74 6.33 8.89
C GLN D 461 -2.79 4.93 9.48
N GLN D 462 -1.69 4.19 9.38
CA GLN D 462 -1.72 2.77 9.72
C GLN D 462 -1.81 2.54 11.22
N VAL D 463 -1.08 3.34 12.00
CA VAL D 463 -0.84 3.12 13.42
C VAL D 463 -2.14 2.83 14.18
N GLN D 464 -3.26 3.30 13.65
CA GLN D 464 -4.57 2.96 14.20
C GLN D 464 -5.42 2.47 13.04
N ALA D 465 -5.31 1.20 12.71
CA ALA D 465 -6.14 0.59 11.68
C ALA D 465 -7.61 0.73 12.05
N PRO D 466 -8.44 1.34 11.21
CA PRO D 466 -9.81 1.64 11.61
C PRO D 466 -10.69 0.39 11.65
N VAL D 467 -11.78 0.52 12.40
CA VAL D 467 -12.79 -0.52 12.54
C VAL D 467 -14.15 0.11 12.31
N LYS D 468 -14.95 -0.51 11.44
CA LYS D 468 -16.26 0.00 11.07
C LYS D 468 -17.34 -0.58 11.97
N LEU D 469 -18.37 0.22 12.25
CA LEU D 469 -19.48 -0.21 13.09
C LEU D 469 -20.80 0.15 12.41
N TYR D 470 -21.88 -0.42 12.94
CA TYR D 470 -23.22 -0.27 12.38
C TYR D 470 -23.97 0.78 13.20
N SER D 471 -23.88 2.04 12.76
CA SER D 471 -24.56 3.14 13.45
C SER D 471 -25.39 3.98 12.49
N ASP D 472 -25.85 3.40 11.38
CA ASP D 472 -26.70 4.14 10.46
C ASP D 472 -28.13 4.27 11.00
N TRP D 473 -28.54 3.35 11.88
CA TRP D 473 -29.92 3.35 12.37
C TRP D 473 -30.27 4.61 13.15
N LEU D 474 -29.29 5.27 13.77
CA LEU D 474 -29.57 6.49 14.50
C LEU D 474 -29.95 7.61 13.55
N SER D 475 -30.87 8.47 14.01
CA SER D 475 -31.34 9.57 13.17
C SER D 475 -30.19 10.50 12.78
N VAL D 476 -29.37 10.88 13.74
CA VAL D 476 -28.16 11.64 13.44
C VAL D 476 -27.05 10.70 12.97
N GLY D 477 -26.95 9.51 13.57
CA GLY D 477 -25.97 8.53 13.15
C GLY D 477 -24.59 8.79 13.72
N HIS D 478 -24.48 8.79 15.05
CA HIS D 478 -23.21 9.07 15.73
C HIS D 478 -22.89 7.93 16.69
N VAL D 479 -21.71 7.32 16.52
CA VAL D 479 -21.26 6.27 17.41
C VAL D 479 -21.02 6.78 18.82
N ASP D 480 -20.89 8.10 18.99
CA ASP D 480 -20.79 8.65 20.33
C ASP D 480 -22.10 8.55 21.10
N GLU D 481 -23.17 8.13 20.44
CA GLU D 481 -24.51 8.11 21.11
C GLU D 481 -24.78 6.75 21.77
N PHE D 482 -23.89 5.77 21.63
CA PHE D 482 -24.20 4.43 22.18
C PHE D 482 -22.96 3.75 22.75
N LEU D 483 -21.76 4.29 22.50
CA LEU D 483 -20.57 3.69 23.18
C LEU D 483 -19.74 4.77 23.89
N SER D 484 -18.98 4.39 24.91
CA SER D 484 -18.15 5.34 25.69
C SER D 484 -17.06 4.57 26.45
N PHE D 485 -15.88 5.18 26.62
CA PHE D 485 -14.80 4.52 27.33
C PHE D 485 -14.51 5.24 28.64
N VAL D 486 -14.20 4.47 29.67
CA VAL D 486 -13.93 5.07 31.01
C VAL D 486 -12.65 4.43 31.55
N PRO D 487 -11.73 5.21 32.18
CA PRO D 487 -10.51 4.62 32.76
C PRO D 487 -10.82 3.82 34.01
N ALA D 488 -10.16 2.67 34.13
CA ALA D 488 -10.40 1.75 35.23
C ALA D 488 -9.09 1.33 35.88
N PRO D 489 -9.03 1.33 37.21
CA PRO D 489 -7.78 0.90 37.88
C PRO D 489 -7.36 -0.52 37.55
N ASP D 490 -8.30 -1.45 37.42
CA ASP D 490 -8.01 -2.87 37.39
C ASP D 490 -8.27 -3.46 36.00
N ARG D 491 -7.93 -4.74 35.86
CA ARG D 491 -8.14 -5.52 34.63
C ARG D 491 -7.35 -4.86 33.51
N LYS D 492 -7.91 -4.71 32.31
CA LYS D 492 -7.17 -4.14 31.19
C LYS D 492 -6.87 -2.67 31.36
N GLY D 493 -7.54 -2.01 32.30
CA GLY D 493 -7.34 -0.56 32.46
C GLY D 493 -8.53 0.25 31.97
N PHE D 494 -9.37 -0.32 31.11
CA PHE D 494 -10.52 0.43 30.54
C PHE D 494 -11.80 -0.35 30.79
N ARG D 495 -12.95 0.24 30.42
CA ARG D 495 -14.26 -0.43 30.57
C ARG D 495 -15.19 0.23 29.54
N LEU D 496 -15.54 -0.50 28.47
CA LEU D 496 -16.46 0.10 27.46
C LEU D 496 -17.89 0.14 28.03
N LEU D 497 -18.58 1.28 27.90
CA LEU D 497 -19.99 1.44 28.36
C LEU D 497 -20.91 1.48 27.13
N LEU D 498 -21.95 0.64 27.11
CA LEU D 498 -22.86 0.57 25.94
C LEU D 498 -24.29 0.87 26.36
N ALA D 499 -25.07 1.52 25.49
CA ALA D 499 -26.49 1.81 25.79
C ALA D 499 -27.33 0.54 25.57
N SER D 500 -28.08 0.12 26.59
CA SER D 500 -28.95 -1.07 26.48
C SER D 500 -30.33 -0.77 27.09
N PRO D 501 -31.45 -0.98 26.36
CA PRO D 501 -32.77 -0.65 26.89
C PRO D 501 -33.25 -1.61 27.98
N ARG D 502 -32.83 -2.88 27.89
CA ARG D 502 -33.23 -3.90 28.89
C ARG D 502 -32.93 -3.38 30.30
N SER D 503 -31.71 -2.87 30.52
CA SER D 503 -31.32 -2.34 31.85
C SER D 503 -32.40 -1.37 32.35
N CYS D 504 -32.82 -0.43 31.51
CA CYS D 504 -33.87 0.55 31.90
C CYS D 504 -35.18 -0.18 32.19
N TYR D 505 -35.50 -1.20 31.39
CA TYR D 505 -36.76 -1.92 31.57
C TYR D 505 -36.77 -2.72 32.87
N LYS D 506 -35.64 -3.31 33.24
CA LYS D 506 -35.58 -4.03 34.51
C LYS D 506 -35.66 -3.07 35.68
N LEU D 507 -35.02 -1.90 35.57
CA LEU D 507 -35.15 -0.90 36.62
C LEU D 507 -36.61 -0.46 36.78
N PHE D 508 -37.30 -0.26 35.66
CA PHE D 508 -38.69 0.16 35.72
C PHE D 508 -39.58 -0.95 36.27
N GLN D 509 -39.28 -2.20 35.93
CA GLN D 509 -40.02 -3.32 36.50
C GLN D 509 -39.87 -3.36 38.01
N GLU D 510 -38.65 -3.16 38.50
CA GLU D 510 -38.44 -3.11 39.95
C GLU D 510 -39.19 -1.93 40.57
N GLN D 511 -39.12 -0.76 39.94
CA GLN D 511 -39.81 0.40 40.48
C GLN D 511 -41.32 0.19 40.52
N GLN D 512 -41.87 -0.53 39.55
CA GLN D 512 -43.30 -0.80 39.55
C GLN D 512 -43.68 -1.84 40.60
N ASN D 513 -42.91 -2.93 40.69
CA ASN D 513 -43.33 -4.02 41.57
C ASN D 513 -42.92 -3.82 43.03
N GLU D 514 -42.12 -2.79 43.34
CA GLU D 514 -42.03 -2.34 44.72
C GLU D 514 -43.14 -1.36 45.10
N GLY D 515 -44.03 -1.02 44.18
CA GLY D 515 -45.22 -0.25 44.49
C GLY D 515 -45.16 1.22 44.17
N HIS D 516 -44.09 1.71 43.55
CA HIS D 516 -43.95 3.12 43.20
C HIS D 516 -44.18 3.37 41.73
N GLY D 517 -45.15 2.68 41.13
CA GLY D 517 -45.49 2.94 39.73
C GLY D 517 -46.06 4.32 39.49
N GLU D 518 -46.43 5.04 40.54
CA GLU D 518 -46.94 6.40 40.40
C GLU D 518 -45.86 7.41 40.04
N ALA D 519 -44.59 7.01 40.07
CA ALA D 519 -43.50 7.96 39.79
C ALA D 519 -43.63 8.53 38.39
N LEU D 520 -43.40 9.83 38.28
CA LEU D 520 -43.56 10.56 37.03
C LEU D 520 -42.20 10.92 36.46
N LEU D 521 -41.91 10.43 35.26
CA LEU D 521 -40.73 10.81 34.51
C LEU D 521 -40.94 12.19 33.90
N PHE D 522 -39.86 12.97 33.86
CA PHE D 522 -39.86 14.38 33.41
C PHE D 522 -40.63 15.27 34.38
N GLU D 523 -40.42 15.05 35.68
CA GLU D 523 -41.06 15.89 36.69
C GLU D 523 -40.43 17.27 36.74
N GLY D 524 -39.10 17.34 36.68
CA GLY D 524 -38.42 18.62 36.76
C GLY D 524 -38.76 19.53 35.59
N ILE D 525 -38.88 18.96 34.39
CA ILE D 525 -39.23 19.75 33.21
C ILE D 525 -40.73 19.99 33.21
N LYS D 526 -41.12 21.25 33.05
CA LYS D 526 -42.52 21.65 33.08
C LYS D 526 -43.17 21.65 31.71
N LYS D 527 -42.45 22.11 30.67
CA LYS D 527 -43.04 22.16 29.33
C LYS D 527 -43.35 20.77 28.80
N LYS D 528 -42.42 19.83 28.94
CA LYS D 528 -42.64 18.49 28.46
C LYS D 528 -43.59 17.73 29.39
N LYS D 529 -44.40 16.86 28.80
CA LYS D 529 -45.38 16.11 29.56
C LYS D 529 -44.70 15.06 30.43
N GLN D 530 -45.16 14.92 31.67
CA GLN D 530 -44.68 13.90 32.58
C GLN D 530 -45.37 12.58 32.25
N GLN D 531 -44.60 11.49 32.33
CA GLN D 531 -45.13 10.17 31.97
C GLN D 531 -45.05 9.23 33.15
N LYS D 532 -46.14 8.51 33.43
CA LYS D 532 -46.17 7.61 34.56
C LYS D 532 -45.57 6.26 34.18
N ILE D 533 -45.19 5.49 35.20
CA ILE D 533 -44.44 4.26 34.96
C ILE D 533 -45.29 3.20 34.28
N LYS D 534 -46.57 3.09 34.68
CA LYS D 534 -47.41 2.05 34.10
C LYS D 534 -47.61 2.25 32.60
N ASN D 535 -47.82 3.49 32.16
CA ASN D 535 -48.05 3.73 30.74
C ASN D 535 -46.82 3.37 29.91
N ILE D 536 -45.63 3.79 30.34
CA ILE D 536 -44.42 3.51 29.57
C ILE D 536 -44.11 2.01 29.61
N LEU D 537 -44.39 1.35 30.73
CA LEU D 537 -44.16 -0.09 30.81
C LEU D 537 -45.13 -0.88 29.95
N SER D 538 -46.38 -0.42 29.83
CA SER D 538 -47.38 -1.14 29.04
C SER D 538 -47.43 -0.70 27.59
N ASN D 539 -46.65 0.31 27.21
CA ASN D 539 -46.58 0.70 25.80
C ASN D 539 -46.00 -0.45 24.97
N LYS D 540 -46.58 -0.66 23.80
CA LYS D 540 -46.21 -1.77 22.92
C LYS D 540 -45.34 -1.34 21.75
N THR D 541 -45.68 -0.22 21.11
CA THR D 541 -44.85 0.29 20.02
C THR D 541 -43.46 0.65 20.54
N LEU D 542 -43.39 1.26 21.73
CA LEU D 542 -42.10 1.57 22.31
C LEU D 542 -41.30 0.30 22.60
N ARG D 543 -41.97 -0.74 23.09
CA ARG D 543 -41.27 -2.00 23.34
C ARG D 543 -40.73 -2.59 22.06
N GLU D 544 -41.51 -2.55 20.98
CA GLU D 544 -41.05 -3.07 19.70
C GLU D 544 -39.84 -2.28 19.18
N HIS D 545 -39.93 -0.95 19.26
CA HIS D 545 -38.83 -0.11 18.80
C HIS D 545 -37.57 -0.36 19.62
N ASN D 546 -37.73 -0.51 20.94
CA ASN D 546 -36.57 -0.78 21.78
C ASN D 546 -36.02 -2.17 21.55
N SER D 547 -36.86 -3.12 21.15
CA SER D 547 -36.35 -4.44 20.77
C SER D 547 -35.48 -4.34 19.53
N PHE D 548 -35.91 -3.57 18.54
CA PHE D 548 -35.08 -3.35 17.35
C PHE D 548 -33.76 -2.68 17.71
N VAL D 549 -33.84 -1.64 18.56
CA VAL D 549 -32.63 -0.93 18.96
C VAL D 549 -31.71 -1.86 19.74
N GLU D 550 -32.27 -2.73 20.56
CA GLU D 550 -31.48 -3.70 21.30
C GLU D 550 -30.78 -4.68 20.35
N ARG D 551 -31.47 -5.09 19.29
CA ARG D 551 -30.84 -5.98 18.31
C ARG D 551 -29.65 -5.30 17.65
N CYS D 552 -29.82 -4.03 17.26
CA CYS D 552 -28.69 -3.30 16.68
C CYS D 552 -27.53 -3.16 17.66
N ILE D 553 -27.85 -2.86 18.92
CA ILE D 553 -26.82 -2.72 19.94
C ILE D 553 -26.10 -4.04 20.17
N ASP D 554 -26.86 -5.15 20.13
CA ASP D 554 -26.24 -6.46 20.31
C ASP D 554 -25.28 -6.78 19.17
N TRP D 555 -25.68 -6.48 17.94
CA TRP D 555 -24.77 -6.70 16.82
C TRP D 555 -23.50 -5.88 16.98
N ASN D 556 -23.64 -4.61 17.36
CA ASN D 556 -22.45 -3.77 17.55
C ASN D 556 -21.59 -4.27 18.71
N ARG D 557 -22.21 -4.77 19.78
CA ARG D 557 -21.46 -5.31 20.90
C ARG D 557 -20.66 -6.52 20.48
N GLU D 558 -21.25 -7.42 19.68
CA GLU D 558 -20.51 -8.56 19.19
C GLU D 558 -19.37 -8.13 18.28
N LEU D 559 -19.60 -7.13 17.44
CA LEU D 559 -18.53 -6.62 16.59
C LEU D 559 -17.37 -6.08 17.40
N LEU D 560 -17.68 -5.28 18.43
CA LEU D 560 -16.62 -4.72 19.27
C LEU D 560 -15.91 -5.80 20.07
N LYS D 561 -16.65 -6.79 20.58
CA LYS D 561 -16.04 -7.87 21.33
C LYS D 561 -15.10 -8.70 20.44
N ARG D 562 -15.45 -8.87 19.17
CA ARG D 562 -14.57 -9.58 18.25
C ARG D 562 -13.34 -8.74 17.91
N GLU D 563 -13.51 -7.44 17.73
CA GLU D 563 -12.43 -6.60 17.20
C GLU D 563 -11.52 -5.99 18.27
N LEU D 564 -11.92 -6.03 19.55
CA LEU D 564 -11.10 -5.45 20.61
C LEU D 564 -10.73 -6.46 21.69
N GLY D 565 -10.95 -7.75 21.46
CA GLY D 565 -10.53 -8.76 22.41
C GLY D 565 -11.14 -8.61 23.79
N LEU D 566 -12.42 -8.24 23.85
CA LEU D 566 -13.09 -8.02 25.12
C LEU D 566 -13.81 -9.29 25.57
N ALA D 567 -13.94 -9.43 26.89
CA ALA D 567 -14.79 -10.42 27.48
C ALA D 567 -16.08 -9.73 27.94
N GLU D 568 -16.95 -10.48 28.63
CA GLU D 568 -18.15 -9.86 29.17
C GLU D 568 -17.89 -9.04 30.43
N SER D 569 -16.70 -9.13 31.00
CA SER D 569 -16.37 -8.39 32.21
C SER D 569 -15.89 -6.97 31.94
N ASP D 570 -15.57 -6.64 30.69
CA ASP D 570 -15.08 -5.31 30.33
C ASP D 570 -16.15 -4.41 29.73
N ILE D 571 -17.40 -4.84 29.73
CA ILE D 571 -18.48 -4.08 29.12
C ILE D 571 -19.56 -3.83 30.17
N ILE D 572 -19.91 -2.55 30.31
CA ILE D 572 -20.94 -2.13 31.30
C ILE D 572 -22.14 -1.57 30.56
N ASP D 573 -23.35 -1.95 30.95
CA ASP D 573 -24.57 -1.47 30.33
C ASP D 573 -25.15 -0.32 31.13
N ILE D 574 -25.38 0.80 30.44
CA ILE D 574 -26.02 1.98 31.09
C ILE D 574 -27.44 2.10 30.51
N PRO D 575 -28.51 2.08 31.34
CA PRO D 575 -29.88 2.09 30.85
C PRO D 575 -30.17 3.30 29.97
N GLN D 576 -30.99 3.09 28.95
CA GLN D 576 -31.39 4.13 28.01
C GLN D 576 -32.63 3.66 27.27
N LEU D 577 -33.36 4.59 26.70
CA LEU D 577 -34.57 4.27 25.94
C LEU D 577 -34.55 4.99 24.60
N PHE D 578 -34.89 4.27 23.54
CA PHE D 578 -34.88 4.80 22.18
C PHE D 578 -36.29 4.73 21.60
N LYS D 579 -36.61 5.69 20.74
CA LYS D 579 -37.89 5.71 20.05
C LYS D 579 -37.67 6.04 18.58
N LEU D 580 -38.51 5.46 17.72
CA LEU D 580 -38.35 5.58 16.29
C LEU D 580 -39.24 6.69 15.72
N LYS D 581 -38.74 7.34 14.69
CA LYS D 581 -39.55 8.42 14.08
C LYS D 581 -39.56 8.25 12.57
N GLU D 582 -39.70 9.38 11.88
CA GLU D 582 -39.72 9.40 10.40
C GLU D 582 -38.62 8.49 9.86
N PHE D 583 -38.95 7.71 8.84
CA PHE D 583 -38.00 6.78 8.22
C PHE D 583 -37.37 5.82 9.22
N SER D 584 -38.02 5.61 10.37
CA SER D 584 -37.64 4.57 11.33
C SER D 584 -36.18 4.71 11.78
N LYS D 585 -35.89 5.84 12.40
CA LYS D 585 -34.57 6.09 12.98
C LYS D 585 -34.71 6.35 14.47
N ALA D 586 -33.68 5.96 15.22
CA ALA D 586 -33.74 5.98 16.68
C ALA D 586 -33.32 7.33 17.24
N GLU D 587 -34.06 7.80 18.23
CA GLU D 587 -33.71 8.99 18.99
C GLU D 587 -33.82 8.66 20.47
N ALA D 588 -33.04 9.38 21.28
CA ALA D 588 -33.06 9.15 22.72
C ALA D 588 -34.39 9.58 23.30
N PHE D 589 -35.06 8.66 24.00
CA PHE D 589 -36.34 8.99 24.61
C PHE D 589 -36.17 10.02 25.71
N PHE D 590 -35.13 9.83 26.54
CA PHE D 590 -34.78 10.82 27.58
C PHE D 590 -33.29 11.13 27.38
N PRO D 591 -32.72 12.22 27.93
CA PRO D 591 -31.32 12.58 27.64
C PRO D 591 -30.36 11.39 27.60
N ASN D 592 -29.52 11.31 26.56
CA ASN D 592 -28.56 10.19 26.42
C ASN D 592 -27.46 10.30 27.47
N MET D 593 -27.36 9.33 28.37
CA MET D 593 -26.36 9.35 29.44
C MET D 593 -25.09 8.62 29.07
N VAL D 594 -25.01 8.08 27.85
CA VAL D 594 -23.76 7.42 27.39
C VAL D 594 -22.83 8.52 26.84
N ASN D 595 -23.40 9.54 26.21
CA ASN D 595 -22.63 10.66 25.67
C ASN D 595 -22.29 11.62 26.82
N MET D 596 -21.29 11.19 27.59
CA MET D 596 -20.88 12.02 28.76
C MET D 596 -19.45 12.51 28.57
N LEU D 597 -19.06 13.51 29.33
CA LEU D 597 -17.73 14.11 29.27
C LEU D 597 -16.86 13.50 30.35
N VAL D 598 -15.74 12.89 29.95
CA VAL D 598 -14.82 12.23 30.88
C VAL D 598 -13.55 13.06 30.96
N LEU D 599 -13.18 13.45 32.17
CA LEU D 599 -11.99 14.25 32.44
C LEU D 599 -11.23 13.54 33.55
N GLY D 600 -10.28 12.69 33.16
CA GLY D 600 -9.53 11.92 34.13
C GLY D 600 -10.42 10.99 34.93
N LYS D 601 -10.64 11.32 36.21
CA LYS D 601 -11.52 10.56 37.08
C LYS D 601 -12.81 11.30 37.40
N HIS D 602 -13.18 12.30 36.59
CA HIS D 602 -14.38 13.09 36.82
C HIS D 602 -15.31 12.96 35.62
N LEU D 603 -16.62 12.97 35.89
CA LEU D 603 -17.62 12.69 34.88
C LEU D 603 -18.67 13.78 34.86
N GLY D 604 -18.95 14.32 33.68
CA GLY D 604 -20.13 15.13 33.45
C GLY D 604 -21.14 14.36 32.63
N ILE D 605 -22.19 13.90 33.28
CA ILE D 605 -23.19 13.03 32.67
C ILE D 605 -24.47 13.85 32.46
N PRO D 606 -25.08 13.81 31.28
CA PRO D 606 -26.34 14.53 31.08
C PRO D 606 -27.41 14.03 32.05
N LYS D 607 -28.16 14.97 32.60
CA LYS D 607 -29.16 14.63 33.60
C LYS D 607 -30.37 14.01 32.91
N PRO D 608 -30.75 12.77 33.25
CA PRO D 608 -31.89 12.14 32.56
C PRO D 608 -33.23 12.66 33.01
N PHE D 609 -33.31 13.30 34.17
CA PHE D 609 -34.59 13.68 34.79
C PHE D 609 -35.51 12.48 34.94
N GLY D 610 -34.92 11.35 35.36
CA GLY D 610 -35.68 10.14 35.56
C GLY D 610 -36.53 10.21 36.80
N PRO D 611 -37.42 9.22 36.94
CA PRO D 611 -38.33 9.21 38.09
C PRO D 611 -37.57 9.13 39.40
N VAL D 612 -38.09 9.82 40.41
CA VAL D 612 -37.44 9.95 41.71
C VAL D 612 -38.18 9.10 42.73
N ILE D 613 -37.43 8.47 43.61
CA ILE D 613 -37.95 7.73 44.75
C ILE D 613 -37.16 8.17 45.98
N ASN D 614 -37.88 8.44 47.07
CA ASN D 614 -37.27 8.83 48.35
C ASN D 614 -36.30 10.01 48.17
N GLY D 615 -36.67 10.95 47.30
CA GLY D 615 -35.84 12.09 47.03
C GLY D 615 -34.53 11.81 46.31
N ARG D 616 -34.53 10.82 45.41
CA ARG D 616 -33.38 10.62 44.54
C ARG D 616 -33.83 9.86 43.31
N CYS D 617 -33.37 10.28 42.14
CA CYS D 617 -33.81 9.65 40.90
C CYS D 617 -33.21 8.25 40.77
N CYS D 618 -34.05 7.29 40.36
CA CYS D 618 -33.61 5.90 40.28
C CYS D 618 -32.52 5.73 39.23
N LEU D 619 -32.64 6.43 38.10
CA LEU D 619 -31.62 6.31 37.05
C LEU D 619 -30.27 6.81 37.53
N GLU D 620 -30.23 7.99 38.15
CA GLU D 620 -28.98 8.51 38.66
C GLU D 620 -28.39 7.61 39.74
N GLU D 621 -29.24 7.10 40.64
CA GLU D 621 -28.77 6.22 41.70
C GLU D 621 -28.16 4.95 41.11
N LYS D 622 -28.83 4.35 40.13
CA LYS D 622 -28.32 3.13 39.52
C LYS D 622 -26.98 3.37 38.83
N VAL D 623 -26.89 4.45 38.05
CA VAL D 623 -25.66 4.71 37.31
C VAL D 623 -24.52 5.06 38.27
N CYS D 624 -24.83 5.79 39.34
CA CYS D 624 -23.82 6.13 40.33
C CYS D 624 -23.32 4.89 41.06
N SER D 625 -24.24 3.98 41.40
CA SER D 625 -23.83 2.73 42.03
C SER D 625 -23.12 1.80 41.07
N LEU D 626 -23.28 2.00 39.76
CA LEU D 626 -22.59 1.19 38.77
C LEU D 626 -21.20 1.72 38.41
N LEU D 627 -21.02 3.04 38.51
CA LEU D 627 -19.72 3.65 38.08
C LEU D 627 -18.84 3.99 39.28
N GLU D 628 -19.43 4.33 40.44
CA GLU D 628 -18.62 4.74 41.59
C GLU D 628 -17.66 3.66 42.06
N PRO D 629 -18.05 2.39 42.22
CA PRO D 629 -17.10 1.40 42.76
C PRO D 629 -15.90 1.16 41.85
N LEU D 630 -15.92 1.76 40.66
CA LEU D 630 -14.76 1.80 39.81
C LEU D 630 -13.79 2.91 40.19
N GLY D 631 -14.21 3.82 41.08
CA GLY D 631 -13.35 4.90 41.54
C GLY D 631 -13.55 6.20 40.80
N LEU D 632 -14.80 6.65 40.70
CA LEU D 632 -15.14 7.87 39.97
C LEU D 632 -16.10 8.71 40.79
N GLN D 633 -16.24 9.97 40.38
CA GLN D 633 -17.25 10.88 40.91
C GLN D 633 -18.17 11.30 39.78
N CYS D 634 -19.48 11.28 40.02
CA CYS D 634 -20.47 11.56 39.00
C CYS D 634 -21.18 12.87 39.33
N THR D 635 -21.17 13.80 38.37
CA THR D 635 -21.91 15.05 38.46
C THR D 635 -22.82 15.16 37.25
N PHE D 636 -24.11 15.39 37.50
CA PHE D 636 -25.10 15.48 36.45
C PHE D 636 -25.36 16.94 36.11
N ILE D 637 -25.26 17.24 34.81
CA ILE D 637 -25.49 18.63 34.31
C ILE D 637 -26.79 18.60 33.51
N ASN D 638 -27.57 19.68 33.58
CA ASN D 638 -28.84 19.77 32.87
C ASN D 638 -28.66 20.56 31.59
N ASP D 639 -29.02 19.94 30.46
CA ASP D 639 -28.99 20.60 29.16
C ASP D 639 -30.22 20.24 28.33
N PHE D 640 -31.36 20.01 28.99
CA PHE D 640 -32.55 19.55 28.29
C PHE D 640 -33.09 20.62 27.35
N PHE D 641 -33.28 21.84 27.85
CA PHE D 641 -33.87 22.90 27.05
C PHE D 641 -32.89 23.54 26.07
N THR D 642 -31.59 23.34 26.26
CA THR D 642 -30.59 23.98 25.41
C THR D 642 -29.91 23.05 24.43
N TYR D 643 -29.80 21.76 24.75
CA TYR D 643 -29.14 20.81 23.86
C TYR D 643 -30.07 19.69 23.41
N HIS D 644 -30.78 19.05 24.34
CA HIS D 644 -31.60 17.89 23.98
C HIS D 644 -32.67 18.25 22.97
N ILE D 645 -33.23 19.46 23.07
CA ILE D 645 -34.25 19.89 22.11
C ILE D 645 -33.70 19.86 20.70
N ARG D 646 -32.42 20.18 20.53
CA ARG D 646 -31.78 20.15 19.22
C ARG D 646 -30.98 18.86 19.01
N HIS D 647 -31.38 17.79 19.70
CA HIS D 647 -30.81 16.45 19.51
C HIS D 647 -29.30 16.44 19.76
N GLY D 648 -28.95 16.74 21.02
CA GLY D 648 -27.55 16.77 21.40
C GLY D 648 -27.36 16.49 22.88
N GLU D 649 -26.11 16.24 23.24
CA GLU D 649 -25.74 16.03 24.64
C GLU D 649 -24.47 16.82 24.98
N VAL D 650 -23.97 16.64 26.20
CA VAL D 650 -22.80 17.46 26.66
C VAL D 650 -21.57 17.17 25.79
N HIS D 651 -21.23 15.90 25.61
CA HIS D 651 -20.00 15.57 24.88
C HIS D 651 -20.09 15.99 23.42
N CYS D 652 -21.29 16.07 22.87
CA CYS D 652 -21.45 16.55 21.50
C CYS D 652 -21.28 18.05 21.38
N GLY D 653 -21.23 18.78 22.50
CA GLY D 653 -21.11 20.23 22.44
C GLY D 653 -19.81 20.76 22.99
N THR D 654 -18.94 19.88 23.47
CA THR D 654 -17.65 20.27 24.00
C THR D 654 -16.56 19.36 23.45
N ASN D 655 -15.34 19.89 23.42
CA ASN D 655 -14.17 19.14 22.96
C ASN D 655 -13.07 19.23 24.00
N VAL D 656 -12.21 18.22 24.02
CA VAL D 656 -11.13 18.10 24.99
C VAL D 656 -9.83 17.77 24.26
N ARG D 657 -8.76 18.42 24.72
CA ARG D 657 -7.40 18.11 24.21
C ARG D 657 -6.77 17.21 25.28
N ARG D 658 -5.98 16.21 24.87
CA ARG D 658 -5.44 15.22 25.79
C ARG D 658 -3.95 15.01 25.53
N LYS D 659 -3.25 14.61 26.59
CA LYS D 659 -1.80 14.44 26.50
C LYS D 659 -1.46 13.31 25.53
N PRO D 660 -0.45 13.49 24.69
CA PRO D 660 -0.07 12.42 23.76
C PRO D 660 0.42 11.18 24.50
N PHE D 661 0.38 10.05 23.79
CA PHE D 661 0.82 8.78 24.35
C PHE D 661 2.30 8.83 24.69
N SER D 662 2.67 8.11 25.75
CA SER D 662 4.07 7.93 26.07
C SER D 662 4.72 6.90 25.14
N PHE D 663 3.93 5.96 24.62
CA PHE D 663 4.47 4.95 23.71
C PHE D 663 4.74 5.56 22.34
N LYS D 664 5.95 5.35 21.83
CA LYS D 664 6.36 5.91 20.55
C LYS D 664 5.75 5.11 19.41
N TRP D 665 5.09 5.80 18.48
CA TRP D 665 4.37 5.11 17.41
C TRP D 665 5.32 4.26 16.57
N TRP D 666 6.51 4.77 16.28
CA TRP D 666 7.46 4.03 15.47
C TRP D 666 7.86 2.71 16.11
N ASN D 667 7.64 2.55 17.41
CA ASN D 667 7.99 1.30 18.08
C ASN D 667 6.99 0.19 17.79
N MET D 668 5.81 0.51 17.28
CA MET D 668 4.83 -0.51 16.94
C MET D 668 5.10 -1.06 15.53
N VAL D 669 4.87 -2.36 15.35
CA VAL D 669 4.96 -2.99 14.05
C VAL D 669 3.53 -3.26 13.56
N PRO D 670 3.07 -2.62 12.48
CA PRO D 670 1.75 -2.84 11.91
C PRO D 670 1.63 -4.19 11.19
#